data_8D3W
#
_entry.id   8D3W
#
loop_
_entity.id
_entity.type
_entity.pdbx_description
1 polymer 'Sodium/potassium-transporting ATPase subunit alpha-3'
2 polymer 'Sodium/potassium-transporting ATPase subunit beta-1'
3 polymer 'FXYD domain-containing ion transport regulator 6'
4 non-polymer 'PHOSPHOMETHYLPHOSPHONIC ACID ADENYLATE ESTER'
#
loop_
_entity_poly.entity_id
_entity_poly.type
_entity_poly.pdbx_seq_one_letter_code
_entity_poly.pdbx_strand_id
1 'polypeptide(L)'
;MGDKKDDKDSPKKNKGKERRDLDDLKKEVAMTEHKMSVEEVCRKYNTDCVQGLTHSKAQEILARDGPNALTPPPTTPEWV
KFCRQLFGGFSILLWIGAILCFLAYGIQAGTEDDPSGDNLYLGIVLAAVVIITGCFSYYQEAKSSKIMESFKNMVPQQAL
VIREGEKMQVNAEEVVVGDLVEIKGGDRVPADLRIISAHGCKVDNSSLTGESEPQTRSPDCTHDNPLETRNITFFSTNCV
EGTARGVVVATGDRTVMGRIATLASGLEVGKTPIAIEIEHFIQLITGVAVFLGVSFFILSLILGYTWLEAVIFLIGIIVA
NVPEGLLATVTVCLTLTAKRMARKNCLVKNLEAVETLGSTSTICSDKTGTLTQNRMTVAHMWFDNQIHEADTTEDQSGTS
FDKSSHTWVALSHIAGLCNRAVFKGGQDNIPVLKRDVAGDASESALLKCIELSSGSVKLMRERNKKVAEIPFNSTNKYQL
SIHETEDPNDNRYLLVMKGAPERILDRCSTILLQGKEQPLDEEMKEAFQNAYLELGGLGERVLGFCHYYLPEEQFPKGFA
FDCDDVNFTTDNLCFVGLMSMIDPPRAAVPDAVGKCRSAGIKVIMVTGDHPITAKAIAKGVGIISEGNETVEDIAARLNI
PVSQVNPRDAKACVIHGTDLKDFTSEQIDEILQNHTEIVFARTSPQQKLIIVEGCQRQGAIVAVTGDGVNDSPALKKADI
GVAMGIAGSDVSKQAADMILLDDNFASIVTGVEEGRLIFDNLKKSIAYTLTSNIPEITPFLLFIMANIPLPLGTITILCI
DLGTDMVPAISLAYEAAESDIMKRQPRNPRTDKLVNERLISMAYGQIGMIQALGGFFSYFVILAENGFLPGNLVGIRLNW
DDRTVNDLEDSYGQQWTYEQRKVVEFTCHTAFFVSIVVVQWADLIICKTRRNSVFQQGMKNKILIFGLFEETALAAFLSY
CPGMDVALRMYPLKPSWWFCAFPYSFLIFVYDEIRKLILRRNPGGWVEKETYY
;
A
2 'polypeptide(L)'
;MARGKAKEEGSWKKFIWNSEKKEFLGRTGGSWFKILLFYVIFYGCLAGIFIGTIQVMLLTISEFKPTYQDRVAPPGLTQI
PQIQKTEISFRPNDPKSYEAYVLNIVRFLEKYKDSAQRDDMIFEDCGDVPSEPKERGDFNHERGERKVCRFKLEWLGNCS
GLNDETYGYKEGKPCIIIKLNRVLGFKPKPPKNESLETYPVMKYNPNVLPVQCTGKRDEDKDKVGNVEYFGLGNSPGFPL
QYYPYYGKLLQPKYLQPLLAVQFTNLTMDTEIRIECKAYGENIGYSEKDRFQGRFDVKIEVKS
;
B
3 'polypeptide(L)'
;MATMELVLVFLCSLLAPMVLASAAEKEKEMDPFHYDYQTLRIGGLVFAVVLFSVGILLILSRRCKCSFNQKPRAPGDEEA
QVENLITANATEPQKAEN
;
G
#
loop_
_chem_comp.id
_chem_comp.type
_chem_comp.name
_chem_comp.formula
ACP non-polymer 'PHOSPHOMETHYLPHOSPHONIC ACID ADENYLATE ESTER' 'C11 H18 N5 O12 P3'
#
# COMPACT_ATOMS: atom_id res chain seq x y z
N THR A 32 -43.12 -26.07 -10.15
CA THR A 32 -44.57 -26.09 -9.91
C THR A 32 -45.31 -26.58 -11.14
N GLU A 33 -44.57 -27.09 -12.12
CA GLU A 33 -45.15 -27.61 -13.35
C GLU A 33 -44.63 -29.00 -13.71
N HIS A 34 -43.93 -29.66 -12.79
CA HIS A 34 -43.39 -30.99 -13.07
C HIS A 34 -44.47 -32.05 -13.13
N LYS A 35 -45.63 -31.83 -12.48
CA LYS A 35 -46.65 -32.86 -12.40
C LYS A 35 -47.22 -33.21 -13.77
N MET A 36 -47.45 -32.19 -14.59
CA MET A 36 -48.13 -32.37 -15.87
C MET A 36 -47.13 -32.43 -17.03
N SER A 37 -47.66 -32.73 -18.22
CA SER A 37 -46.83 -33.06 -19.38
C SER A 37 -46.21 -31.81 -19.96
N VAL A 38 -45.56 -31.94 -21.12
CA VAL A 38 -44.81 -30.83 -21.70
C VAL A 38 -45.66 -29.99 -22.64
N GLU A 39 -46.69 -30.57 -23.25
CA GLU A 39 -47.48 -29.84 -24.24
C GLU A 39 -48.17 -28.62 -23.63
N GLU A 40 -48.78 -28.80 -22.46
CA GLU A 40 -49.46 -27.69 -21.79
C GLU A 40 -48.49 -26.69 -21.16
N VAL A 41 -47.35 -27.14 -20.65
CA VAL A 41 -46.38 -26.17 -20.12
C VAL A 41 -45.79 -25.33 -21.25
N CYS A 42 -45.58 -25.92 -22.44
CA CYS A 42 -44.96 -25.20 -23.53
C CYS A 42 -45.91 -24.21 -24.19
N ARG A 43 -47.20 -24.55 -24.25
CA ARG A 43 -48.20 -23.61 -24.78
C ARG A 43 -48.50 -22.50 -23.77
N LYS A 44 -48.35 -22.77 -22.48
CA LYS A 44 -48.61 -21.74 -21.47
C LYS A 44 -47.69 -20.54 -21.66
N TYR A 45 -46.40 -20.80 -21.90
CA TYR A 45 -45.43 -19.73 -22.12
C TYR A 45 -45.29 -19.37 -23.59
N ASN A 46 -46.24 -19.80 -24.43
CA ASN A 46 -46.24 -19.48 -25.87
C ASN A 46 -44.92 -19.89 -26.52
N THR A 47 -44.48 -21.09 -26.20
CA THR A 47 -43.22 -21.63 -26.69
C THR A 47 -43.49 -22.81 -27.61
N ASP A 48 -42.72 -22.90 -28.69
CA ASP A 48 -42.70 -24.08 -29.55
C ASP A 48 -41.50 -24.93 -29.15
N CYS A 49 -41.75 -26.20 -28.82
CA CYS A 49 -40.70 -27.03 -28.26
C CYS A 49 -39.54 -27.19 -29.23
N VAL A 50 -39.83 -27.37 -30.52
CA VAL A 50 -38.77 -27.53 -31.51
C VAL A 50 -38.01 -26.22 -31.70
N GLN A 51 -38.74 -25.11 -31.86
CA GLN A 51 -38.12 -23.82 -32.18
C GLN A 51 -37.84 -22.98 -30.93
N GLY A 52 -38.88 -22.63 -30.17
CA GLY A 52 -38.70 -21.80 -29.00
C GLY A 52 -39.45 -20.48 -29.07
N LEU A 53 -38.75 -19.38 -28.80
CA LEU A 53 -39.34 -18.05 -28.84
C LEU A 53 -38.71 -17.23 -29.96
N THR A 54 -39.54 -16.39 -30.57
CA THR A 54 -39.08 -15.49 -31.61
C THR A 54 -38.26 -14.35 -31.00
N HIS A 55 -37.48 -13.69 -31.86
CA HIS A 55 -36.64 -12.59 -31.41
C HIS A 55 -37.47 -11.38 -30.99
N SER A 56 -38.56 -11.10 -31.71
CA SER A 56 -39.38 -9.95 -31.40
C SER A 56 -40.01 -10.07 -30.02
N LYS A 57 -40.52 -11.24 -29.68
CA LYS A 57 -41.16 -11.44 -28.38
C LYS A 57 -40.16 -11.38 -27.23
N ALA A 58 -38.88 -11.60 -27.51
CA ALA A 58 -37.88 -11.65 -26.44
C ALA A 58 -37.80 -10.32 -25.69
N GLN A 59 -37.63 -9.21 -26.44
CA GLN A 59 -37.59 -7.92 -25.78
C GLN A 59 -38.96 -7.55 -25.21
N GLU A 60 -40.03 -8.00 -25.84
CA GLU A 60 -41.38 -7.70 -25.35
C GLU A 60 -41.59 -8.27 -23.95
N ILE A 61 -41.14 -9.50 -23.71
CA ILE A 61 -41.26 -10.08 -22.38
C ILE A 61 -40.16 -9.59 -21.44
N LEU A 62 -38.98 -9.28 -21.98
CA LEU A 62 -37.88 -8.80 -21.14
C LEU A 62 -38.20 -7.45 -20.53
N ALA A 63 -38.71 -6.51 -21.33
CA ALA A 63 -39.04 -5.18 -20.81
C ALA A 63 -40.15 -5.22 -19.79
N ARG A 64 -41.01 -6.25 -19.83
CA ARG A 64 -42.06 -6.37 -18.82
C ARG A 64 -41.51 -7.00 -17.54
N ASP A 65 -40.91 -8.19 -17.66
CA ASP A 65 -40.48 -8.90 -16.45
C ASP A 65 -39.21 -8.29 -15.86
N GLY A 66 -38.25 -7.92 -16.71
CA GLY A 66 -37.00 -7.39 -16.24
C GLY A 66 -35.86 -8.38 -16.38
N PRO A 67 -34.69 -8.03 -15.86
CA PRO A 67 -33.53 -8.91 -15.99
C PRO A 67 -33.66 -10.15 -15.12
N ASN A 68 -32.93 -11.20 -15.52
CA ASN A 68 -32.86 -12.44 -14.74
C ASN A 68 -31.64 -12.36 -13.84
N ALA A 69 -31.84 -11.81 -12.65
CA ALA A 69 -30.77 -11.72 -11.65
C ALA A 69 -31.41 -11.49 -10.29
N LEU A 70 -30.83 -12.09 -9.26
CA LEU A 70 -31.31 -11.88 -7.91
C LEU A 70 -31.10 -10.43 -7.49
N THR A 71 -32.04 -9.90 -6.74
CA THR A 71 -31.97 -8.51 -6.33
C THR A 71 -30.83 -8.31 -5.35
N PRO A 72 -29.88 -7.42 -5.61
CA PRO A 72 -28.76 -7.21 -4.70
C PRO A 72 -29.22 -6.58 -3.40
N PRO A 73 -28.49 -6.77 -2.30
CA PRO A 73 -28.83 -6.09 -1.07
C PRO A 73 -28.72 -4.59 -1.25
N PRO A 74 -29.52 -3.82 -0.50
CA PRO A 74 -29.50 -2.36 -0.69
C PRO A 74 -28.13 -1.76 -0.40
N THR A 75 -27.77 -0.75 -1.17
CA THR A 75 -26.47 -0.11 -1.07
C THR A 75 -26.54 1.11 -0.16
N THR A 76 -25.46 1.35 0.56
CA THR A 76 -25.37 2.51 1.43
C THR A 76 -25.36 3.80 0.60
N PRO A 77 -25.90 4.89 1.14
CA PRO A 77 -26.04 6.12 0.35
C PRO A 77 -24.72 6.86 0.12
N GLU A 78 -23.60 6.20 0.45
CA GLU A 78 -22.23 6.69 0.27
C GLU A 78 -21.86 7.79 1.26
N TRP A 79 -22.78 8.21 2.13
CA TRP A 79 -22.43 9.11 3.22
C TRP A 79 -22.55 8.44 4.59
N VAL A 80 -23.09 7.23 4.65
CA VAL A 80 -23.14 6.51 5.93
C VAL A 80 -21.75 6.05 6.35
N LYS A 81 -20.96 5.54 5.41
CA LYS A 81 -19.60 5.10 5.72
C LYS A 81 -18.71 6.28 6.07
N PHE A 82 -18.95 7.44 5.45
CA PHE A 82 -18.21 8.65 5.80
C PHE A 82 -18.31 8.95 7.28
N CYS A 83 -19.55 9.00 7.80
CA CYS A 83 -19.75 9.24 9.23
C CYS A 83 -19.34 8.03 10.06
N ARG A 84 -19.35 6.84 9.48
CA ARG A 84 -18.87 5.67 10.19
C ARG A 84 -17.39 5.79 10.49
N GLN A 85 -16.62 6.35 9.56
CA GLN A 85 -15.18 6.50 9.76
C GLN A 85 -14.81 7.78 10.48
N LEU A 86 -15.59 8.86 10.34
CA LEU A 86 -15.28 10.06 11.11
C LEU A 86 -15.80 9.96 12.53
N PHE A 87 -17.13 9.85 12.69
CA PHE A 87 -17.75 9.91 14.00
C PHE A 87 -17.91 8.55 14.67
N GLY A 88 -17.56 7.46 13.98
CA GLY A 88 -17.71 6.13 14.54
C GLY A 88 -16.42 5.60 15.14
N GLY A 89 -16.52 4.36 15.63
CA GLY A 89 -15.36 3.72 16.23
C GLY A 89 -14.91 4.42 17.50
N PHE A 90 -13.59 4.44 17.68
CA PHE A 90 -12.96 5.06 18.84
C PHE A 90 -12.71 6.56 18.65
N SER A 91 -13.44 7.20 17.73
CA SER A 91 -13.25 8.60 17.42
C SER A 91 -14.34 9.51 17.96
N ILE A 92 -15.48 8.96 18.38
CA ILE A 92 -16.52 9.79 18.99
C ILE A 92 -16.03 10.38 20.29
N LEU A 93 -15.20 9.65 21.04
CA LEU A 93 -14.62 10.20 22.26
C LEU A 93 -13.73 11.39 21.96
N LEU A 94 -12.89 11.29 20.92
CA LEU A 94 -12.04 12.41 20.53
C LEU A 94 -12.87 13.60 20.07
N TRP A 95 -13.95 13.33 19.32
CA TRP A 95 -14.81 14.42 18.88
C TRP A 95 -15.46 15.14 20.06
N ILE A 96 -15.93 14.37 21.04
CA ILE A 96 -16.54 14.97 22.23
C ILE A 96 -15.50 15.77 23.01
N GLY A 97 -14.28 15.24 23.13
CA GLY A 97 -13.24 15.98 23.81
C GLY A 97 -12.89 17.28 23.11
N ALA A 98 -12.84 17.25 21.77
CA ALA A 98 -12.58 18.48 21.01
C ALA A 98 -13.68 19.50 21.22
N ILE A 99 -14.94 19.04 21.22
CA ILE A 99 -16.06 19.95 21.47
C ILE A 99 -15.97 20.56 22.86
N LEU A 100 -15.64 19.74 23.86
CA LEU A 100 -15.49 20.25 25.22
C LEU A 100 -14.38 21.28 25.32
N CYS A 101 -13.23 21.01 24.68
CA CYS A 101 -12.12 21.96 24.73
C CYS A 101 -12.48 23.26 24.02
N PHE A 102 -13.19 23.16 22.89
CA PHE A 102 -13.63 24.37 22.19
C PHE A 102 -14.56 25.19 23.07
N LEU A 103 -15.50 24.53 23.75
CA LEU A 103 -16.41 25.23 24.65
C LEU A 103 -15.65 25.88 25.80
N ALA A 104 -14.68 25.17 26.37
CA ALA A 104 -13.90 25.71 27.47
C ALA A 104 -13.12 26.94 27.04
N TYR A 105 -12.56 26.92 25.83
CA TYR A 105 -11.89 28.11 25.31
C TYR A 105 -12.88 29.24 25.11
N GLY A 106 -14.10 28.92 24.64
CA GLY A 106 -15.07 29.97 24.36
C GLY A 106 -15.44 30.79 25.57
N ILE A 107 -15.61 30.13 26.72
CA ILE A 107 -16.01 30.83 27.94
C ILE A 107 -14.86 31.58 28.60
N GLN A 108 -13.63 31.37 28.14
CA GLN A 108 -12.48 32.07 28.71
C GLN A 108 -11.67 32.76 27.62
N ASN A 119 -5.91 25.14 25.51
CA ASN A 119 -7.36 24.94 25.48
C ASN A 119 -7.85 24.86 24.04
N LEU A 120 -7.66 25.95 23.30
CA LEU A 120 -7.95 25.93 21.87
C LEU A 120 -6.99 25.00 21.13
N TYR A 121 -5.74 24.92 21.60
CA TYR A 121 -4.76 24.04 20.97
C TYR A 121 -5.21 22.59 21.00
N LEU A 122 -5.71 22.13 22.14
CA LEU A 122 -6.15 20.74 22.25
C LEU A 122 -7.32 20.45 21.33
N GLY A 123 -8.28 21.38 21.24
CA GLY A 123 -9.40 21.20 20.33
C GLY A 123 -8.96 21.14 18.88
N ILE A 124 -8.04 22.01 18.48
CA ILE A 124 -7.53 21.98 17.12
C ILE A 124 -6.82 20.66 16.85
N VAL A 125 -6.02 20.18 17.81
CA VAL A 125 -5.29 18.94 17.64
C VAL A 125 -6.26 17.78 17.44
N LEU A 126 -7.27 17.69 18.31
CA LEU A 126 -8.22 16.57 18.23
C LEU A 126 -9.00 16.62 16.92
N ALA A 127 -9.50 17.80 16.55
CA ALA A 127 -10.28 17.93 15.33
C ALA A 127 -9.44 17.57 14.11
N ALA A 128 -8.19 18.04 14.06
CA ALA A 128 -7.32 17.72 12.94
C ALA A 128 -7.06 16.22 12.87
N VAL A 129 -6.74 15.60 14.02
CA VAL A 129 -6.46 14.18 14.02
C VAL A 129 -7.62 13.41 13.43
N VAL A 130 -8.83 13.65 13.94
CA VAL A 130 -9.97 12.85 13.50
C VAL A 130 -10.31 13.16 12.04
N ILE A 131 -10.28 14.44 11.64
CA ILE A 131 -10.71 14.81 10.30
C ILE A 131 -9.76 14.24 9.26
N ILE A 132 -8.44 14.45 9.44
CA ILE A 132 -7.50 13.93 8.45
C ILE A 132 -7.51 12.40 8.43
N THR A 133 -7.51 11.74 9.59
CA THR A 133 -7.49 10.29 9.58
C THR A 133 -8.73 9.72 8.90
N GLY A 134 -9.92 10.26 9.23
CA GLY A 134 -11.13 9.76 8.62
C GLY A 134 -11.20 10.02 7.14
N CYS A 135 -10.84 11.23 6.70
CA CYS A 135 -10.89 11.55 5.28
C CYS A 135 -9.93 10.68 4.48
N PHE A 136 -8.71 10.48 4.98
CA PHE A 136 -7.77 9.62 4.27
C PHE A 136 -8.25 8.19 4.22
N SER A 137 -8.76 7.66 5.35
CA SER A 137 -9.24 6.29 5.35
C SER A 137 -10.43 6.12 4.42
N TYR A 138 -11.23 7.17 4.24
CA TYR A 138 -12.35 7.09 3.31
C TYR A 138 -11.89 7.14 1.86
N TYR A 139 -10.91 7.99 1.56
CA TYR A 139 -10.45 8.13 0.19
C TYR A 139 -9.87 6.82 -0.33
N GLN A 140 -9.16 6.08 0.51
CA GLN A 140 -8.61 4.79 0.12
C GLN A 140 -9.61 3.66 0.20
N GLU A 141 -10.75 3.86 0.88
CA GLU A 141 -11.79 2.84 0.92
C GLU A 141 -12.84 3.04 -0.17
N ALA A 142 -13.08 4.29 -0.56
CA ALA A 142 -13.99 4.58 -1.67
C ALA A 142 -13.33 4.39 -3.03
N LYS A 143 -12.04 4.11 -3.06
CA LYS A 143 -11.30 3.81 -4.29
C LYS A 143 -11.18 2.31 -4.51
N SER A 144 -10.80 1.57 -3.47
CA SER A 144 -10.68 0.12 -3.59
C SER A 144 -12.04 -0.52 -3.86
N SER A 145 -13.09 -0.05 -3.18
CA SER A 145 -14.42 -0.57 -3.44
C SER A 145 -14.86 -0.28 -4.86
N LYS A 146 -14.59 0.93 -5.36
CA LYS A 146 -14.96 1.27 -6.73
C LYS A 146 -14.22 0.38 -7.73
N ILE A 147 -12.93 0.10 -7.46
CA ILE A 147 -12.17 -0.73 -8.38
C ILE A 147 -12.70 -2.16 -8.36
N MET A 148 -12.94 -2.71 -7.16
CA MET A 148 -13.46 -4.07 -7.05
C MET A 148 -14.87 -4.22 -7.60
N GLU A 149 -15.65 -3.14 -7.64
CA GLU A 149 -16.97 -3.23 -8.25
C GLU A 149 -16.90 -3.56 -9.74
N SER A 150 -15.77 -3.28 -10.39
CA SER A 150 -15.63 -3.50 -11.82
C SER A 150 -15.46 -4.97 -12.19
N PHE A 151 -15.03 -5.81 -11.25
CA PHE A 151 -14.73 -7.21 -11.58
C PHE A 151 -15.99 -8.06 -11.73
N LYS A 152 -17.14 -7.59 -11.23
CA LYS A 152 -18.37 -8.37 -11.36
C LYS A 152 -18.79 -8.53 -12.81
N ASN A 153 -18.64 -7.48 -13.62
CA ASN A 153 -19.08 -7.50 -15.01
C ASN A 153 -17.93 -7.64 -15.99
N MET A 154 -16.68 -7.76 -15.52
CA MET A 154 -15.56 -7.89 -16.45
C MET A 154 -15.65 -9.18 -17.24
N VAL A 155 -16.01 -10.27 -16.59
CA VAL A 155 -16.27 -11.54 -17.26
C VAL A 155 -17.77 -11.79 -17.26
N PRO A 156 -18.38 -12.11 -18.38
CA PRO A 156 -19.83 -12.29 -18.44
C PRO A 156 -20.24 -13.74 -18.14
N GLN A 157 -21.52 -13.90 -17.82
CA GLN A 157 -22.13 -15.19 -17.61
C GLN A 157 -23.02 -15.50 -18.80
N GLN A 158 -22.76 -16.62 -19.46
CA GLN A 158 -23.41 -16.95 -20.73
C GLN A 158 -24.30 -18.18 -20.58
N ALA A 159 -25.37 -18.21 -21.36
CA ALA A 159 -26.28 -19.33 -21.44
C ALA A 159 -26.56 -19.66 -22.91
N LEU A 160 -26.86 -20.93 -23.17
CA LEU A 160 -27.06 -21.41 -24.53
C LEU A 160 -28.57 -21.56 -24.78
N VAL A 161 -29.17 -20.50 -25.28
CA VAL A 161 -30.60 -20.49 -25.60
C VAL A 161 -30.80 -20.91 -27.03
N ILE A 162 -31.96 -21.50 -27.32
CA ILE A 162 -32.36 -21.86 -28.67
C ILE A 162 -33.58 -21.02 -29.02
N ARG A 163 -33.41 -20.10 -29.97
CA ARG A 163 -34.48 -19.20 -30.39
C ARG A 163 -34.56 -19.20 -31.91
N GLU A 164 -35.77 -19.36 -32.44
CA GLU A 164 -36.02 -19.33 -33.88
C GLU A 164 -35.15 -20.35 -34.62
N GLY A 165 -35.01 -21.53 -34.03
CA GLY A 165 -34.22 -22.59 -34.63
C GLY A 165 -32.73 -22.28 -34.72
N GLU A 166 -32.17 -21.65 -33.70
CA GLU A 166 -30.75 -21.34 -33.67
C GLU A 166 -30.30 -21.21 -32.23
N LYS A 167 -29.10 -21.70 -31.94
CA LYS A 167 -28.52 -21.62 -30.61
C LYS A 167 -27.40 -20.58 -30.62
N MET A 168 -27.48 -19.64 -29.69
CA MET A 168 -26.50 -18.56 -29.59
C MET A 168 -26.05 -18.44 -28.14
N GLN A 169 -24.75 -18.19 -27.96
CA GLN A 169 -24.16 -17.97 -26.65
C GLN A 169 -24.32 -16.49 -26.31
N VAL A 170 -25.29 -16.19 -25.45
CA VAL A 170 -25.62 -14.80 -25.11
C VAL A 170 -25.67 -14.68 -23.59
N ASN A 171 -25.54 -13.44 -23.12
CA ASN A 171 -25.50 -13.17 -21.69
C ASN A 171 -26.75 -13.70 -21.00
N ALA A 172 -26.56 -14.30 -19.83
CA ALA A 172 -27.64 -14.97 -19.12
C ALA A 172 -28.51 -14.01 -18.32
N GLU A 173 -28.17 -12.73 -18.27
CA GLU A 173 -29.01 -11.78 -17.54
C GLU A 173 -30.37 -11.62 -18.19
N GLU A 174 -30.41 -11.55 -19.52
CA GLU A 174 -31.68 -11.36 -20.23
C GLU A 174 -32.36 -12.66 -20.65
N VAL A 175 -32.41 -13.62 -19.73
CA VAL A 175 -33.07 -14.89 -20.00
C VAL A 175 -34.55 -14.71 -19.67
N VAL A 176 -35.39 -14.82 -20.70
CA VAL A 176 -36.83 -14.65 -20.53
C VAL A 176 -37.42 -15.94 -19.99
N VAL A 177 -38.69 -15.90 -19.58
CA VAL A 177 -39.31 -17.00 -18.87
C VAL A 177 -39.97 -17.94 -19.86
N GLY A 178 -39.70 -17.75 -21.15
CA GLY A 178 -40.34 -18.57 -22.16
C GLY A 178 -39.43 -19.32 -23.10
N ASP A 179 -38.20 -18.84 -23.30
CA ASP A 179 -37.34 -19.38 -24.33
C ASP A 179 -36.84 -20.78 -23.95
N LEU A 180 -36.39 -21.51 -24.96
CA LEU A 180 -35.84 -22.85 -24.79
C LEU A 180 -34.32 -22.76 -24.66
N VAL A 181 -33.79 -23.29 -23.56
CA VAL A 181 -32.37 -23.17 -23.25
C VAL A 181 -31.74 -24.55 -23.30
N GLU A 182 -30.41 -24.56 -23.43
CA GLU A 182 -29.62 -25.78 -23.53
C GLU A 182 -28.49 -25.71 -22.52
N ILE A 183 -28.30 -26.79 -21.76
CA ILE A 183 -27.23 -26.86 -20.77
C ILE A 183 -26.36 -28.07 -21.09
N LYS A 184 -25.06 -27.90 -20.87
CA LYS A 184 -24.06 -28.93 -21.14
C LYS A 184 -23.25 -29.17 -19.88
N GLY A 185 -22.71 -30.39 -19.75
CA GLY A 185 -21.89 -30.74 -18.60
C GLY A 185 -20.74 -29.78 -18.38
N GLY A 186 -20.53 -29.37 -17.13
CA GLY A 186 -19.54 -28.38 -16.79
C GLY A 186 -20.05 -26.96 -16.72
N ASP A 187 -21.29 -26.72 -17.11
CA ASP A 187 -21.89 -25.39 -17.04
C ASP A 187 -22.86 -25.31 -15.86
N ARG A 188 -23.26 -24.09 -15.54
CA ARG A 188 -24.29 -23.85 -14.53
C ARG A 188 -25.56 -23.38 -15.22
N VAL A 189 -26.71 -23.79 -14.69
CA VAL A 189 -28.00 -23.48 -15.30
C VAL A 189 -28.24 -21.98 -15.17
N PRO A 190 -28.88 -21.34 -16.15
CA PRO A 190 -29.14 -19.90 -16.05
C PRO A 190 -30.33 -19.58 -15.15
N ALA A 191 -31.33 -20.45 -15.15
CA ALA A 191 -32.54 -20.24 -14.37
C ALA A 191 -33.18 -21.60 -14.11
N ASP A 192 -34.34 -21.58 -13.46
CA ASP A 192 -35.07 -22.83 -13.21
C ASP A 192 -35.48 -23.47 -14.54
N LEU A 193 -35.22 -24.76 -14.67
CA LEU A 193 -35.48 -25.49 -15.90
C LEU A 193 -36.39 -26.67 -15.63
N ARG A 194 -37.40 -26.83 -16.49
CA ARG A 194 -38.20 -28.05 -16.54
C ARG A 194 -37.65 -28.88 -17.70
N ILE A 195 -37.05 -30.02 -17.38
CA ILE A 195 -36.36 -30.81 -18.38
C ILE A 195 -37.37 -31.42 -19.35
N ILE A 196 -37.11 -31.27 -20.64
CA ILE A 196 -37.94 -31.87 -21.66
C ILE A 196 -37.23 -32.97 -22.44
N SER A 197 -35.90 -32.91 -22.55
CA SER A 197 -35.15 -33.91 -23.30
C SER A 197 -33.76 -34.02 -22.67
N ALA A 198 -33.57 -35.02 -21.83
CA ALA A 198 -32.30 -35.26 -21.16
C ALA A 198 -31.52 -36.35 -21.87
N HIS A 199 -30.20 -36.30 -21.71
CA HIS A 199 -29.28 -37.27 -22.31
C HIS A 199 -28.35 -37.83 -21.23
N GLY A 200 -28.94 -38.28 -20.13
CA GLY A 200 -28.17 -38.77 -19.01
C GLY A 200 -27.36 -37.68 -18.33
N CYS A 201 -28.01 -36.52 -18.13
CA CYS A 201 -27.37 -35.36 -17.52
C CYS A 201 -27.53 -35.41 -16.01
N LYS A 202 -26.42 -35.33 -15.29
CA LYS A 202 -26.42 -35.31 -13.83
C LYS A 202 -26.18 -33.88 -13.36
N VAL A 203 -27.06 -33.39 -12.50
CA VAL A 203 -26.99 -32.03 -11.98
C VAL A 203 -26.71 -32.10 -10.48
N ASP A 204 -25.63 -31.47 -10.06
CA ASP A 204 -25.24 -31.41 -8.66
C ASP A 204 -25.74 -30.11 -8.09
N ASN A 205 -26.56 -30.18 -7.05
CA ASN A 205 -27.16 -28.97 -6.47
C ASN A 205 -26.19 -28.29 -5.51
N SER A 206 -25.86 -28.95 -4.40
CA SER A 206 -24.91 -28.47 -3.41
C SER A 206 -25.23 -27.06 -2.91
N SER A 207 -26.45 -26.58 -3.15
CA SER A 207 -26.85 -25.24 -2.74
C SER A 207 -28.05 -25.24 -1.83
N LEU A 208 -29.03 -26.11 -2.06
CA LEU A 208 -30.14 -26.30 -1.14
C LEU A 208 -29.87 -27.46 -0.18
N THR A 209 -29.67 -28.65 -0.73
CA THR A 209 -29.32 -29.80 0.10
C THR A 209 -27.90 -29.71 0.61
N GLY A 210 -27.00 -29.15 -0.17
CA GLY A 210 -25.59 -29.08 0.19
C GLY A 210 -24.82 -30.36 -0.06
N GLU A 211 -25.50 -31.45 -0.42
CA GLU A 211 -24.85 -32.72 -0.66
C GLU A 211 -24.14 -32.70 -2.01
N SER A 212 -22.87 -33.11 -2.02
CA SER A 212 -22.08 -33.11 -3.23
C SER A 212 -22.37 -34.30 -4.13
N GLU A 213 -23.26 -35.19 -3.73
CA GLU A 213 -23.63 -36.32 -4.57
C GLU A 213 -24.38 -35.82 -5.79
N PRO A 214 -23.91 -36.08 -7.00
CA PRO A 214 -24.60 -35.59 -8.20
C PRO A 214 -25.89 -36.38 -8.43
N GLN A 215 -27.00 -35.66 -8.48
CA GLN A 215 -28.30 -36.28 -8.73
C GLN A 215 -28.59 -36.26 -10.23
N THR A 216 -28.99 -37.41 -10.76
CA THR A 216 -29.31 -37.51 -12.18
C THR A 216 -30.62 -36.77 -12.48
N ARG A 217 -30.79 -36.44 -13.75
CA ARG A 217 -31.96 -35.70 -14.21
C ARG A 217 -32.61 -36.46 -15.36
N SER A 218 -33.92 -36.64 -15.28
CA SER A 218 -34.68 -37.37 -16.29
C SER A 218 -35.90 -36.55 -16.69
N PRO A 219 -36.35 -36.69 -17.95
CA PRO A 219 -37.52 -35.90 -18.39
C PRO A 219 -38.84 -36.37 -17.80
N ASP A 220 -38.90 -37.58 -17.25
CA ASP A 220 -40.14 -38.10 -16.69
C ASP A 220 -40.28 -37.72 -15.22
N CYS A 221 -41.53 -37.59 -14.79
CA CYS A 221 -41.81 -37.23 -13.40
C CYS A 221 -41.47 -38.38 -12.47
N THR A 222 -40.91 -38.05 -11.31
CA THR A 222 -40.58 -39.05 -10.30
C THR A 222 -41.20 -38.73 -8.94
N HIS A 223 -41.27 -37.45 -8.57
CA HIS A 223 -41.85 -37.04 -7.30
C HIS A 223 -42.75 -35.84 -7.53
N ASP A 224 -43.90 -35.82 -6.84
CA ASP A 224 -44.77 -34.66 -6.86
C ASP A 224 -44.17 -33.47 -6.12
N ASN A 225 -43.21 -33.71 -5.25
CA ASN A 225 -42.57 -32.63 -4.50
C ASN A 225 -41.64 -31.86 -5.42
N PRO A 226 -41.83 -30.56 -5.62
CA PRO A 226 -40.91 -29.80 -6.48
C PRO A 226 -39.47 -29.79 -5.99
N LEU A 227 -39.25 -30.00 -4.69
CA LEU A 227 -37.89 -29.94 -4.15
C LEU A 227 -37.07 -31.20 -4.44
N GLU A 228 -37.71 -32.31 -4.82
CA GLU A 228 -36.96 -33.54 -5.04
C GLU A 228 -37.46 -34.23 -6.33
N THR A 229 -38.19 -33.52 -7.17
CA THR A 229 -38.63 -34.09 -8.44
C THR A 229 -37.43 -34.26 -9.36
N ARG A 230 -37.67 -34.73 -10.58
CA ARG A 230 -36.63 -34.88 -11.59
C ARG A 230 -36.84 -34.02 -12.82
N ASN A 231 -38.05 -33.51 -13.04
CA ASN A 231 -38.27 -32.60 -14.17
C ASN A 231 -37.61 -31.25 -13.94
N ILE A 232 -37.60 -30.78 -12.70
CA ILE A 232 -37.16 -29.43 -12.37
C ILE A 232 -35.68 -29.43 -12.05
N THR A 233 -34.93 -28.54 -12.70
CA THR A 233 -33.55 -28.27 -12.37
C THR A 233 -33.48 -26.93 -11.65
N PHE A 234 -32.86 -26.93 -10.47
CA PHE A 234 -32.88 -25.75 -9.62
C PHE A 234 -31.93 -24.68 -10.16
N PHE A 235 -32.25 -23.43 -9.82
CA PHE A 235 -31.46 -22.29 -10.27
C PHE A 235 -30.12 -22.25 -9.54
N SER A 236 -29.09 -21.77 -10.26
CA SER A 236 -27.74 -21.59 -9.72
C SER A 236 -27.15 -22.91 -9.23
N THR A 237 -27.39 -23.99 -9.99
CA THR A 237 -26.82 -25.28 -9.70
C THR A 237 -26.00 -25.75 -10.90
N ASN A 238 -24.79 -26.25 -10.62
CA ASN A 238 -23.88 -26.66 -11.69
C ASN A 238 -24.26 -28.02 -12.24
N CYS A 239 -24.17 -28.15 -13.56
CA CYS A 239 -24.42 -29.41 -14.25
C CYS A 239 -23.11 -30.15 -14.42
N VAL A 240 -22.99 -31.33 -13.81
CA VAL A 240 -21.71 -32.04 -13.78
C VAL A 240 -21.46 -32.77 -15.09
N GLU A 241 -22.33 -33.71 -15.45
CA GLU A 241 -22.13 -34.54 -16.61
C GLU A 241 -23.39 -34.53 -17.47
N GLY A 242 -23.21 -34.89 -18.74
CA GLY A 242 -24.32 -35.00 -19.66
C GLY A 242 -24.76 -33.66 -20.23
N THR A 243 -25.89 -33.72 -20.94
CA THR A 243 -26.45 -32.54 -21.59
C THR A 243 -27.96 -32.70 -21.68
N ALA A 244 -28.69 -31.71 -21.19
CA ALA A 244 -30.15 -31.75 -21.18
C ALA A 244 -30.71 -30.44 -21.70
N ARG A 245 -31.89 -30.51 -22.31
CA ARG A 245 -32.60 -29.34 -22.80
C ARG A 245 -33.87 -29.15 -21.96
N GLY A 246 -34.11 -27.92 -21.52
CA GLY A 246 -35.25 -27.64 -20.69
C GLY A 246 -35.91 -26.34 -21.08
N VAL A 247 -37.12 -26.16 -20.57
CA VAL A 247 -37.90 -24.93 -20.78
C VAL A 247 -37.90 -24.18 -19.46
N VAL A 248 -37.44 -22.92 -19.50
CA VAL A 248 -37.36 -22.13 -18.29
C VAL A 248 -38.77 -21.75 -17.82
N VAL A 249 -39.00 -21.87 -16.52
CA VAL A 249 -40.31 -21.59 -15.94
C VAL A 249 -40.28 -20.42 -14.97
N ALA A 250 -39.09 -19.96 -14.55
CA ALA A 250 -39.01 -18.86 -13.58
C ALA A 250 -37.61 -18.26 -13.67
N THR A 251 -37.55 -16.93 -13.68
CA THR A 251 -36.30 -16.21 -13.78
C THR A 251 -36.22 -15.14 -12.70
N GLY A 252 -35.00 -14.85 -12.26
CA GLY A 252 -34.80 -13.72 -11.36
C GLY A 252 -35.26 -14.01 -9.96
N ASP A 253 -36.05 -13.09 -9.40
CA ASP A 253 -36.44 -13.18 -8.00
C ASP A 253 -37.47 -14.27 -7.75
N ARG A 254 -38.34 -14.55 -8.74
CA ARG A 254 -39.37 -15.55 -8.54
C ARG A 254 -38.82 -16.96 -8.78
N THR A 255 -37.69 -17.27 -8.17
CA THR A 255 -37.04 -18.57 -8.30
C THR A 255 -36.89 -19.20 -6.92
N VAL A 256 -36.42 -20.45 -6.90
CA VAL A 256 -36.26 -21.15 -5.63
C VAL A 256 -35.24 -20.44 -4.75
N MET A 257 -34.13 -20.01 -5.34
CA MET A 257 -33.15 -19.22 -4.62
C MET A 257 -33.59 -17.78 -4.38
N GLY A 258 -34.68 -17.35 -5.02
CA GLY A 258 -35.18 -16.00 -4.83
C GLY A 258 -36.27 -15.93 -3.76
N ARG A 259 -36.30 -16.93 -2.89
CA ARG A 259 -37.28 -16.97 -1.81
C ARG A 259 -36.68 -17.58 -0.54
N THR A 272 -6.47 -11.42 4.35
CA THR A 272 -5.20 -11.77 3.73
C THR A 272 -4.10 -11.85 4.78
N PRO A 273 -3.13 -12.74 4.57
CA PRO A 273 -2.01 -12.83 5.51
C PRO A 273 -1.26 -11.53 5.71
N ILE A 274 -1.09 -10.74 4.64
CA ILE A 274 -0.36 -9.48 4.73
C ILE A 274 -1.09 -8.52 5.66
N ALA A 275 -2.41 -8.41 5.51
CA ALA A 275 -3.19 -7.53 6.39
C ALA A 275 -3.11 -8.00 7.84
N ILE A 276 -3.12 -9.31 8.05
CA ILE A 276 -3.04 -9.84 9.41
C ILE A 276 -1.69 -9.48 10.04
N GLU A 277 -0.61 -9.66 9.29
CA GLU A 277 0.71 -9.33 9.80
C GLU A 277 0.83 -7.83 10.10
N ILE A 278 0.30 -7.00 9.19
CA ILE A 278 0.35 -5.55 9.41
C ILE A 278 -0.46 -5.17 10.64
N GLU A 279 -1.63 -5.78 10.83
CA GLU A 279 -2.44 -5.48 12.00
C GLU A 279 -1.73 -5.90 13.28
N HIS A 280 -1.08 -7.06 13.26
CA HIS A 280 -0.34 -7.49 14.45
C HIS A 280 0.79 -6.53 14.78
N PHE A 281 1.54 -6.10 13.76
CA PHE A 281 2.61 -5.14 14.00
C PHE A 281 2.09 -3.81 14.51
N ILE A 282 0.96 -3.35 13.95
CA ILE A 282 0.36 -2.10 14.39
C ILE A 282 -0.09 -2.21 15.83
N GLN A 283 -0.68 -3.34 16.21
CA GLN A 283 -1.11 -3.51 17.59
C GLN A 283 0.08 -3.52 18.55
N LEU A 284 1.17 -4.19 18.16
CA LEU A 284 2.36 -4.20 19.01
C LEU A 284 2.92 -2.79 19.19
N ILE A 285 3.05 -2.05 18.08
CA ILE A 285 3.62 -0.71 18.17
C ILE A 285 2.69 0.23 18.92
N THR A 286 1.37 0.01 18.84
CA THR A 286 0.44 0.85 19.59
C THR A 286 0.51 0.54 21.08
N GLY A 287 0.70 -0.73 21.44
CA GLY A 287 0.91 -1.05 22.84
C GLY A 287 2.16 -0.39 23.39
N VAL A 288 3.26 -0.46 22.65
CA VAL A 288 4.50 0.21 23.08
C VAL A 288 4.28 1.71 23.18
N ALA A 289 3.57 2.29 22.21
CA ALA A 289 3.32 3.73 22.20
C ALA A 289 2.49 4.15 23.40
N VAL A 290 1.45 3.39 23.73
CA VAL A 290 0.62 3.73 24.88
C VAL A 290 1.41 3.62 26.17
N PHE A 291 2.25 2.58 26.29
CA PHE A 291 3.08 2.45 27.48
C PHE A 291 3.99 3.67 27.65
N LEU A 292 4.73 4.02 26.58
CA LEU A 292 5.63 5.16 26.66
C LEU A 292 4.87 6.45 26.92
N GLY A 293 3.74 6.64 26.25
CA GLY A 293 2.99 7.87 26.41
C GLY A 293 2.44 8.04 27.82
N VAL A 294 1.90 6.97 28.39
CA VAL A 294 1.40 7.04 29.77
C VAL A 294 2.54 7.30 30.73
N SER A 295 3.67 6.62 30.55
CA SER A 295 4.80 6.83 31.45
C SER A 295 5.29 8.28 31.41
N PHE A 296 5.44 8.83 30.20
CA PHE A 296 5.94 10.20 30.10
C PHE A 296 4.88 11.22 30.49
N PHE A 297 3.60 10.90 30.32
CA PHE A 297 2.52 11.76 30.82
C PHE A 297 2.58 11.85 32.34
N ILE A 298 2.77 10.71 33.01
CA ILE A 298 2.90 10.72 34.46
C ILE A 298 4.13 11.51 34.87
N LEU A 299 5.25 11.32 34.16
CA LEU A 299 6.47 12.05 34.50
C LEU A 299 6.27 13.55 34.34
N SER A 300 5.58 13.96 33.27
CA SER A 300 5.32 15.39 33.07
C SER A 300 4.44 15.94 34.17
N LEU A 301 3.45 15.18 34.61
CA LEU A 301 2.63 15.62 35.74
C LEU A 301 3.46 15.76 37.01
N ILE A 302 4.41 14.84 37.23
CA ILE A 302 5.32 14.97 38.37
C ILE A 302 6.13 16.26 38.26
N LEU A 303 6.62 16.57 37.06
CA LEU A 303 7.33 17.83 36.87
C LEU A 303 6.38 19.02 37.01
N GLY A 304 5.11 18.84 36.68
CA GLY A 304 4.11 19.88 36.87
C GLY A 304 3.80 20.64 35.59
N TYR A 305 2.72 20.26 34.90
CA TYR A 305 2.40 20.91 33.64
C TYR A 305 0.90 21.15 33.46
N THR A 306 0.17 21.33 34.56
CA THR A 306 -1.22 21.83 34.54
C THR A 306 -2.17 20.92 33.75
N TRP A 307 -1.86 19.62 33.67
CA TRP A 307 -2.81 18.58 33.28
C TRP A 307 -3.31 18.71 31.84
N LEU A 308 -3.00 19.82 31.18
CA LEU A 308 -3.42 20.05 29.80
C LEU A 308 -2.26 20.02 28.83
N GLU A 309 -1.11 20.54 29.24
CA GLU A 309 0.11 20.30 28.47
C GLU A 309 0.52 18.84 28.55
N ALA A 310 0.12 18.14 29.61
CA ALA A 310 0.41 16.72 29.73
C ALA A 310 -0.41 15.90 28.76
N VAL A 311 -1.70 16.23 28.61
CA VAL A 311 -2.52 15.54 27.62
C VAL A 311 -2.00 15.81 26.21
N ILE A 312 -1.54 17.04 25.96
CA ILE A 312 -0.97 17.38 24.66
C ILE A 312 0.31 16.58 24.42
N PHE A 313 1.14 16.42 25.45
CA PHE A 313 2.33 15.58 25.33
C PHE A 313 1.95 14.14 25.02
N LEU A 314 0.93 13.62 25.71
CA LEU A 314 0.50 12.24 25.49
C LEU A 314 0.02 12.05 24.04
N ILE A 315 -0.78 12.99 23.55
CA ILE A 315 -1.28 12.90 22.18
C ILE A 315 -0.12 12.97 21.20
N GLY A 316 0.83 13.87 21.43
CA GLY A 316 1.98 13.95 20.55
C GLY A 316 2.77 12.67 20.49
N ILE A 317 3.02 12.06 21.66
CA ILE A 317 3.79 10.82 21.69
C ILE A 317 3.05 9.70 20.98
N ILE A 318 1.75 9.58 21.25
CA ILE A 318 0.97 8.49 20.64
C ILE A 318 0.90 8.66 19.13
N VAL A 319 0.69 9.89 18.65
CA VAL A 319 0.61 10.11 17.21
C VAL A 319 1.98 9.88 16.56
N ALA A 320 3.05 10.28 17.23
CA ALA A 320 4.38 10.12 16.66
C ALA A 320 4.78 8.65 16.56
N ASN A 321 4.44 7.86 17.58
CA ASN A 321 4.97 6.50 17.64
C ASN A 321 4.22 5.50 16.78
N VAL A 322 3.02 5.80 16.31
CA VAL A 322 2.27 4.84 15.51
C VAL A 322 2.05 5.37 14.09
N PRO A 323 2.07 4.52 13.07
CA PRO A 323 1.70 4.95 11.71
C PRO A 323 0.19 4.91 11.56
N GLU A 324 -0.42 6.05 11.25
CA GLU A 324 -1.86 6.17 11.29
C GLU A 324 -2.55 5.71 10.00
N GLY A 325 -1.80 5.49 8.92
CA GLY A 325 -2.42 5.12 7.66
C GLY A 325 -1.77 3.94 6.98
N LEU A 326 -1.27 2.99 7.76
CA LEU A 326 -0.59 1.83 7.19
C LEU A 326 -1.57 0.83 6.58
N LEU A 327 -2.68 0.55 7.28
CA LEU A 327 -3.59 -0.50 6.84
C LEU A 327 -4.34 -0.10 5.58
N ALA A 328 -4.83 1.13 5.52
CA ALA A 328 -5.49 1.60 4.30
C ALA A 328 -4.52 1.64 3.14
N THR A 329 -3.26 2.01 3.41
CA THR A 329 -2.24 1.99 2.35
C THR A 329 -2.04 0.57 1.83
N VAL A 330 -1.97 -0.41 2.73
CA VAL A 330 -1.80 -1.79 2.30
C VAL A 330 -2.98 -2.23 1.42
N THR A 331 -4.20 -1.92 1.88
CA THR A 331 -5.39 -2.32 1.13
C THR A 331 -5.42 -1.67 -0.25
N VAL A 332 -5.10 -0.38 -0.33
CA VAL A 332 -5.14 0.29 -1.62
C VAL A 332 -4.01 -0.20 -2.53
N CYS A 333 -2.87 -0.58 -1.95
CA CYS A 333 -1.81 -1.16 -2.77
C CYS A 333 -2.28 -2.47 -3.41
N LEU A 334 -2.88 -3.35 -2.60
CA LEU A 334 -3.38 -4.60 -3.14
C LEU A 334 -4.44 -4.37 -4.20
N THR A 335 -5.34 -3.40 -3.97
CA THR A 335 -6.41 -3.16 -4.93
C THR A 335 -5.88 -2.56 -6.23
N LEU A 336 -4.95 -1.60 -6.14
CA LEU A 336 -4.39 -1.00 -7.34
C LEU A 336 -3.63 -2.03 -8.16
N THR A 337 -2.88 -2.90 -7.50
CA THR A 337 -2.18 -3.94 -8.26
C THR A 337 -3.15 -4.98 -8.81
N ALA A 338 -4.27 -5.22 -8.15
CA ALA A 338 -5.28 -6.10 -8.72
C ALA A 338 -5.86 -5.50 -10.00
N LYS A 339 -6.15 -4.20 -9.97
CA LYS A 339 -6.64 -3.54 -11.19
C LYS A 339 -5.58 -3.58 -12.29
N ARG A 340 -4.31 -3.35 -11.93
CA ARG A 340 -3.24 -3.42 -12.92
C ARG A 340 -3.12 -4.81 -13.52
N MET A 341 -3.27 -5.84 -12.69
CA MET A 341 -3.23 -7.22 -13.18
C MET A 341 -4.41 -7.52 -14.09
N ALA A 342 -5.60 -7.01 -13.74
CA ALA A 342 -6.79 -7.26 -14.55
C ALA A 342 -6.78 -6.46 -15.84
N ARG A 343 -6.06 -5.34 -15.90
CA ARG A 343 -5.93 -4.62 -17.16
C ARG A 343 -5.26 -5.49 -18.21
N LYS A 344 -4.18 -6.17 -17.83
CA LYS A 344 -3.68 -7.28 -18.63
C LYS A 344 -4.60 -8.48 -18.45
N ASN A 345 -4.46 -9.45 -19.35
CA ASN A 345 -5.41 -10.55 -19.36
C ASN A 345 -5.18 -11.49 -18.18
N CYS A 346 -5.50 -11.02 -16.97
CA CYS A 346 -5.19 -11.74 -15.75
C CYS A 346 -6.14 -11.28 -14.66
N LEU A 347 -7.19 -12.05 -14.38
CA LEU A 347 -8.23 -11.64 -13.44
C LEU A 347 -8.18 -12.50 -12.19
N VAL A 348 -8.29 -11.86 -11.03
CA VAL A 348 -8.22 -12.50 -9.73
C VAL A 348 -9.55 -12.32 -9.02
N LYS A 349 -10.09 -13.42 -8.48
CA LYS A 349 -11.37 -13.37 -7.79
C LYS A 349 -11.24 -12.73 -6.41
N ASN A 350 -10.34 -13.26 -5.59
CA ASN A 350 -10.14 -12.75 -4.23
C ASN A 350 -8.89 -11.88 -4.19
N LEU A 351 -8.76 -11.12 -3.10
CA LEU A 351 -7.55 -10.35 -2.86
C LEU A 351 -6.43 -11.19 -2.27
N GLU A 352 -6.72 -12.42 -1.81
CA GLU A 352 -5.66 -13.29 -1.32
C GLU A 352 -4.82 -13.85 -2.45
N ALA A 353 -5.42 -14.05 -3.62
CA ALA A 353 -4.65 -14.51 -4.78
C ALA A 353 -3.61 -13.48 -5.21
N VAL A 354 -3.88 -12.21 -4.94
CA VAL A 354 -2.90 -11.16 -5.22
C VAL A 354 -1.74 -11.25 -4.25
N GLU A 355 -2.02 -11.52 -2.97
CA GLU A 355 -0.94 -11.72 -2.01
C GLU A 355 -0.11 -12.94 -2.36
N THR A 356 -0.76 -14.00 -2.82
CA THR A 356 -0.07 -15.16 -3.38
C THR A 356 0.33 -14.78 -4.81
N LEU A 357 0.76 -15.77 -5.60
CA LEU A 357 1.11 -15.56 -7.01
C LEU A 357 2.40 -14.76 -7.13
N GLY A 358 2.94 -14.30 -6.00
CA GLY A 358 4.24 -13.67 -6.00
C GLY A 358 5.26 -14.62 -5.46
N SER A 359 4.78 -15.68 -4.79
CA SER A 359 5.61 -16.74 -4.27
C SER A 359 5.42 -18.04 -5.05
N THR A 360 4.83 -17.97 -6.24
CA THR A 360 4.66 -19.16 -7.06
C THR A 360 6.00 -19.76 -7.41
N SER A 361 6.12 -21.07 -7.22
CA SER A 361 7.34 -21.79 -7.53
C SER A 361 7.12 -22.95 -8.48
N THR A 362 5.88 -23.23 -8.87
CA THR A 362 5.59 -24.32 -9.78
C THR A 362 4.34 -23.99 -10.57
N ILE A 363 4.40 -24.20 -11.88
CA ILE A 363 3.26 -24.00 -12.77
C ILE A 363 3.01 -25.30 -13.51
N CYS A 364 1.81 -25.86 -13.34
CA CYS A 364 1.43 -27.12 -13.99
C CYS A 364 0.40 -26.79 -15.06
N SER A 365 0.88 -26.47 -16.27
CA SER A 365 0.03 -25.99 -17.34
C SER A 365 -0.12 -27.05 -18.42
N ASP A 366 -1.35 -27.24 -18.88
CA ASP A 366 -1.63 -28.18 -19.96
C ASP A 366 -1.06 -27.65 -21.28
N LYS A 367 -1.23 -28.43 -22.34
CA LYS A 367 -0.56 -28.14 -23.61
C LYS A 367 -1.42 -27.31 -24.54
N THR A 368 -2.55 -27.85 -24.98
CA THR A 368 -3.38 -27.16 -25.97
C THR A 368 -4.11 -25.99 -25.34
N GLY A 369 -4.24 -24.92 -26.11
CA GLY A 369 -4.90 -23.72 -25.60
C GLY A 369 -4.01 -22.82 -24.78
N THR A 370 -3.21 -23.41 -23.88
CA THR A 370 -2.33 -22.64 -23.02
C THR A 370 -0.97 -22.39 -23.67
N LEU A 371 -0.28 -23.47 -24.05
CA LEU A 371 1.03 -23.36 -24.68
C LEU A 371 0.96 -23.32 -26.21
N THR A 372 -0.24 -23.45 -26.78
CA THR A 372 -0.43 -23.41 -28.23
C THR A 372 -1.67 -22.58 -28.54
N GLN A 373 -1.73 -22.05 -29.76
CA GLN A 373 -2.83 -21.17 -30.15
C GLN A 373 -4.18 -21.87 -30.20
N ASN A 374 -4.20 -23.21 -30.22
CA ASN A 374 -5.45 -23.97 -30.32
C ASN A 374 -6.25 -23.62 -31.55
N ARG A 375 -5.55 -23.45 -32.68
CA ARG A 375 -6.18 -23.33 -34.00
C ARG A 375 -5.34 -24.20 -34.95
N MET A 376 -5.73 -25.47 -35.06
CA MET A 376 -4.92 -26.45 -35.76
C MET A 376 -5.33 -26.59 -37.20
N THR A 377 -4.35 -26.56 -38.10
CA THR A 377 -4.54 -26.84 -39.51
C THR A 377 -3.88 -28.17 -39.83
N VAL A 378 -4.59 -29.03 -40.55
CA VAL A 378 -4.07 -30.36 -40.86
C VAL A 378 -2.83 -30.25 -41.72
N ALA A 379 -1.82 -31.07 -41.42
CA ALA A 379 -0.59 -31.08 -42.19
C ALA A 379 -0.37 -32.39 -42.92
N HIS A 380 -0.35 -33.52 -42.22
CA HIS A 380 0.01 -34.80 -42.81
C HIS A 380 -1.09 -35.82 -42.58
N MET A 381 -1.08 -36.85 -43.43
CA MET A 381 -1.96 -38.02 -43.30
C MET A 381 -1.09 -39.27 -43.25
N TRP A 382 -1.75 -40.42 -43.10
CA TRP A 382 -1.04 -41.70 -43.16
C TRP A 382 -2.05 -42.79 -43.48
N PHE A 383 -1.91 -43.40 -44.65
CA PHE A 383 -2.72 -44.56 -45.01
C PHE A 383 -2.02 -45.28 -46.16
N ASP A 384 -2.24 -46.60 -46.23
CA ASP A 384 -1.58 -47.47 -47.20
C ASP A 384 -0.06 -47.38 -47.11
N ASN A 385 0.45 -47.21 -45.89
CA ASN A 385 1.89 -47.14 -45.64
C ASN A 385 2.57 -46.07 -46.49
N GLN A 386 1.92 -44.91 -46.59
CA GLN A 386 2.45 -43.79 -47.35
C GLN A 386 2.17 -42.52 -46.58
N ILE A 387 3.24 -41.86 -46.13
CA ILE A 387 3.11 -40.62 -45.36
C ILE A 387 2.75 -39.51 -46.33
N HIS A 388 1.48 -39.11 -46.33
CA HIS A 388 0.99 -38.07 -47.21
C HIS A 388 0.83 -36.77 -46.44
N GLU A 389 0.99 -35.65 -47.14
CA GLU A 389 0.84 -34.33 -46.56
C GLU A 389 -0.26 -33.57 -47.30
N ALA A 390 -1.13 -32.91 -46.54
CA ALA A 390 -2.25 -32.19 -47.12
C ALA A 390 -1.80 -30.82 -47.59
N ASP A 391 -1.97 -30.55 -48.88
CA ASP A 391 -1.67 -29.25 -49.45
C ASP A 391 -2.93 -28.39 -49.40
N THR A 392 -2.89 -27.31 -48.62
CA THR A 392 -4.06 -26.51 -48.33
C THR A 392 -4.29 -25.39 -49.36
N THR A 393 -3.56 -25.41 -50.46
CA THR A 393 -3.71 -24.35 -51.47
C THR A 393 -5.10 -24.41 -52.09
N GLU A 394 -5.66 -23.23 -52.37
CA GLU A 394 -6.99 -23.16 -52.96
C GLU A 394 -7.00 -23.74 -54.37
N ASP A 395 -5.95 -23.49 -55.15
CA ASP A 395 -5.89 -23.93 -56.54
C ASP A 395 -5.49 -25.40 -56.68
N GLN A 396 -5.23 -26.10 -55.57
CA GLN A 396 -4.85 -27.51 -55.57
C GLN A 396 -3.57 -27.72 -56.38
N SER A 397 -2.49 -27.08 -55.91
CA SER A 397 -1.19 -27.21 -56.53
C SER A 397 -0.42 -28.38 -55.94
N GLY A 398 0.62 -28.79 -56.66
CA GLY A 398 1.46 -29.90 -56.23
C GLY A 398 1.01 -31.26 -56.69
N THR A 399 -0.27 -31.58 -56.49
CA THR A 399 -0.84 -32.87 -56.87
C THR A 399 -0.05 -34.03 -56.26
N SER A 400 0.40 -33.83 -55.01
CA SER A 400 1.22 -34.84 -54.36
C SER A 400 0.41 -36.05 -53.94
N PHE A 401 -0.90 -35.90 -53.74
CA PHE A 401 -1.76 -36.98 -53.28
C PHE A 401 -2.81 -37.30 -54.33
N ASP A 402 -3.19 -38.57 -54.40
CA ASP A 402 -4.18 -39.03 -55.35
C ASP A 402 -5.56 -39.05 -54.68
N LYS A 403 -6.51 -38.34 -55.31
CA LYS A 403 -7.86 -38.19 -54.76
C LYS A 403 -8.81 -39.27 -55.22
N SER A 404 -8.58 -39.85 -56.41
CA SER A 404 -9.50 -40.83 -56.97
C SER A 404 -9.58 -42.13 -56.18
N SER A 405 -8.56 -42.44 -55.38
CA SER A 405 -8.58 -43.66 -54.59
C SER A 405 -9.73 -43.64 -53.60
N HIS A 406 -10.48 -44.75 -53.52
CA HIS A 406 -11.60 -44.80 -52.60
C HIS A 406 -11.16 -44.92 -51.14
N THR A 407 -9.87 -45.14 -50.89
CA THR A 407 -9.38 -45.06 -49.52
C THR A 407 -9.59 -43.66 -48.97
N TRP A 408 -9.40 -42.63 -49.80
CA TRP A 408 -9.64 -41.26 -49.34
C TRP A 408 -11.12 -40.99 -49.14
N VAL A 409 -11.99 -41.55 -49.99
CA VAL A 409 -13.42 -41.31 -49.78
C VAL A 409 -13.88 -42.01 -48.50
N ALA A 410 -13.33 -43.20 -48.21
CA ALA A 410 -13.60 -43.83 -46.92
C ALA A 410 -13.01 -43.00 -45.78
N LEU A 411 -11.87 -42.35 -46.02
CA LEU A 411 -11.27 -41.50 -45.01
C LEU A 411 -12.18 -40.32 -44.68
N SER A 412 -12.77 -39.71 -45.70
CA SER A 412 -13.73 -38.64 -45.45
C SER A 412 -14.99 -39.17 -44.80
N HIS A 413 -15.39 -40.40 -45.14
CA HIS A 413 -16.59 -41.00 -44.56
C HIS A 413 -16.38 -41.49 -43.13
N ILE A 414 -15.14 -41.56 -42.65
CA ILE A 414 -14.89 -41.81 -41.25
C ILE A 414 -14.61 -40.52 -40.48
N ALA A 415 -13.91 -39.57 -41.10
CA ALA A 415 -13.49 -38.36 -40.42
C ALA A 415 -14.36 -37.15 -40.74
N GLY A 416 -15.49 -37.35 -41.42
CA GLY A 416 -16.28 -36.22 -41.85
C GLY A 416 -17.61 -36.05 -41.15
N LEU A 417 -18.09 -37.11 -40.50
CA LEU A 417 -19.39 -37.08 -39.85
C LEU A 417 -19.34 -37.22 -38.33
N CYS A 418 -18.17 -37.49 -37.75
CA CYS A 418 -18.07 -37.47 -36.29
C CYS A 418 -18.07 -36.05 -35.75
N ASN A 419 -17.65 -35.09 -36.56
CA ASN A 419 -17.50 -33.72 -36.09
C ASN A 419 -18.87 -33.06 -35.88
N ARG A 420 -18.97 -32.28 -34.81
CA ARG A 420 -20.12 -31.41 -34.59
C ARG A 420 -19.69 -29.98 -34.94
N ALA A 421 -19.73 -29.68 -36.24
CA ALA A 421 -19.25 -28.40 -36.75
C ALA A 421 -20.20 -27.84 -37.77
N VAL A 422 -20.43 -26.53 -37.70
CA VAL A 422 -21.29 -25.79 -38.62
C VAL A 422 -20.57 -24.50 -39.02
N PHE A 423 -21.25 -23.67 -39.81
CA PHE A 423 -20.72 -22.36 -40.20
C PHE A 423 -21.76 -21.26 -40.04
N LYS A 424 -22.73 -21.44 -39.13
CA LYS A 424 -23.79 -20.45 -38.89
C LYS A 424 -24.61 -20.16 -40.13
N GLY A 425 -24.61 -21.08 -41.10
CA GLY A 425 -25.46 -20.97 -42.26
C GLY A 425 -25.05 -19.94 -43.30
N GLY A 426 -25.13 -18.67 -42.92
CA GLY A 426 -24.94 -17.58 -43.87
C GLY A 426 -23.51 -17.19 -44.17
N GLN A 427 -22.81 -18.01 -44.95
CA GLN A 427 -21.45 -17.69 -45.41
C GLN A 427 -21.40 -17.82 -46.92
N ASP A 428 -21.11 -16.71 -47.61
CA ASP A 428 -20.92 -16.69 -49.05
C ASP A 428 -19.66 -15.92 -49.38
N ASN A 429 -18.97 -16.37 -50.43
CA ASN A 429 -17.74 -15.74 -50.93
C ASN A 429 -16.58 -15.90 -49.94
N ILE A 430 -16.86 -16.48 -48.78
CA ILE A 430 -15.81 -16.69 -47.77
C ILE A 430 -15.13 -18.02 -48.05
N PRO A 431 -13.81 -18.05 -48.20
CA PRO A 431 -13.13 -19.32 -48.46
C PRO A 431 -13.35 -20.30 -47.31
N VAL A 432 -13.43 -21.59 -47.66
CA VAL A 432 -13.68 -22.62 -46.66
C VAL A 432 -12.59 -22.63 -45.60
N LEU A 433 -11.36 -22.23 -45.98
CA LEU A 433 -10.26 -22.21 -45.03
C LEU A 433 -10.50 -21.18 -43.94
N LYS A 434 -11.02 -20.00 -44.29
CA LYS A 434 -11.20 -18.91 -43.34
C LYS A 434 -12.61 -18.83 -42.77
N ARG A 435 -13.48 -19.77 -43.11
CA ARG A 435 -14.84 -19.76 -42.58
C ARG A 435 -14.83 -20.08 -41.09
N ASP A 436 -15.56 -19.29 -40.30
CA ASP A 436 -15.62 -19.52 -38.87
C ASP A 436 -16.46 -20.76 -38.56
N VAL A 437 -16.05 -21.49 -37.53
CA VAL A 437 -16.70 -22.74 -37.18
C VAL A 437 -16.98 -22.74 -35.68
N ALA A 438 -18.03 -23.43 -35.28
CA ALA A 438 -18.36 -23.64 -33.87
C ALA A 438 -18.11 -25.10 -33.51
N GLY A 439 -17.28 -25.32 -32.51
CA GLY A 439 -16.96 -26.66 -32.07
C GLY A 439 -15.57 -26.70 -31.46
N ASP A 440 -14.95 -27.87 -31.54
CA ASP A 440 -13.61 -28.08 -31.01
C ASP A 440 -12.59 -27.53 -32.00
N ALA A 441 -11.31 -27.85 -31.77
CA ALA A 441 -10.26 -27.48 -32.71
C ALA A 441 -9.93 -28.63 -33.66
N SER A 442 -9.59 -29.80 -33.10
CA SER A 442 -9.37 -30.99 -33.93
C SER A 442 -10.61 -31.31 -34.75
N GLU A 443 -11.77 -31.29 -34.11
CA GLU A 443 -13.02 -31.18 -34.84
C GLU A 443 -13.08 -29.81 -35.49
N SER A 444 -13.51 -29.80 -36.75
CA SER A 444 -13.52 -28.67 -37.67
C SER A 444 -12.12 -28.35 -38.21
N ALA A 445 -11.06 -28.87 -37.58
CA ALA A 445 -9.80 -28.94 -38.29
C ALA A 445 -9.85 -30.07 -39.31
N LEU A 446 -10.44 -31.19 -38.91
CA LEU A 446 -10.71 -32.27 -39.87
C LEU A 446 -11.67 -31.80 -40.95
N LEU A 447 -12.59 -30.90 -40.63
CA LEU A 447 -13.50 -30.39 -41.65
C LEU A 447 -12.81 -29.43 -42.61
N LYS A 448 -11.92 -28.57 -42.11
CA LYS A 448 -11.08 -27.79 -43.01
C LYS A 448 -10.24 -28.69 -43.91
N CYS A 449 -9.83 -29.85 -43.38
CA CYS A 449 -9.12 -30.82 -44.21
C CYS A 449 -9.99 -31.36 -45.33
N ILE A 450 -11.18 -31.86 -44.97
CA ILE A 450 -12.00 -32.59 -45.93
C ILE A 450 -12.65 -31.65 -46.94
N GLU A 451 -13.04 -30.46 -46.51
CA GLU A 451 -13.81 -29.57 -47.38
C GLU A 451 -13.00 -29.07 -48.57
N LEU A 452 -11.67 -29.18 -48.53
CA LEU A 452 -10.89 -28.88 -49.73
C LEU A 452 -11.04 -29.98 -50.78
N SER A 453 -11.30 -31.21 -50.34
CA SER A 453 -11.51 -32.32 -51.25
C SER A 453 -13.00 -32.54 -51.53
N SER A 454 -13.82 -32.66 -50.50
CA SER A 454 -15.25 -32.81 -50.68
C SER A 454 -15.88 -31.47 -51.03
N GLY A 455 -17.12 -31.54 -51.53
CA GLY A 455 -17.82 -30.34 -51.95
C GLY A 455 -19.19 -30.19 -51.34
N SER A 456 -19.36 -30.60 -50.08
CA SER A 456 -20.65 -30.51 -49.42
C SER A 456 -20.40 -30.39 -47.92
N VAL A 457 -20.57 -29.18 -47.38
CA VAL A 457 -20.41 -28.97 -45.95
C VAL A 457 -21.48 -29.71 -45.18
N LYS A 458 -22.72 -29.70 -45.67
CA LYS A 458 -23.87 -30.20 -44.94
C LYS A 458 -24.68 -31.21 -45.75
N LEU A 459 -24.54 -31.22 -47.08
CA LEU A 459 -25.34 -32.11 -47.93
C LEU A 459 -25.03 -33.57 -47.66
N MET A 460 -23.73 -33.93 -47.61
CA MET A 460 -23.36 -35.31 -47.36
C MET A 460 -23.69 -35.73 -45.93
N ARG A 461 -23.57 -34.80 -44.97
CA ARG A 461 -23.94 -35.12 -43.59
C ARG A 461 -25.44 -35.34 -43.46
N GLU A 462 -26.25 -34.63 -44.26
CA GLU A 462 -27.68 -34.89 -44.29
C GLU A 462 -28.03 -36.13 -45.08
N ARG A 463 -27.16 -36.56 -46.01
CA ARG A 463 -27.44 -37.74 -46.81
C ARG A 463 -27.57 -38.98 -45.92
N ASN A 464 -26.70 -39.11 -44.93
CA ASN A 464 -26.83 -40.11 -43.90
C ASN A 464 -27.41 -39.48 -42.63
N LYS A 465 -27.57 -40.29 -41.60
CA LYS A 465 -27.98 -39.80 -40.29
C LYS A 465 -27.46 -40.77 -39.24
N LYS A 466 -27.02 -40.22 -38.10
CA LYS A 466 -26.45 -41.02 -37.04
C LYS A 466 -27.53 -41.44 -36.04
N VAL A 467 -27.51 -42.72 -35.68
CA VAL A 467 -28.45 -43.25 -34.70
C VAL A 467 -27.85 -43.32 -33.31
N ALA A 468 -26.54 -43.52 -33.19
CA ALA A 468 -25.85 -43.58 -31.90
C ALA A 468 -24.90 -42.40 -31.78
N GLU A 469 -24.71 -41.94 -30.54
CA GLU A 469 -23.85 -40.79 -30.27
C GLU A 469 -23.43 -40.81 -28.81
N ILE A 470 -22.13 -40.81 -28.56
CA ILE A 470 -21.56 -40.63 -27.24
C ILE A 470 -20.63 -39.43 -27.30
N PRO A 471 -20.85 -38.38 -26.51
CA PRO A 471 -19.93 -37.25 -26.53
C PRO A 471 -18.52 -37.67 -26.16
N PHE A 472 -17.54 -37.09 -26.84
CA PHE A 472 -16.16 -37.40 -26.53
C PHE A 472 -15.82 -36.90 -25.13
N ASN A 473 -15.20 -37.77 -24.34
CA ASN A 473 -14.80 -37.44 -22.98
C ASN A 473 -13.32 -37.76 -22.83
N SER A 474 -12.65 -36.98 -21.97
CA SER A 474 -11.20 -37.14 -21.82
C SER A 474 -10.84 -38.52 -21.28
N THR A 475 -11.58 -38.99 -20.27
CA THR A 475 -11.25 -40.27 -19.64
C THR A 475 -11.62 -41.44 -20.54
N ASN A 476 -12.82 -41.41 -21.14
CA ASN A 476 -13.24 -42.51 -21.99
C ASN A 476 -12.46 -42.54 -23.30
N LYS A 477 -12.21 -41.37 -23.88
CA LYS A 477 -11.29 -41.10 -24.99
C LYS A 477 -11.82 -41.57 -26.34
N TYR A 478 -12.97 -42.24 -26.41
CA TYR A 478 -13.50 -42.73 -27.68
C TYR A 478 -14.72 -41.92 -28.10
N GLN A 479 -14.78 -41.59 -29.39
CA GLN A 479 -15.91 -40.90 -29.99
C GLN A 479 -16.60 -41.88 -30.96
N LEU A 480 -17.82 -42.28 -30.62
CA LEU A 480 -18.55 -43.31 -31.35
C LEU A 480 -19.80 -42.71 -31.96
N SER A 481 -20.10 -43.11 -33.20
CA SER A 481 -21.37 -42.81 -33.82
C SER A 481 -21.69 -43.90 -34.84
N ILE A 482 -22.97 -44.21 -34.98
CA ILE A 482 -23.45 -45.25 -35.88
C ILE A 482 -24.17 -44.56 -37.03
N HIS A 483 -23.71 -44.80 -38.26
CA HIS A 483 -24.20 -44.10 -39.43
C HIS A 483 -24.70 -45.08 -40.48
N GLU A 484 -25.72 -44.66 -41.23
CA GLU A 484 -26.24 -45.46 -42.33
C GLU A 484 -25.33 -45.34 -43.55
N THR A 485 -25.17 -46.45 -44.26
CA THR A 485 -24.30 -46.46 -45.44
C THR A 485 -24.97 -45.74 -46.61
N GLU A 486 -24.15 -45.03 -47.39
CA GLU A 486 -24.67 -44.33 -48.56
C GLU A 486 -25.01 -45.27 -49.70
N ASP A 487 -24.43 -46.46 -49.74
CA ASP A 487 -24.68 -47.38 -50.84
C ASP A 487 -26.14 -47.80 -50.84
N PRO A 488 -26.86 -47.63 -51.96
CA PRO A 488 -28.28 -48.02 -51.98
C PRO A 488 -28.50 -49.52 -51.95
N ASN A 489 -27.52 -50.32 -52.36
CA ASN A 489 -27.64 -51.77 -52.32
C ASN A 489 -27.16 -52.34 -50.99
N ASP A 490 -26.08 -51.80 -50.44
CA ASP A 490 -25.53 -52.22 -49.16
C ASP A 490 -25.73 -51.07 -48.17
N ASN A 491 -26.89 -51.03 -47.53
CA ASN A 491 -27.19 -49.98 -46.56
C ASN A 491 -26.83 -50.39 -45.14
N ARG A 492 -25.62 -50.88 -44.94
CA ARG A 492 -25.22 -51.36 -43.63
C ARG A 492 -25.10 -50.20 -42.64
N TYR A 493 -24.76 -50.51 -41.41
CA TYR A 493 -24.56 -49.50 -40.38
C TYR A 493 -23.07 -49.26 -40.20
N LEU A 494 -22.66 -48.01 -40.42
CA LEU A 494 -21.26 -47.65 -40.23
C LEU A 494 -20.95 -47.45 -38.75
N LEU A 495 -19.69 -47.70 -38.40
CA LEU A 495 -19.19 -47.46 -37.06
C LEU A 495 -17.94 -46.60 -37.17
N VAL A 496 -17.76 -45.68 -36.23
CA VAL A 496 -16.66 -44.72 -36.31
C VAL A 496 -15.85 -44.76 -35.02
N MET A 497 -14.59 -44.34 -35.12
CA MET A 497 -13.68 -44.25 -34.00
C MET A 497 -12.96 -42.91 -34.04
N LYS A 498 -12.45 -42.49 -32.89
CA LYS A 498 -11.67 -41.26 -32.76
C LYS A 498 -10.97 -41.22 -31.41
N GLY A 499 -9.68 -40.91 -31.40
CA GLY A 499 -8.96 -40.81 -30.15
C GLY A 499 -7.47 -41.01 -30.38
N ALA A 500 -6.80 -41.43 -29.31
CA ALA A 500 -5.37 -41.68 -29.37
C ALA A 500 -5.09 -42.79 -30.38
N PRO A 501 -4.17 -42.58 -31.33
CA PRO A 501 -3.91 -43.63 -32.32
C PRO A 501 -3.46 -44.95 -31.70
N GLU A 502 -2.63 -44.90 -30.66
CA GLU A 502 -2.17 -46.12 -30.03
C GLU A 502 -3.22 -46.73 -29.11
N ARG A 503 -4.21 -45.94 -28.68
CA ARG A 503 -5.31 -46.45 -27.88
C ARG A 503 -6.39 -47.09 -28.73
N ILE A 504 -6.42 -46.80 -30.02
CA ILE A 504 -7.42 -47.36 -30.93
C ILE A 504 -6.79 -48.49 -31.75
N LEU A 505 -5.47 -48.42 -31.97
CA LEU A 505 -4.80 -49.45 -32.74
C LEU A 505 -5.00 -50.84 -32.12
N ASP A 506 -5.03 -50.93 -30.78
CA ASP A 506 -5.28 -52.21 -30.14
C ASP A 506 -6.73 -52.68 -30.31
N ARG A 507 -7.62 -51.82 -30.80
CA ARG A 507 -9.00 -52.18 -31.06
C ARG A 507 -9.22 -52.65 -32.50
N CYS A 508 -8.17 -52.76 -33.29
CA CYS A 508 -8.27 -53.10 -34.70
C CYS A 508 -7.42 -54.33 -35.00
N SER A 509 -8.00 -55.31 -35.67
CA SER A 509 -7.27 -56.47 -36.17
C SER A 509 -7.23 -56.51 -37.68
N THR A 510 -7.71 -55.48 -38.36
CA THR A 510 -7.71 -55.40 -39.81
C THR A 510 -7.39 -53.96 -40.21
N ILE A 511 -6.93 -53.79 -41.45
CA ILE A 511 -6.49 -52.49 -41.94
C ILE A 511 -6.67 -52.44 -43.45
N LEU A 512 -7.26 -51.35 -43.94
CA LEU A 512 -7.28 -51.13 -45.39
C LEU A 512 -5.87 -50.93 -45.92
N LEU A 513 -5.63 -51.41 -47.14
CA LEU A 513 -4.36 -51.16 -47.82
C LEU A 513 -4.65 -51.08 -49.31
N GLN A 514 -4.43 -49.89 -49.88
CA GLN A 514 -4.58 -49.63 -51.32
C GLN A 514 -5.89 -50.15 -51.89
N GLY A 515 -6.92 -50.26 -51.05
CA GLY A 515 -8.24 -50.56 -51.55
C GLY A 515 -9.03 -51.63 -50.81
N LYS A 516 -8.35 -52.61 -50.22
CA LYS A 516 -9.04 -53.72 -49.59
C LYS A 516 -8.44 -53.99 -48.23
N GLU A 517 -9.27 -54.56 -47.34
CA GLU A 517 -8.84 -54.88 -45.99
C GLU A 517 -7.71 -55.91 -46.01
N GLN A 518 -6.76 -55.75 -45.08
CA GLN A 518 -5.65 -56.67 -44.92
C GLN A 518 -5.62 -57.14 -43.47
N PRO A 519 -5.28 -58.41 -43.22
CA PRO A 519 -5.35 -58.94 -41.85
C PRO A 519 -4.36 -58.27 -40.89
N LEU A 520 -4.40 -58.66 -39.63
CA LEU A 520 -3.53 -58.07 -38.62
C LEU A 520 -2.09 -58.49 -38.89
N ASP A 521 -1.23 -57.53 -39.18
CA ASP A 521 0.17 -57.78 -39.46
C ASP A 521 1.03 -57.25 -38.32
N GLU A 522 1.95 -58.08 -37.83
CA GLU A 522 2.86 -57.63 -36.78
C GLU A 522 3.77 -56.53 -37.29
N GLU A 523 4.20 -56.61 -38.55
CA GLU A 523 4.98 -55.54 -39.14
C GLU A 523 4.16 -54.26 -39.27
N MET A 524 2.83 -54.38 -39.37
CA MET A 524 2.00 -53.20 -39.49
C MET A 524 2.05 -52.36 -38.21
N LYS A 525 2.10 -53.03 -37.05
CA LYS A 525 2.23 -52.30 -35.79
C LYS A 525 3.55 -51.52 -35.73
N GLU A 526 4.64 -52.14 -36.17
CA GLU A 526 5.92 -51.44 -36.20
C GLU A 526 5.90 -50.27 -37.17
N ALA A 527 5.28 -50.45 -38.34
CA ALA A 527 5.16 -49.35 -39.29
C ALA A 527 4.33 -48.22 -38.71
N PHE A 528 3.24 -48.56 -38.00
CA PHE A 528 2.42 -47.54 -37.35
C PHE A 528 3.21 -46.79 -36.29
N GLN A 529 3.99 -47.50 -35.49
CA GLN A 529 4.80 -46.84 -34.47
C GLN A 529 5.84 -45.91 -35.10
N ASN A 530 6.48 -46.37 -36.18
CA ASN A 530 7.47 -45.53 -36.86
C ASN A 530 6.81 -44.29 -37.45
N ALA A 531 5.63 -44.44 -38.05
CA ALA A 531 4.92 -43.29 -38.60
C ALA A 531 4.51 -42.33 -37.50
N TYR A 532 4.05 -42.86 -36.36
CA TYR A 532 3.70 -42.00 -35.22
C TYR A 532 4.91 -41.24 -34.73
N LEU A 533 6.06 -41.90 -34.63
CA LEU A 533 7.28 -41.21 -34.23
C LEU A 533 7.66 -40.11 -35.22
N GLU A 534 7.55 -40.42 -36.52
CA GLU A 534 7.89 -39.43 -37.54
C GLU A 534 6.98 -38.22 -37.46
N LEU A 535 5.68 -38.44 -37.27
CA LEU A 535 4.73 -37.32 -37.21
C LEU A 535 4.81 -36.57 -35.89
N GLY A 536 5.18 -37.22 -34.79
CA GLY A 536 5.32 -36.52 -33.52
C GLY A 536 6.61 -35.77 -33.39
N GLY A 537 7.66 -36.21 -34.09
CA GLY A 537 8.93 -35.50 -34.03
C GLY A 537 8.87 -34.09 -34.60
N LEU A 538 7.81 -33.78 -35.35
CA LEU A 538 7.62 -32.46 -35.92
C LEU A 538 6.78 -31.55 -35.04
N GLY A 539 6.57 -31.92 -33.78
CA GLY A 539 5.73 -31.14 -32.89
C GLY A 539 4.27 -31.13 -33.31
N GLU A 540 3.73 -32.28 -33.68
CA GLU A 540 2.40 -32.38 -34.22
C GLU A 540 1.57 -33.38 -33.42
N ARG A 541 0.27 -33.14 -33.35
CA ARG A 541 -0.66 -34.08 -32.74
C ARG A 541 -1.45 -34.78 -33.83
N VAL A 542 -1.66 -36.08 -33.67
CA VAL A 542 -2.33 -36.89 -34.67
C VAL A 542 -3.55 -37.56 -34.04
N LEU A 543 -4.51 -37.90 -34.89
CA LEU A 543 -5.75 -38.54 -34.46
C LEU A 543 -5.92 -39.83 -35.26
N GLY A 544 -5.98 -40.95 -34.54
CA GLY A 544 -6.12 -42.24 -35.19
C GLY A 544 -7.54 -42.75 -35.17
N PHE A 545 -8.16 -42.86 -36.33
CA PHE A 545 -9.57 -43.22 -36.45
C PHE A 545 -9.77 -44.32 -37.48
N CYS A 546 -10.85 -45.08 -37.30
CA CYS A 546 -11.11 -46.26 -38.11
C CYS A 546 -12.61 -46.53 -38.16
N HIS A 547 -13.03 -47.21 -39.23
CA HIS A 547 -14.44 -47.46 -39.49
C HIS A 547 -14.67 -48.95 -39.73
N TYR A 548 -15.86 -49.40 -39.33
CA TYR A 548 -16.28 -50.79 -39.54
C TYR A 548 -17.75 -50.82 -39.89
N TYR A 549 -18.08 -51.61 -40.91
CA TYR A 549 -19.48 -51.80 -41.31
C TYR A 549 -20.11 -52.89 -40.46
N LEU A 550 -21.25 -52.59 -39.85
CA LEU A 550 -21.97 -53.60 -39.11
C LEU A 550 -22.51 -54.67 -40.06
N PRO A 551 -22.43 -55.93 -39.69
CA PRO A 551 -22.95 -56.99 -40.58
C PRO A 551 -24.43 -56.82 -40.84
N GLU A 552 -24.83 -57.08 -42.08
CA GLU A 552 -26.20 -56.83 -42.51
C GLU A 552 -27.15 -57.89 -41.97
N GLU A 553 -26.76 -59.16 -42.00
CA GLU A 553 -27.61 -60.24 -41.55
C GLU A 553 -27.53 -60.48 -40.05
N GLN A 554 -26.34 -60.33 -39.46
CA GLN A 554 -26.21 -60.50 -38.01
C GLN A 554 -27.00 -59.42 -37.26
N PHE A 555 -26.92 -58.17 -37.73
CA PHE A 555 -27.67 -57.08 -37.11
C PHE A 555 -28.81 -56.68 -38.03
N PRO A 556 -30.06 -56.97 -37.68
CA PRO A 556 -31.18 -56.57 -38.53
C PRO A 556 -31.25 -55.07 -38.69
N LYS A 557 -31.77 -54.63 -39.84
CA LYS A 557 -31.76 -53.22 -40.20
C LYS A 557 -32.93 -52.45 -39.59
N GLY A 558 -33.20 -52.70 -38.30
CA GLY A 558 -34.21 -51.96 -37.56
C GLY A 558 -33.83 -51.84 -36.10
N PHE A 559 -32.67 -52.39 -35.75
CA PHE A 559 -32.28 -52.50 -34.35
C PHE A 559 -32.02 -51.12 -33.74
N ALA A 560 -32.50 -50.93 -32.52
CA ALA A 560 -32.23 -49.69 -31.80
C ALA A 560 -30.82 -49.70 -31.25
N PHE A 561 -30.08 -48.61 -31.51
CA PHE A 561 -28.69 -48.50 -31.08
C PHE A 561 -28.66 -47.99 -29.65
N ASP A 562 -28.35 -48.88 -28.71
CA ASP A 562 -28.33 -48.50 -27.30
C ASP A 562 -27.10 -47.65 -27.01
N CYS A 563 -27.21 -46.83 -25.96
CA CYS A 563 -26.14 -45.92 -25.55
C CYS A 563 -25.41 -46.41 -24.30
N ASP A 564 -26.14 -46.71 -23.23
CA ASP A 564 -25.51 -47.16 -21.99
C ASP A 564 -24.88 -48.53 -22.18
N ASP A 565 -25.69 -49.53 -22.49
CA ASP A 565 -25.20 -50.90 -22.69
C ASP A 565 -24.78 -51.03 -24.16
N VAL A 566 -23.48 -51.05 -24.39
CA VAL A 566 -22.97 -51.16 -25.75
C VAL A 566 -23.18 -52.59 -26.24
N ASN A 567 -23.96 -52.73 -27.31
CA ASN A 567 -24.17 -54.03 -27.95
C ASN A 567 -23.41 -54.18 -29.26
N PHE A 568 -23.15 -53.07 -29.96
CA PHE A 568 -22.35 -53.12 -31.17
C PHE A 568 -20.92 -53.49 -30.84
N THR A 569 -20.30 -54.28 -31.71
CA THR A 569 -18.95 -54.76 -31.49
C THR A 569 -17.96 -53.61 -31.67
N THR A 570 -17.25 -53.25 -30.60
CA THR A 570 -16.25 -52.18 -30.63
C THR A 570 -14.85 -52.70 -30.32
N ASP A 571 -14.63 -54.02 -30.45
CA ASP A 571 -13.34 -54.61 -30.14
C ASP A 571 -12.61 -55.16 -31.35
N ASN A 572 -13.30 -55.44 -32.45
CA ASN A 572 -12.70 -55.97 -33.67
C ASN A 572 -13.20 -55.13 -34.84
N LEU A 573 -12.51 -54.03 -35.11
CA LEU A 573 -12.81 -53.14 -36.21
C LEU A 573 -11.61 -53.14 -37.15
N CYS A 574 -11.68 -52.32 -38.19
CA CYS A 574 -10.56 -52.21 -39.12
C CYS A 574 -9.75 -50.96 -38.77
N PHE A 575 -8.92 -50.48 -39.70
CA PHE A 575 -8.08 -49.32 -39.46
C PHE A 575 -7.93 -48.58 -40.79
N VAL A 576 -8.42 -47.35 -40.85
CA VAL A 576 -8.26 -46.54 -42.06
C VAL A 576 -6.91 -45.86 -42.08
N GLY A 577 -6.65 -45.00 -41.09
CA GLY A 577 -5.39 -44.29 -41.02
C GLY A 577 -5.45 -43.23 -39.94
N LEU A 578 -4.53 -42.27 -40.04
CA LEU A 578 -4.45 -41.16 -39.10
C LEU A 578 -3.91 -39.93 -39.83
N MET A 579 -4.21 -38.75 -39.29
CA MET A 579 -3.75 -37.52 -39.90
C MET A 579 -3.24 -36.57 -38.83
N SER A 580 -2.33 -35.68 -39.24
CA SER A 580 -1.65 -34.74 -38.36
C SER A 580 -2.35 -33.39 -38.35
N MET A 581 -2.25 -32.70 -37.22
CA MET A 581 -3.04 -31.50 -36.95
C MET A 581 -2.20 -30.40 -36.31
N ILE A 582 -1.07 -30.05 -36.94
CA ILE A 582 -0.06 -29.16 -36.37
C ILE A 582 -0.68 -27.95 -35.68
N ASP A 583 -0.28 -27.72 -34.43
CA ASP A 583 -0.71 -26.56 -33.65
C ASP A 583 0.52 -25.78 -33.22
N PRO A 584 0.85 -24.66 -33.86
CA PRO A 584 2.07 -23.94 -33.51
C PRO A 584 1.96 -23.30 -32.14
N PRO A 585 3.07 -23.18 -31.41
CA PRO A 585 3.02 -22.56 -30.08
C PRO A 585 2.76 -21.07 -30.17
N ARG A 586 2.33 -20.52 -29.03
CA ARG A 586 2.06 -19.09 -28.96
C ARG A 586 3.34 -18.29 -29.10
N ALA A 587 3.20 -17.04 -29.54
CA ALA A 587 4.36 -16.22 -29.84
C ALA A 587 5.13 -15.84 -28.58
N ALA A 588 4.44 -15.43 -27.52
CA ALA A 588 5.07 -14.92 -26.33
C ALA A 588 5.33 -15.98 -25.27
N VAL A 589 5.17 -17.26 -25.62
CA VAL A 589 5.31 -18.35 -24.66
C VAL A 589 6.79 -18.70 -24.40
N PRO A 590 7.66 -18.84 -25.42
CA PRO A 590 9.07 -19.14 -25.11
C PRO A 590 9.73 -18.10 -24.23
N ASP A 591 9.42 -16.83 -24.43
CA ASP A 591 9.96 -15.78 -23.58
C ASP A 591 9.48 -15.95 -22.14
N ALA A 592 8.20 -16.30 -21.97
CA ALA A 592 7.67 -16.51 -20.63
C ALA A 592 8.32 -17.71 -19.95
N VAL A 593 8.58 -18.77 -20.71
CA VAL A 593 9.26 -19.94 -20.13
C VAL A 593 10.68 -19.58 -19.74
N GLY A 594 11.37 -18.77 -20.55
CA GLY A 594 12.69 -18.30 -20.17
C GLY A 594 12.67 -17.46 -18.91
N LYS A 595 11.69 -16.57 -18.80
CA LYS A 595 11.55 -15.75 -17.61
C LYS A 595 11.29 -16.60 -16.37
N CYS A 596 10.47 -17.64 -16.51
CA CYS A 596 10.26 -18.56 -15.41
C CYS A 596 11.55 -19.29 -15.05
N ARG A 597 12.32 -19.70 -16.06
CA ARG A 597 13.56 -20.42 -15.79
C ARG A 597 14.56 -19.55 -15.04
N SER A 598 14.67 -18.28 -15.40
CA SER A 598 15.59 -17.40 -14.70
C SER A 598 15.08 -17.01 -13.32
N ALA A 599 13.78 -17.07 -13.10
CA ALA A 599 13.18 -16.67 -11.82
C ALA A 599 13.05 -17.82 -10.84
N GLY A 600 13.56 -19.00 -11.16
CA GLY A 600 13.50 -20.12 -10.25
C GLY A 600 12.16 -20.79 -10.14
N ILE A 601 11.28 -20.58 -11.12
CA ILE A 601 9.95 -21.19 -11.13
C ILE A 601 10.03 -22.46 -11.97
N LYS A 602 9.67 -23.59 -11.38
CA LYS A 602 9.75 -24.87 -12.07
C LYS A 602 8.45 -25.11 -12.84
N VAL A 603 8.55 -25.16 -14.16
CA VAL A 603 7.39 -25.36 -15.01
C VAL A 603 7.23 -26.84 -15.31
N ILE A 604 6.04 -27.36 -15.05
CA ILE A 604 5.69 -28.76 -15.32
C ILE A 604 4.53 -28.76 -16.29
N MET A 605 4.65 -29.54 -17.36
CA MET A 605 3.58 -29.68 -18.33
C MET A 605 2.80 -30.96 -18.03
N VAL A 606 1.51 -30.81 -17.74
CA VAL A 606 0.64 -31.96 -17.56
C VAL A 606 -0.35 -31.98 -18.72
N THR A 607 0.00 -32.68 -19.78
CA THR A 607 -0.79 -32.72 -21.00
C THR A 607 -1.66 -33.96 -21.02
N GLY A 608 -2.31 -34.20 -22.16
CA GLY A 608 -3.19 -35.34 -22.29
C GLY A 608 -3.08 -36.07 -23.60
N ASP A 609 -1.88 -36.07 -24.20
CA ASP A 609 -1.68 -36.78 -25.46
C ASP A 609 -0.37 -37.54 -25.39
N HIS A 610 0.08 -38.03 -26.55
CA HIS A 610 1.16 -39.00 -26.61
C HIS A 610 2.47 -38.41 -26.10
N PRO A 611 3.32 -39.24 -25.48
CA PRO A 611 4.60 -38.73 -24.97
C PRO A 611 5.51 -38.14 -26.03
N ILE A 612 5.50 -38.66 -27.26
CA ILE A 612 6.44 -38.15 -28.26
C ILE A 612 6.06 -36.74 -28.68
N THR A 613 4.78 -36.49 -28.93
CA THR A 613 4.35 -35.15 -29.31
C THR A 613 4.44 -34.18 -28.14
N ALA A 614 4.20 -34.67 -26.91
CA ALA A 614 4.37 -33.82 -25.73
C ALA A 614 5.83 -33.42 -25.57
N LYS A 615 6.75 -34.36 -25.74
CA LYS A 615 8.18 -34.05 -25.66
C LYS A 615 8.59 -33.09 -26.77
N ALA A 616 8.07 -33.29 -27.98
CA ALA A 616 8.40 -32.40 -29.09
C ALA A 616 7.93 -30.98 -28.82
N ILE A 617 6.69 -30.82 -28.34
CA ILE A 617 6.20 -29.47 -28.10
C ILE A 617 6.90 -28.84 -26.89
N ALA A 618 7.29 -29.66 -25.90
CA ALA A 618 8.08 -29.14 -24.80
C ALA A 618 9.43 -28.63 -25.29
N LYS A 619 10.08 -29.38 -26.16
CA LYS A 619 11.38 -28.95 -26.70
C LYS A 619 11.23 -27.69 -27.53
N GLY A 620 10.17 -27.61 -28.33
CA GLY A 620 9.94 -26.40 -29.12
C GLY A 620 9.67 -25.18 -28.26
N VAL A 621 8.83 -25.34 -27.23
CA VAL A 621 8.53 -24.23 -26.33
C VAL A 621 9.75 -23.84 -25.53
N GLY A 622 10.40 -24.82 -24.91
CA GLY A 622 11.53 -24.55 -24.04
C GLY A 622 11.39 -25.14 -22.65
N ILE A 623 10.35 -25.95 -22.44
CA ILE A 623 10.18 -26.62 -21.16
C ILE A 623 11.35 -27.58 -20.92
N ILE A 624 11.74 -28.32 -21.95
CA ILE A 624 12.94 -29.15 -21.92
C ILE A 624 14.04 -28.36 -22.62
N SER A 625 14.94 -27.78 -21.85
CA SER A 625 15.96 -26.90 -22.40
C SER A 625 16.98 -27.68 -23.22
N GLU A 626 17.73 -26.94 -24.04
CA GLU A 626 18.76 -27.56 -24.86
C GLU A 626 19.88 -28.10 -23.99
N GLY A 627 20.49 -29.19 -24.42
CA GLY A 627 21.55 -29.84 -23.67
C GLY A 627 21.07 -30.72 -22.55
N ASN A 628 19.77 -30.81 -22.32
CA ASN A 628 19.19 -31.66 -21.29
C ASN A 628 18.43 -32.80 -21.96
N GLU A 629 18.70 -34.02 -21.52
CA GLU A 629 18.22 -35.21 -22.20
C GLU A 629 17.56 -36.16 -21.21
N THR A 630 16.60 -36.94 -21.71
CA THR A 630 15.91 -37.93 -20.91
C THR A 630 16.60 -39.29 -21.01
N VAL A 631 16.14 -40.23 -20.18
CA VAL A 631 16.82 -41.52 -20.07
C VAL A 631 16.70 -42.31 -21.38
N GLU A 632 15.57 -42.21 -22.06
CA GLU A 632 15.39 -42.96 -23.30
C GLU A 632 16.25 -42.40 -24.42
N ASP A 633 16.32 -41.07 -24.53
CA ASP A 633 17.19 -40.46 -25.53
C ASP A 633 18.66 -40.74 -25.22
N ILE A 634 19.02 -40.72 -23.93
CA ILE A 634 20.39 -41.05 -23.54
C ILE A 634 20.72 -42.49 -23.91
N ALA A 635 19.79 -43.42 -23.66
CA ALA A 635 20.02 -44.81 -24.02
C ALA A 635 20.15 -44.98 -25.53
N ALA A 636 19.30 -44.29 -26.29
CA ALA A 636 19.39 -44.35 -27.74
C ALA A 636 20.73 -43.81 -28.24
N ARG A 637 21.21 -42.73 -27.62
CA ARG A 637 22.53 -42.20 -27.97
C ARG A 637 23.63 -43.21 -27.66
N LEU A 638 23.54 -43.88 -26.52
CA LEU A 638 24.54 -44.86 -26.12
C LEU A 638 24.24 -46.27 -26.60
N ASN A 639 23.10 -46.48 -27.26
CA ASN A 639 22.69 -47.81 -27.74
C ASN A 639 22.71 -48.83 -26.61
N ILE A 640 22.24 -48.41 -25.45
CA ILE A 640 22.27 -49.20 -24.22
C ILE A 640 20.84 -49.53 -23.83
N PRO A 641 20.57 -50.72 -23.27
CA PRO A 641 19.22 -50.99 -22.76
C PRO A 641 18.82 -49.97 -21.71
N VAL A 642 17.56 -49.53 -21.77
CA VAL A 642 17.08 -48.48 -20.88
C VAL A 642 17.04 -48.95 -19.43
N SER A 643 16.98 -50.25 -19.19
CA SER A 643 16.90 -50.75 -17.82
C SER A 643 18.17 -50.44 -17.03
N GLN A 644 19.34 -50.60 -17.66
CA GLN A 644 20.61 -50.42 -16.99
C GLN A 644 21.17 -49.00 -17.10
N VAL A 645 20.40 -48.08 -17.69
CA VAL A 645 20.84 -46.69 -17.76
C VAL A 645 20.72 -46.05 -16.38
N ASN A 646 21.80 -45.41 -15.94
CA ASN A 646 21.78 -44.75 -14.64
C ASN A 646 20.86 -43.53 -14.70
N PRO A 647 19.91 -43.41 -13.77
CA PRO A 647 18.96 -42.29 -13.84
C PRO A 647 19.53 -40.95 -13.38
N ARG A 648 20.72 -40.93 -12.77
CA ARG A 648 21.30 -39.69 -12.30
C ARG A 648 21.97 -38.89 -13.41
N ASP A 649 22.06 -39.44 -14.62
CA ASP A 649 22.62 -38.74 -15.76
C ASP A 649 21.57 -37.99 -16.58
N ALA A 650 20.30 -38.08 -16.20
CA ALA A 650 19.22 -37.42 -16.91
C ALA A 650 18.44 -36.56 -15.92
N LYS A 651 18.17 -35.31 -16.32
CA LYS A 651 17.40 -34.40 -15.49
C LYS A 651 16.01 -34.10 -16.05
N ALA A 652 15.69 -34.59 -17.24
CA ALA A 652 14.36 -34.42 -17.83
C ALA A 652 13.70 -35.78 -17.97
N CYS A 653 12.40 -35.85 -17.67
CA CYS A 653 11.67 -37.10 -17.72
C CYS A 653 10.29 -36.88 -18.31
N VAL A 654 9.77 -37.94 -18.93
CA VAL A 654 8.42 -37.96 -19.49
C VAL A 654 7.67 -39.11 -18.83
N ILE A 655 6.56 -38.79 -18.16
CA ILE A 655 5.80 -39.75 -17.37
C ILE A 655 4.48 -40.02 -18.10
N HIS A 656 4.25 -41.28 -18.44
CA HIS A 656 2.98 -41.68 -19.04
C HIS A 656 1.90 -41.74 -17.98
N GLY A 657 0.68 -41.39 -18.38
CA GLY A 657 -0.42 -41.36 -17.43
C GLY A 657 -0.79 -42.74 -16.92
N THR A 658 -0.73 -43.76 -17.78
CA THR A 658 -1.08 -45.11 -17.37
C THR A 658 -0.15 -45.61 -16.27
N ASP A 659 1.15 -45.36 -16.41
CA ASP A 659 2.10 -45.73 -15.37
C ASP A 659 1.91 -44.94 -14.09
N LEU A 660 1.28 -43.76 -14.17
CA LEU A 660 1.09 -42.92 -13.00
C LEU A 660 0.05 -43.47 -12.04
N LYS A 661 -0.88 -44.30 -12.53
CA LYS A 661 -1.90 -44.87 -11.64
C LYS A 661 -1.29 -45.89 -10.68
N ASP A 662 -0.20 -46.53 -11.07
CA ASP A 662 0.46 -47.54 -10.25
C ASP A 662 1.63 -47.00 -9.44
N PHE A 663 1.87 -45.70 -9.47
CA PHE A 663 2.98 -45.10 -8.74
C PHE A 663 2.50 -44.64 -7.37
N THR A 664 3.33 -44.89 -6.36
CA THR A 664 3.00 -44.54 -4.98
C THR A 664 3.44 -43.12 -4.67
N SER A 665 3.13 -42.66 -3.45
CA SER A 665 3.44 -41.30 -3.06
C SER A 665 4.96 -41.06 -3.01
N GLU A 666 5.71 -42.04 -2.50
CA GLU A 666 7.16 -41.88 -2.45
C GLU A 666 7.77 -41.84 -3.85
N GLN A 667 7.23 -42.64 -4.77
CA GLN A 667 7.73 -42.62 -6.14
C GLN A 667 7.44 -41.28 -6.80
N ILE A 668 6.25 -40.72 -6.59
CA ILE A 668 5.94 -39.40 -7.13
C ILE A 668 6.86 -38.35 -6.53
N ASP A 669 7.09 -38.43 -5.22
CA ASP A 669 7.96 -37.46 -4.57
C ASP A 669 9.37 -37.51 -5.13
N GLU A 670 9.91 -38.72 -5.32
CA GLU A 670 11.27 -38.81 -5.85
C GLU A 670 11.33 -38.40 -7.31
N ILE A 671 10.30 -38.69 -8.09
CA ILE A 671 10.27 -38.24 -9.48
C ILE A 671 10.30 -36.72 -9.54
N LEU A 672 9.50 -36.07 -8.69
CA LEU A 672 9.49 -34.60 -8.68
C LEU A 672 10.79 -34.04 -8.15
N GLN A 673 11.41 -34.70 -7.17
CA GLN A 673 12.59 -34.14 -6.52
C GLN A 673 13.85 -34.29 -7.36
N ASN A 674 14.07 -35.45 -7.96
CA ASN A 674 15.31 -35.71 -8.70
C ASN A 674 15.23 -35.33 -10.17
N HIS A 675 14.20 -34.62 -10.61
CA HIS A 675 14.15 -34.05 -11.95
C HIS A 675 13.82 -32.56 -11.88
N THR A 676 14.29 -31.82 -12.88
CA THR A 676 14.02 -30.40 -12.98
C THR A 676 13.13 -30.02 -14.14
N GLU A 677 13.04 -30.86 -15.17
CA GLU A 677 12.23 -30.59 -16.36
C GLU A 677 11.32 -31.81 -16.56
N ILE A 678 10.08 -31.70 -16.07
CA ILE A 678 9.16 -32.82 -16.01
C ILE A 678 7.96 -32.54 -16.91
N VAL A 679 7.51 -33.56 -17.62
CA VAL A 679 6.25 -33.52 -18.35
C VAL A 679 5.46 -34.78 -18.02
N PHE A 680 4.14 -34.67 -18.02
CA PHE A 680 3.23 -35.77 -17.75
C PHE A 680 2.33 -35.95 -18.96
N ALA A 681 2.57 -37.01 -19.72
CA ALA A 681 1.88 -37.21 -20.99
C ALA A 681 0.72 -38.18 -20.83
N ARG A 682 -0.39 -37.85 -21.49
CA ARG A 682 -1.59 -38.69 -21.55
C ARG A 682 -2.13 -38.98 -20.13
N THR A 683 -2.45 -37.90 -19.43
CA THR A 683 -3.01 -37.98 -18.08
C THR A 683 -4.42 -37.42 -18.07
N SER A 684 -5.16 -37.78 -17.03
CA SER A 684 -6.51 -37.31 -16.78
C SER A 684 -6.53 -36.35 -15.59
N PRO A 685 -7.57 -35.52 -15.46
CA PRO A 685 -7.57 -34.51 -14.40
C PRO A 685 -7.44 -35.06 -12.98
N GLN A 686 -7.89 -36.29 -12.73
CA GLN A 686 -7.63 -36.90 -11.43
C GLN A 686 -6.13 -37.05 -11.19
N GLN A 687 -5.40 -37.50 -12.20
CA GLN A 687 -3.95 -37.51 -12.11
C GLN A 687 -3.40 -36.09 -11.95
N LYS A 688 -4.04 -35.10 -12.56
CA LYS A 688 -3.60 -33.73 -12.36
C LYS A 688 -3.70 -33.34 -10.88
N LEU A 689 -4.77 -33.78 -10.21
CA LEU A 689 -4.85 -33.63 -8.77
C LEU A 689 -3.68 -34.35 -8.10
N ILE A 690 -3.31 -35.52 -8.62
CA ILE A 690 -2.21 -36.28 -8.02
C ILE A 690 -0.91 -35.47 -8.03
N ILE A 691 -0.54 -34.93 -9.20
CA ILE A 691 0.68 -34.11 -9.26
C ILE A 691 0.53 -32.84 -8.43
N VAL A 692 -0.65 -32.21 -8.45
CA VAL A 692 -0.83 -30.98 -7.69
C VAL A 692 -0.59 -31.24 -6.20
N GLU A 693 -1.16 -32.33 -5.68
CA GLU A 693 -0.96 -32.67 -4.28
C GLU A 693 0.49 -33.04 -4.00
N GLY A 694 1.12 -33.80 -4.89
CA GLY A 694 2.47 -34.25 -4.63
C GLY A 694 3.55 -33.21 -4.85
N CYS A 695 3.24 -32.09 -5.49
CA CYS A 695 4.25 -31.10 -5.79
C CYS A 695 4.41 -30.05 -4.69
N GLN A 696 3.41 -29.87 -3.84
CA GLN A 696 3.53 -28.94 -2.71
C GLN A 696 3.96 -29.62 -1.44
N ARG A 697 4.25 -30.92 -1.47
CA ARG A 697 4.75 -31.62 -0.29
C ARG A 697 6.20 -31.28 0.02
N GLN A 698 6.88 -30.54 -0.86
CA GLN A 698 8.24 -30.10 -0.64
C GLN A 698 8.32 -28.57 -0.64
N GLY A 699 7.38 -27.92 0.02
CA GLY A 699 7.44 -26.48 0.22
C GLY A 699 7.35 -25.66 -1.04
N ALA A 700 6.40 -25.99 -1.91
CA ALA A 700 6.18 -25.26 -3.15
C ALA A 700 4.79 -24.64 -3.15
N ILE A 701 4.67 -23.49 -3.81
CA ILE A 701 3.38 -22.83 -3.99
C ILE A 701 3.00 -23.08 -5.44
N VAL A 702 2.26 -24.16 -5.67
CA VAL A 702 2.02 -24.66 -7.02
C VAL A 702 0.73 -24.05 -7.55
N ALA A 703 0.81 -23.50 -8.76
CA ALA A 703 -0.34 -22.94 -9.46
C ALA A 703 -0.63 -23.80 -10.68
N VAL A 704 -1.86 -24.29 -10.80
CA VAL A 704 -2.24 -25.22 -11.85
C VAL A 704 -3.33 -24.59 -12.69
N THR A 705 -3.41 -25.02 -13.95
CA THR A 705 -4.41 -24.54 -14.89
C THR A 705 -5.37 -25.65 -15.23
N GLY A 706 -6.66 -25.32 -15.31
CA GLY A 706 -7.67 -26.31 -15.64
C GLY A 706 -8.88 -25.64 -16.25
N ASP A 707 -9.60 -26.41 -17.08
CA ASP A 707 -10.80 -25.91 -17.74
C ASP A 707 -11.98 -26.86 -17.68
N GLY A 708 -11.78 -28.15 -17.46
CA GLY A 708 -12.88 -29.09 -17.46
C GLY A 708 -13.62 -29.13 -16.14
N VAL A 709 -14.73 -29.87 -16.16
CA VAL A 709 -15.51 -30.07 -14.94
C VAL A 709 -14.72 -30.90 -13.94
N ASN A 710 -13.94 -31.86 -14.43
CA ASN A 710 -13.23 -32.80 -13.58
C ASN A 710 -11.92 -32.23 -13.02
N ASP A 711 -11.54 -31.02 -13.42
CA ASP A 711 -10.34 -30.37 -12.93
C ASP A 711 -10.56 -29.62 -11.62
N SER A 712 -11.81 -29.50 -11.16
CA SER A 712 -12.11 -28.66 -10.00
C SER A 712 -11.38 -29.07 -8.73
N PRO A 713 -11.32 -30.34 -8.34
CA PRO A 713 -10.55 -30.68 -7.14
C PRO A 713 -9.08 -30.30 -7.22
N ALA A 714 -8.48 -30.41 -8.41
CA ALA A 714 -7.09 -29.99 -8.57
C ALA A 714 -6.94 -28.48 -8.37
N LEU A 715 -7.88 -27.71 -8.91
CA LEU A 715 -7.82 -26.25 -8.72
C LEU A 715 -8.02 -25.87 -7.27
N LYS A 716 -8.94 -26.55 -6.57
CA LYS A 716 -9.16 -26.25 -5.16
C LYS A 716 -7.97 -26.64 -4.30
N LYS A 717 -7.32 -27.77 -4.63
CA LYS A 717 -6.19 -28.22 -3.84
C LYS A 717 -4.97 -27.33 -4.06
N ALA A 718 -4.74 -26.88 -5.29
CA ALA A 718 -3.58 -26.06 -5.58
C ALA A 718 -3.69 -24.70 -4.90
N ASP A 719 -2.54 -24.09 -4.64
CA ASP A 719 -2.53 -22.79 -3.97
C ASP A 719 -3.20 -21.72 -4.82
N ILE A 720 -2.93 -21.70 -6.12
CA ILE A 720 -3.56 -20.76 -7.04
C ILE A 720 -4.17 -21.57 -8.17
N GLY A 721 -5.50 -21.58 -8.24
CA GLY A 721 -6.18 -22.26 -9.33
C GLY A 721 -6.43 -21.31 -10.47
N VAL A 722 -5.91 -21.64 -11.65
CA VAL A 722 -6.04 -20.78 -12.83
C VAL A 722 -7.05 -21.41 -13.76
N ALA A 723 -8.16 -20.72 -13.98
CA ALA A 723 -9.16 -21.17 -14.93
C ALA A 723 -8.85 -20.56 -16.30
N MET A 724 -9.76 -20.75 -17.26
CA MET A 724 -9.62 -20.21 -18.59
C MET A 724 -10.83 -19.35 -18.91
N GLY A 725 -10.59 -18.18 -19.50
CA GLY A 725 -11.66 -17.23 -19.74
C GLY A 725 -12.38 -17.41 -21.06
N ILE A 726 -11.74 -18.07 -22.03
CA ILE A 726 -12.34 -18.26 -23.35
C ILE A 726 -12.51 -19.73 -23.71
N ALA A 727 -12.08 -20.65 -22.87
CA ALA A 727 -12.28 -22.07 -23.15
C ALA A 727 -12.65 -22.89 -21.92
N GLY A 728 -12.83 -22.26 -20.77
CA GLY A 728 -13.09 -22.98 -19.53
C GLY A 728 -14.57 -23.09 -19.21
N SER A 729 -14.94 -24.21 -18.61
CA SER A 729 -16.31 -24.41 -18.17
C SER A 729 -16.60 -23.55 -16.95
N ASP A 730 -17.89 -23.30 -16.71
CA ASP A 730 -18.28 -22.44 -15.60
C ASP A 730 -17.91 -23.05 -14.25
N VAL A 731 -17.89 -24.39 -14.15
CA VAL A 731 -17.52 -25.03 -12.89
C VAL A 731 -16.08 -24.70 -12.53
N SER A 732 -15.16 -24.88 -13.49
CA SER A 732 -13.76 -24.53 -13.24
C SER A 732 -13.60 -23.03 -13.04
N LYS A 733 -14.34 -22.23 -13.81
CA LYS A 733 -14.24 -20.78 -13.69
C LYS A 733 -14.67 -20.28 -12.32
N GLN A 734 -15.63 -20.95 -11.69
CA GLN A 734 -16.10 -20.55 -10.37
C GLN A 734 -15.37 -21.27 -9.23
N ALA A 735 -14.64 -22.34 -9.52
CA ALA A 735 -13.90 -23.07 -8.50
C ALA A 735 -12.45 -22.62 -8.38
N ALA A 736 -12.04 -21.59 -9.12
CA ALA A 736 -10.66 -21.15 -9.16
C ALA A 736 -10.51 -19.79 -8.49
N ASP A 737 -9.26 -19.44 -8.17
CA ASP A 737 -8.93 -18.17 -7.56
C ASP A 737 -8.38 -17.16 -8.57
N MET A 738 -8.43 -17.49 -9.86
CA MET A 738 -7.72 -16.74 -10.87
C MET A 738 -8.19 -17.15 -12.26
N ILE A 739 -8.54 -16.19 -13.11
CA ILE A 739 -9.08 -16.46 -14.44
C ILE A 739 -8.15 -15.80 -15.47
N LEU A 740 -7.72 -16.60 -16.44
CA LEU A 740 -6.96 -16.07 -17.57
C LEU A 740 -7.94 -15.53 -18.61
N LEU A 741 -7.98 -14.21 -18.78
CA LEU A 741 -8.87 -13.63 -19.77
C LEU A 741 -8.54 -14.13 -21.17
N ASP A 742 -7.26 -14.43 -21.43
CA ASP A 742 -6.84 -15.20 -22.57
C ASP A 742 -5.91 -16.30 -22.09
N ASP A 743 -5.94 -17.44 -22.78
CA ASP A 743 -5.17 -18.61 -22.35
C ASP A 743 -3.81 -18.54 -23.03
N ASN A 744 -2.85 -17.92 -22.37
CA ASN A 744 -1.57 -17.62 -23.00
C ASN A 744 -0.36 -18.20 -22.29
N PHE A 745 -0.41 -18.36 -20.96
CA PHE A 745 0.68 -18.83 -20.11
C PHE A 745 1.80 -17.80 -20.02
N ALA A 746 1.74 -16.76 -20.84
CA ALA A 746 2.57 -15.59 -20.62
C ALA A 746 1.88 -14.61 -19.69
N SER A 747 0.56 -14.62 -19.69
CA SER A 747 -0.18 -13.84 -18.72
C SER A 747 -0.02 -14.39 -17.30
N ILE A 748 0.19 -15.70 -17.18
CA ILE A 748 0.50 -16.27 -15.86
C ILE A 748 1.82 -15.72 -15.35
N VAL A 749 2.83 -15.66 -16.20
CA VAL A 749 4.13 -15.14 -15.79
C VAL A 749 4.04 -13.65 -15.51
N THR A 750 3.24 -12.92 -16.30
CA THR A 750 3.06 -11.50 -16.03
C THR A 750 2.35 -11.27 -14.69
N GLY A 751 1.35 -12.11 -14.38
CA GLY A 751 0.71 -12.03 -13.08
C GLY A 751 1.65 -12.37 -11.94
N VAL A 752 2.54 -13.34 -12.16
CA VAL A 752 3.55 -13.65 -11.16
C VAL A 752 4.49 -12.47 -10.95
N GLU A 753 4.86 -11.79 -12.04
CA GLU A 753 5.69 -10.60 -11.93
C GLU A 753 4.98 -9.50 -11.14
N GLU A 754 3.69 -9.31 -11.39
CA GLU A 754 2.94 -8.33 -10.63
C GLU A 754 2.87 -8.71 -9.16
N GLY A 755 2.64 -10.00 -8.87
CA GLY A 755 2.62 -10.44 -7.49
C GLY A 755 3.95 -10.23 -6.78
N ARG A 756 5.04 -10.37 -7.53
CA ARG A 756 6.36 -10.07 -6.97
C ARG A 756 6.54 -8.57 -6.74
N LEU A 757 6.02 -7.75 -7.65
CA LEU A 757 6.16 -6.31 -7.55
C LEU A 757 5.40 -5.74 -6.36
N ILE A 758 4.26 -6.34 -6.03
CA ILE A 758 3.46 -5.86 -4.90
C ILE A 758 4.29 -5.88 -3.62
N PHE A 759 5.04 -6.96 -3.40
CA PHE A 759 5.82 -7.07 -2.17
C PHE A 759 6.89 -6.00 -2.10
N ASP A 760 7.59 -5.75 -3.21
CA ASP A 760 8.62 -4.72 -3.21
C ASP A 760 8.04 -3.35 -2.92
N ASN A 761 6.94 -3.00 -3.59
CA ASN A 761 6.35 -1.69 -3.37
C ASN A 761 5.82 -1.55 -1.95
N LEU A 762 5.22 -2.60 -1.41
CA LEU A 762 4.72 -2.55 -0.04
C LEU A 762 5.85 -2.39 0.96
N LYS A 763 6.97 -3.11 0.74
CA LYS A 763 8.11 -2.97 1.64
C LYS A 763 8.68 -1.56 1.60
N LYS A 764 8.80 -0.99 0.39
CA LYS A 764 9.30 0.37 0.28
C LYS A 764 8.40 1.37 1.00
N SER A 765 7.08 1.24 0.80
CA SER A 765 6.16 2.17 1.44
C SER A 765 6.20 2.03 2.96
N ILE A 766 6.27 0.80 3.46
CA ILE A 766 6.31 0.59 4.91
C ILE A 766 7.59 1.17 5.50
N ALA A 767 8.73 0.95 4.84
CA ALA A 767 9.98 1.49 5.35
C ALA A 767 9.95 3.02 5.38
N TYR A 768 9.46 3.64 4.30
CA TYR A 768 9.39 5.10 4.28
C TYR A 768 8.47 5.61 5.37
N THR A 769 7.33 4.96 5.57
CA THR A 769 6.41 5.40 6.63
C THR A 769 7.05 5.27 8.00
N LEU A 770 7.80 4.19 8.23
CA LEU A 770 8.40 3.96 9.53
C LEU A 770 9.60 4.85 9.82
N THR A 771 10.29 5.37 8.80
CA THR A 771 11.52 6.12 9.05
C THR A 771 11.29 7.33 9.97
N SER A 772 10.17 8.02 9.80
CA SER A 772 9.97 9.30 10.48
C SER A 772 9.40 9.17 11.89
N ASN A 773 9.58 8.02 12.53
CA ASN A 773 9.12 7.82 13.90
C ASN A 773 10.16 8.26 14.93
N ILE A 774 11.45 8.06 14.61
CA ILE A 774 12.52 8.49 15.52
C ILE A 774 12.58 10.01 15.67
N PRO A 775 12.61 10.81 14.60
CA PRO A 775 12.74 12.26 14.80
C PRO A 775 11.52 12.91 15.42
N GLU A 776 10.44 12.18 15.61
CA GLU A 776 9.24 12.72 16.25
C GLU A 776 9.08 12.27 17.69
N ILE A 777 9.97 11.41 18.19
CA ILE A 777 9.90 10.93 19.56
C ILE A 777 11.18 11.29 20.30
N THR A 778 12.28 11.43 19.56
CA THR A 778 13.54 11.84 20.18
C THR A 778 13.49 13.22 20.85
N PRO A 779 12.87 14.25 20.26
CA PRO A 779 12.84 15.55 20.94
C PRO A 779 12.23 15.51 22.33
N PHE A 780 11.15 14.75 22.51
CA PHE A 780 10.58 14.63 23.85
C PHE A 780 11.54 13.89 24.79
N LEU A 781 12.26 12.90 24.26
CA LEU A 781 13.23 12.18 25.07
C LEU A 781 14.31 13.12 25.60
N LEU A 782 14.84 13.98 24.72
CA LEU A 782 15.85 14.93 25.15
C LEU A 782 15.29 16.07 25.98
N PHE A 783 14.01 16.40 25.81
CA PHE A 783 13.37 17.46 26.58
C PHE A 783 13.35 17.16 28.07
N ILE A 784 13.42 15.89 28.45
CA ILE A 784 13.44 15.48 29.84
C ILE A 784 14.79 14.91 30.26
N MET A 785 15.50 14.24 29.35
CA MET A 785 16.79 13.67 29.69
C MET A 785 17.85 14.76 29.85
N ALA A 786 17.88 15.72 28.92
CA ALA A 786 18.92 16.75 28.92
C ALA A 786 18.44 18.09 29.44
N ASN A 787 17.14 18.26 29.68
CA ASN A 787 16.57 19.50 30.20
C ASN A 787 16.89 20.68 29.28
N ILE A 788 16.35 20.61 28.06
CA ILE A 788 16.47 21.67 27.08
C ILE A 788 15.05 22.09 26.69
N PRO A 789 14.88 23.28 26.11
CA PRO A 789 13.56 23.67 25.64
C PRO A 789 13.03 22.68 24.61
N LEU A 790 11.71 22.45 24.66
CA LEU A 790 11.09 21.44 23.80
C LEU A 790 11.25 21.83 22.33
N PRO A 791 11.85 20.99 21.50
CA PRO A 791 12.04 21.32 20.09
C PRO A 791 10.98 20.78 19.14
N LEU A 792 9.88 20.21 19.64
CA LEU A 792 8.84 19.70 18.75
C LEU A 792 7.50 19.72 19.47
N GLY A 793 6.53 20.46 18.93
CA GLY A 793 5.20 20.50 19.49
C GLY A 793 4.29 19.45 18.88
N THR A 794 3.06 19.40 19.40
CA THR A 794 2.13 18.36 18.98
C THR A 794 1.55 18.62 17.60
N ILE A 795 1.23 19.87 17.27
CA ILE A 795 0.77 20.17 15.91
C ILE A 795 1.88 19.90 14.90
N THR A 796 3.12 20.21 15.26
CA THR A 796 4.24 19.89 14.40
C THR A 796 4.41 18.38 14.24
N ILE A 797 4.21 17.62 15.32
CA ILE A 797 4.29 16.17 15.24
C ILE A 797 3.18 15.63 14.33
N LEU A 798 1.99 16.22 14.43
CA LEU A 798 0.89 15.84 13.54
C LEU A 798 1.25 16.13 12.09
N CYS A 799 1.86 17.28 11.82
CA CYS A 799 2.25 17.62 10.46
C CYS A 799 3.30 16.64 9.93
N ILE A 800 4.24 16.23 10.79
CA ILE A 800 5.25 15.26 10.37
C ILE A 800 4.61 13.90 10.10
N ASP A 801 3.71 13.46 10.97
CA ASP A 801 3.16 12.11 10.88
C ASP A 801 1.94 12.04 9.97
N LEU A 802 0.89 12.79 10.29
CA LEU A 802 -0.32 12.78 9.48
C LEU A 802 -0.16 13.57 8.18
N GLY A 803 1.03 14.12 7.93
CA GLY A 803 1.29 14.89 6.74
C GLY A 803 2.25 14.20 5.79
N THR A 804 3.52 14.58 5.89
CA THR A 804 4.56 14.11 4.96
C THR A 804 4.82 12.61 5.05
N ASP A 805 4.34 11.92 6.08
CA ASP A 805 4.59 10.50 6.22
C ASP A 805 3.45 9.63 5.69
N MET A 806 2.21 9.92 6.09
CA MET A 806 1.10 9.05 5.73
C MET A 806 0.72 9.19 4.26
N VAL A 807 0.63 10.41 3.76
CA VAL A 807 0.06 10.65 2.44
C VAL A 807 1.06 10.37 1.32
N PRO A 808 2.30 10.88 1.37
CA PRO A 808 3.24 10.58 0.27
C PRO A 808 3.60 9.11 0.16
N ALA A 809 3.36 8.30 1.20
CA ALA A 809 3.66 6.88 1.11
C ALA A 809 2.83 6.18 0.04
N ILE A 810 1.68 6.74 -0.33
CA ILE A 810 0.88 6.16 -1.41
C ILE A 810 1.64 6.24 -2.73
N SER A 811 2.42 7.30 -2.91
CA SER A 811 3.13 7.52 -4.17
C SER A 811 4.15 6.42 -4.45
N LEU A 812 4.58 5.67 -3.44
CA LEU A 812 5.51 4.57 -3.66
C LEU A 812 4.85 3.31 -4.17
N ALA A 813 3.52 3.27 -4.22
CA ALA A 813 2.81 2.11 -4.76
C ALA A 813 2.74 2.10 -6.28
N TYR A 814 3.09 3.22 -6.92
CA TYR A 814 3.07 3.32 -8.38
C TYR A 814 4.44 3.12 -9.00
N GLU A 815 5.43 2.72 -8.21
CA GLU A 815 6.79 2.56 -8.73
C GLU A 815 6.86 1.39 -9.70
N ALA A 816 7.66 1.56 -10.75
CA ALA A 816 7.84 0.50 -11.73
C ALA A 816 8.69 -0.63 -11.16
N ALA A 817 8.60 -1.78 -11.81
CA ALA A 817 9.37 -2.94 -11.38
C ALA A 817 10.85 -2.74 -11.66
N GLU A 818 11.69 -3.19 -10.75
CA GLU A 818 13.12 -3.06 -10.91
C GLU A 818 13.61 -3.97 -12.03
N SER A 819 14.88 -3.78 -12.42
CA SER A 819 15.43 -4.52 -13.55
C SER A 819 15.52 -6.00 -13.25
N ASP A 820 15.85 -6.38 -12.01
CA ASP A 820 16.06 -7.78 -11.64
C ASP A 820 14.87 -8.35 -10.89
N ILE A 821 13.65 -7.89 -11.20
CA ILE A 821 12.48 -8.36 -10.47
C ILE A 821 12.21 -9.84 -10.77
N MET A 822 12.49 -10.29 -11.98
CA MET A 822 12.27 -11.69 -12.36
C MET A 822 13.58 -12.47 -12.47
N LYS A 823 14.63 -12.01 -11.79
CA LYS A 823 15.93 -12.68 -11.83
C LYS A 823 16.39 -13.12 -10.45
N ARG A 824 15.44 -13.37 -9.54
N ARG A 824 15.44 -13.37 -9.54
CA ARG A 824 15.76 -13.82 -8.19
CA ARG A 824 15.76 -13.83 -8.20
C ARG A 824 14.74 -14.87 -7.75
C ARG A 824 14.75 -14.87 -7.75
N GLN A 825 15.15 -15.67 -6.77
CA GLN A 825 14.35 -16.80 -6.34
C GLN A 825 13.05 -16.32 -5.66
N PRO A 826 11.99 -17.12 -5.75
CA PRO A 826 10.72 -16.70 -5.16
C PRO A 826 10.81 -16.59 -3.65
N ARG A 827 10.04 -15.66 -3.09
CA ARG A 827 10.05 -15.47 -1.65
C ARG A 827 9.41 -16.65 -0.94
N ASN A 828 9.88 -16.89 0.29
CA ASN A 828 9.33 -17.99 1.09
C ASN A 828 8.19 -17.46 1.96
N PRO A 829 6.95 -17.92 1.77
CA PRO A 829 5.92 -17.42 2.51
C PRO A 829 6.02 -17.60 4.02
N ARG A 830 6.83 -18.54 4.49
CA ARG A 830 6.92 -18.84 5.92
C ARG A 830 8.08 -18.12 6.59
N THR A 831 9.31 -18.31 6.10
CA THR A 831 10.51 -17.74 6.72
C THR A 831 10.77 -16.31 6.30
N ASP A 832 10.00 -15.76 5.38
CA ASP A 832 10.17 -14.37 4.95
C ASP A 832 8.89 -13.61 5.24
N LYS A 833 9.01 -12.49 5.95
CA LYS A 833 7.87 -11.71 6.41
C LYS A 833 7.90 -10.31 5.81
N LEU A 834 6.75 -9.64 5.87
CA LEU A 834 6.67 -8.27 5.40
C LEU A 834 7.49 -7.34 6.29
N VAL A 835 7.38 -7.50 7.61
CA VAL A 835 8.11 -6.69 8.57
C VAL A 835 9.09 -7.62 9.30
N ASN A 836 10.37 -7.28 9.24
CA ASN A 836 11.42 -8.11 9.81
C ASN A 836 12.39 -7.22 10.58
N GLU A 837 13.42 -7.84 11.15
CA GLU A 837 14.40 -7.10 11.94
C GLU A 837 15.21 -6.14 11.08
N ARG A 838 15.47 -6.50 9.83
CA ARG A 838 16.27 -5.63 8.97
C ARG A 838 15.52 -4.34 8.65
N LEU A 839 14.21 -4.43 8.39
CA LEU A 839 13.45 -3.23 8.11
C LEU A 839 13.38 -2.31 9.32
N ILE A 840 13.13 -2.89 10.50
CA ILE A 840 13.09 -2.08 11.72
C ILE A 840 14.44 -1.44 11.98
N SER A 841 15.53 -2.19 11.79
CA SER A 841 16.85 -1.62 11.94
C SER A 841 17.07 -0.45 10.99
N MET A 842 16.83 -0.65 9.70
CA MET A 842 17.12 0.38 8.71
C MET A 842 16.24 1.61 8.93
N ALA A 843 15.02 1.44 9.41
CA ALA A 843 14.14 2.59 9.62
C ALA A 843 14.49 3.33 10.91
N TYR A 844 14.65 2.60 12.01
CA TYR A 844 14.75 3.20 13.33
C TYR A 844 16.18 3.49 13.79
N GLY A 845 17.21 3.06 13.05
CA GLY A 845 18.55 3.26 13.55
C GLY A 845 19.52 3.88 12.57
N GLN A 846 19.15 3.94 11.30
CA GLN A 846 20.05 4.47 10.28
C GLN A 846 19.50 5.70 9.57
N ILE A 847 18.23 5.70 9.19
CA ILE A 847 17.65 6.86 8.52
C ILE A 847 16.96 7.78 9.52
N GLY A 848 16.23 7.19 10.48
CA GLY A 848 15.58 8.01 11.49
C GLY A 848 16.56 8.82 12.31
N MET A 849 17.74 8.25 12.60
CA MET A 849 18.73 8.97 13.37
C MET A 849 19.29 10.16 12.59
N ILE A 850 19.54 9.99 11.30
CA ILE A 850 20.04 11.12 10.50
C ILE A 850 18.96 12.20 10.38
N GLN A 851 17.70 11.80 10.24
CA GLN A 851 16.63 12.79 10.20
C GLN A 851 16.53 13.56 11.51
N ALA A 852 16.64 12.85 12.64
CA ALA A 852 16.63 13.52 13.93
C ALA A 852 17.80 14.47 14.08
N LEU A 853 18.98 14.07 13.58
CA LEU A 853 20.14 14.95 13.64
C LEU A 853 19.92 16.21 12.82
N GLY A 854 19.31 16.08 11.65
CA GLY A 854 19.01 17.27 10.85
C GLY A 854 18.06 18.22 11.57
N GLY A 855 16.98 17.67 12.14
CA GLY A 855 16.05 18.50 12.89
C GLY A 855 16.70 19.20 14.07
N PHE A 856 17.53 18.46 14.82
CA PHE A 856 18.18 19.05 15.98
C PHE A 856 19.21 20.09 15.57
N PHE A 857 19.90 19.89 14.45
CA PHE A 857 20.82 20.90 13.96
C PHE A 857 20.08 22.19 13.63
N SER A 858 18.92 22.07 12.97
CA SER A 858 18.13 23.27 12.69
C SER A 858 17.71 23.97 13.99
N TYR A 859 17.25 23.18 14.96
CA TYR A 859 16.82 23.74 16.24
C TYR A 859 17.95 24.51 16.92
N PHE A 860 19.14 23.91 16.96
CA PHE A 860 20.29 24.57 17.56
C PHE A 860 20.69 25.82 16.79
N VAL A 861 20.61 25.79 15.46
CA VAL A 861 20.97 26.96 14.67
C VAL A 861 20.07 28.13 15.05
N ILE A 862 18.76 27.90 15.12
CA ILE A 862 17.85 28.99 15.44
C ILE A 862 18.07 29.47 16.87
N LEU A 863 18.25 28.54 17.82
CA LEU A 863 18.41 28.96 19.20
C LEU A 863 19.71 29.75 19.40
N ALA A 864 20.77 29.38 18.68
CA ALA A 864 22.04 30.08 18.81
C ALA A 864 22.01 31.44 18.12
N GLU A 865 21.36 31.53 16.96
CA GLU A 865 21.33 32.81 16.25
C GLU A 865 20.50 33.86 16.98
N ASN A 866 19.57 33.45 17.84
CA ASN A 866 18.77 34.39 18.60
C ASN A 866 19.37 34.72 19.95
N GLY A 867 20.46 34.07 20.35
CA GLY A 867 21.16 34.44 21.57
C GLY A 867 21.57 33.28 22.44
N PHE A 868 20.79 32.20 22.45
CA PHE A 868 21.05 31.07 23.35
C PHE A 868 22.01 30.11 22.68
N LEU A 869 23.28 30.17 23.07
CA LEU A 869 24.27 29.27 22.52
C LEU A 869 24.04 27.85 23.05
N PRO A 870 24.47 26.82 22.32
CA PRO A 870 24.23 25.45 22.77
C PRO A 870 24.92 25.11 24.07
N GLY A 871 25.93 25.87 24.49
CA GLY A 871 26.65 25.56 25.71
C GLY A 871 25.78 25.64 26.95
N ASN A 872 25.00 26.71 27.08
CA ASN A 872 24.19 26.94 28.27
C ASN A 872 22.72 26.66 28.05
N LEU A 873 22.39 25.87 27.02
CA LEU A 873 21.02 25.42 26.84
C LEU A 873 20.67 24.24 27.74
N VAL A 874 21.66 23.52 28.25
CA VAL A 874 21.42 22.35 29.07
C VAL A 874 21.02 22.79 30.47
N GLY A 875 19.93 22.22 30.97
CA GLY A 875 19.45 22.54 32.31
C GLY A 875 18.61 23.80 32.39
N ILE A 876 18.26 24.41 31.25
CA ILE A 876 17.48 25.64 31.26
C ILE A 876 15.98 25.38 31.18
N ARG A 877 15.55 24.11 31.11
CA ARG A 877 14.15 23.80 30.91
C ARG A 877 13.29 24.26 32.09
N LEU A 878 13.84 24.23 33.30
CA LEU A 878 13.04 24.60 34.47
C LEU A 878 12.66 26.07 34.44
N ASN A 879 13.63 26.95 34.20
CA ASN A 879 13.34 28.38 34.14
C ASN A 879 12.66 28.76 32.84
N TRP A 880 12.98 28.08 31.74
CA TRP A 880 12.42 28.45 30.44
C TRP A 880 10.90 28.33 30.43
N ASP A 881 10.37 27.22 30.93
CA ASP A 881 8.94 26.96 30.92
C ASP A 881 8.23 27.52 32.14
N ASP A 882 8.88 28.41 32.89
CA ASP A 882 8.29 29.01 34.07
C ASP A 882 7.67 30.34 33.71
N ARG A 883 6.35 30.46 33.89
CA ARG A 883 5.64 31.67 33.52
C ARG A 883 5.93 32.83 34.47
N THR A 884 6.46 32.54 35.65
CA THR A 884 6.77 33.60 36.62
C THR A 884 8.14 34.22 36.41
N VAL A 885 8.96 33.65 35.53
CA VAL A 885 10.29 34.18 35.22
C VAL A 885 10.16 34.99 33.94
N ASN A 886 10.32 36.31 34.05
CA ASN A 886 10.21 37.20 32.90
C ASN A 886 11.53 37.92 32.63
N ASP A 887 12.63 37.44 33.20
CA ASP A 887 13.95 38.01 32.94
C ASP A 887 15.00 36.92 32.78
N LEU A 888 14.67 35.89 32.01
CA LEU A 888 15.65 34.83 31.76
C LEU A 888 16.84 35.38 30.99
N GLU A 889 18.03 35.03 31.44
CA GLU A 889 19.28 35.57 30.89
C GLU A 889 19.85 34.60 29.86
N ASP A 890 20.11 35.11 28.66
CA ASP A 890 20.66 34.27 27.60
C ASP A 890 22.18 34.35 27.63
N SER A 891 22.82 33.82 26.58
CA SER A 891 24.28 33.73 26.56
C SER A 891 24.93 35.11 26.53
N TYR A 892 24.38 36.04 25.78
CA TYR A 892 24.99 37.35 25.63
C TYR A 892 24.65 38.33 26.75
N GLY A 893 23.82 37.92 27.72
CA GLY A 893 23.49 38.76 28.84
C GLY A 893 22.14 39.43 28.77
N GLN A 894 21.45 39.35 27.63
CA GLN A 894 20.12 39.95 27.52
C GLN A 894 19.14 39.19 28.41
N GLN A 895 17.97 39.79 28.60
CA GLN A 895 16.93 39.22 29.44
C GLN A 895 15.63 39.14 28.65
N TRP A 896 14.98 37.98 28.71
CA TRP A 896 13.82 37.69 27.88
C TRP A 896 12.58 37.52 28.75
N THR A 897 11.45 38.06 28.28
CA THR A 897 10.17 37.73 28.89
C THR A 897 9.71 36.37 28.40
N TYR A 898 8.72 35.81 29.09
CA TYR A 898 8.26 34.45 28.78
C TYR A 898 7.75 34.36 27.34
N GLU A 899 6.88 35.29 26.94
CA GLU A 899 6.34 35.26 25.60
C GLU A 899 7.36 35.65 24.54
N GLN A 900 8.53 36.15 24.94
CA GLN A 900 9.60 36.40 23.99
C GLN A 900 10.48 35.18 23.77
N ARG A 901 10.61 34.32 24.78
CA ARG A 901 11.26 33.03 24.56
C ARG A 901 10.35 32.05 23.83
N LYS A 902 9.04 32.12 24.09
CA LYS A 902 8.13 31.19 23.45
C LYS A 902 8.06 31.39 21.95
N VAL A 903 8.22 32.63 21.47
CA VAL A 903 8.23 32.87 20.03
C VAL A 903 9.42 32.19 19.38
N VAL A 904 10.59 32.29 20.01
CA VAL A 904 11.78 31.63 19.49
C VAL A 904 11.61 30.11 19.54
N GLU A 905 11.01 29.61 20.62
CA GLU A 905 10.78 28.17 20.72
C GLU A 905 9.84 27.68 19.62
N PHE A 906 8.79 28.44 19.32
CA PHE A 906 7.85 28.03 18.29
C PHE A 906 8.46 28.13 16.89
N THR A 907 9.32 29.13 16.67
CA THR A 907 10.07 29.17 15.42
C THR A 907 10.98 27.95 15.29
N CYS A 908 11.57 27.52 16.41
CA CYS A 908 12.37 26.29 16.40
C CYS A 908 11.51 25.08 16.04
N HIS A 909 10.30 25.01 16.58
CA HIS A 909 9.38 23.94 16.20
C HIS A 909 9.11 23.95 14.70
N THR A 910 8.81 25.12 14.16
CA THR A 910 8.48 25.23 12.74
C THR A 910 9.64 24.78 11.86
N ALA A 911 10.86 25.20 12.21
CA ALA A 911 11.99 24.82 11.37
C ALA A 911 12.39 23.36 11.61
N PHE A 912 12.07 22.80 12.78
CA PHE A 912 12.20 21.34 12.93
C PHE A 912 11.30 20.62 11.93
N PHE A 913 10.05 21.09 11.80
CA PHE A 913 9.15 20.51 10.80
C PHE A 913 9.73 20.65 9.39
N VAL A 914 10.22 21.86 9.07
CA VAL A 914 10.74 22.10 7.73
C VAL A 914 11.96 21.22 7.46
N SER A 915 12.82 21.04 8.45
CA SER A 915 14.01 20.20 8.27
C SER A 915 13.62 18.73 8.10
N ILE A 916 12.58 18.29 8.81
CA ILE A 916 12.10 16.92 8.59
C ILE A 916 11.60 16.76 7.17
N VAL A 917 10.90 17.76 6.64
CA VAL A 917 10.45 17.69 5.25
C VAL A 917 11.65 17.63 4.31
N VAL A 918 12.67 18.45 4.59
CA VAL A 918 13.85 18.51 3.72
C VAL A 918 14.58 17.18 3.69
N VAL A 919 14.76 16.55 4.86
CA VAL A 919 15.44 15.25 4.86
C VAL A 919 14.54 14.17 4.27
N GLN A 920 13.22 14.30 4.42
CA GLN A 920 12.34 13.28 3.86
C GLN A 920 12.25 13.38 2.34
N TRP A 921 12.62 14.51 1.76
CA TRP A 921 12.90 14.53 0.32
C TRP A 921 13.81 13.38 -0.07
N ALA A 922 15.04 13.39 0.48
CA ALA A 922 16.01 12.36 0.16
C ALA A 922 15.58 10.99 0.66
N ASP A 923 14.85 10.94 1.78
CA ASP A 923 14.36 9.65 2.27
C ASP A 923 13.38 9.02 1.29
N LEU A 924 12.50 9.82 0.70
CA LEU A 924 11.60 9.31 -0.33
C LEU A 924 12.35 8.94 -1.59
N ILE A 925 13.38 9.70 -1.95
CA ILE A 925 14.16 9.40 -3.15
C ILE A 925 14.86 8.05 -3.00
N ILE A 926 15.50 7.82 -1.85
CA ILE A 926 16.26 6.60 -1.65
C ILE A 926 15.36 5.38 -1.48
N CYS A 927 14.10 5.57 -1.13
CA CYS A 927 13.18 4.46 -0.97
C CYS A 927 12.52 4.03 -2.27
N LYS A 928 12.85 4.70 -3.39
CA LYS A 928 12.32 4.29 -4.68
C LYS A 928 12.79 2.89 -5.05
N THR A 929 14.06 2.59 -4.77
CA THR A 929 14.64 1.29 -5.06
C THR A 929 15.30 0.74 -3.81
N ARG A 930 15.26 -0.58 -3.66
CA ARG A 930 15.97 -1.24 -2.57
C ARG A 930 17.10 -2.14 -3.04
N ARG A 931 17.24 -2.35 -4.33
CA ARG A 931 18.38 -3.09 -4.87
C ARG A 931 19.14 -2.32 -5.93
N ASN A 932 18.45 -1.60 -6.81
CA ASN A 932 19.07 -0.87 -7.89
C ASN A 932 19.47 0.52 -7.40
N SER A 933 19.84 1.40 -8.32
CA SER A 933 20.18 2.78 -8.01
C SER A 933 19.22 3.71 -8.73
N VAL A 934 19.01 4.89 -8.13
CA VAL A 934 18.09 5.86 -8.72
C VAL A 934 18.61 6.33 -10.08
N PHE A 935 19.92 6.43 -10.22
CA PHE A 935 20.50 6.86 -11.49
C PHE A 935 20.24 5.87 -12.62
N GLN A 936 20.05 4.59 -12.31
CA GLN A 936 19.69 3.60 -13.31
C GLN A 936 18.23 3.19 -13.23
N GLN A 937 17.44 3.86 -12.39
CA GLN A 937 16.01 3.63 -12.28
C GLN A 937 15.18 4.75 -12.89
N GLY A 938 15.57 6.00 -12.67
CA GLY A 938 14.87 7.13 -13.25
C GLY A 938 13.68 7.57 -12.42
N MET A 939 13.30 8.83 -12.61
CA MET A 939 12.13 9.40 -11.95
C MET A 939 10.93 9.29 -12.86
N LYS A 940 10.50 8.04 -13.06
CA LYS A 940 9.43 7.76 -14.01
C LYS A 940 8.08 8.22 -13.47
N ASN A 941 7.69 7.74 -12.29
CA ASN A 941 6.37 8.03 -11.77
C ASN A 941 6.30 9.49 -11.33
N LYS A 942 5.25 10.18 -11.78
CA LYS A 942 5.05 11.58 -11.44
C LYS A 942 4.27 11.78 -10.16
N ILE A 943 3.66 10.73 -9.62
CA ILE A 943 2.94 10.84 -8.35
C ILE A 943 3.91 11.15 -7.22
N LEU A 944 5.10 10.55 -7.27
CA LEU A 944 6.11 10.81 -6.24
C LEU A 944 6.58 12.26 -6.27
N ILE A 945 6.85 12.79 -7.46
CA ILE A 945 7.31 14.18 -7.55
C ILE A 945 6.18 15.13 -7.16
N PHE A 946 4.94 14.79 -7.52
CA PHE A 946 3.81 15.58 -7.07
C PHE A 946 3.73 15.59 -5.55
N GLY A 947 3.94 14.43 -4.91
CA GLY A 947 3.94 14.38 -3.46
C GLY A 947 5.04 15.21 -2.84
N LEU A 948 6.23 15.17 -3.43
CA LEU A 948 7.33 16.01 -2.94
C LEU A 948 6.97 17.49 -3.01
N PHE A 949 6.52 17.94 -4.18
CA PHE A 949 6.18 19.35 -4.35
C PHE A 949 5.04 19.76 -3.43
N GLU A 950 4.06 18.89 -3.23
CA GLU A 950 2.91 19.26 -2.42
C GLU A 950 3.25 19.28 -0.93
N GLU A 951 4.08 18.34 -0.46
CA GLU A 951 4.47 18.40 0.95
C GLU A 951 5.33 19.63 1.22
N THR A 952 6.21 20.00 0.27
CA THR A 952 6.99 21.22 0.46
C THR A 952 6.09 22.45 0.40
N ALA A 953 5.08 22.45 -0.47
CA ALA A 953 4.15 23.57 -0.52
C ALA A 953 3.38 23.71 0.78
N LEU A 954 2.93 22.59 1.35
CA LEU A 954 2.24 22.64 2.63
C LEU A 954 3.15 23.16 3.73
N ALA A 955 4.41 22.71 3.73
CA ALA A 955 5.36 23.18 4.74
C ALA A 955 5.60 24.69 4.62
N ALA A 956 5.76 25.18 3.39
CA ALA A 956 5.99 26.60 3.18
C ALA A 956 4.74 27.45 3.34
N PHE A 957 3.56 26.82 3.31
CA PHE A 957 2.33 27.57 3.53
C PHE A 957 1.98 27.64 5.01
N LEU A 958 2.26 26.59 5.77
CA LEU A 958 1.91 26.59 7.18
C LEU A 958 2.69 27.66 7.96
N SER A 959 3.97 27.82 7.64
CA SER A 959 4.78 28.79 8.38
C SER A 959 4.48 30.22 7.98
N TYR A 960 4.39 30.49 6.68
CA TYR A 960 4.37 31.86 6.17
C TYR A 960 2.97 32.46 6.06
N CYS A 961 1.92 31.68 6.23
CA CYS A 961 0.57 32.21 6.10
C CYS A 961 0.25 33.09 7.31
N PRO A 962 -0.15 34.34 7.10
CA PRO A 962 -0.49 35.21 8.24
C PRO A 962 -1.65 34.64 9.05
N GLY A 963 -1.58 34.83 10.36
CA GLY A 963 -2.60 34.32 11.24
C GLY A 963 -2.44 32.88 11.67
N MET A 964 -1.39 32.20 11.20
CA MET A 964 -1.12 30.84 11.65
C MET A 964 -0.24 30.77 12.88
N ASP A 965 0.26 31.91 13.35
CA ASP A 965 1.02 31.96 14.58
C ASP A 965 0.14 32.13 15.81
N VAL A 966 -1.17 32.22 15.63
CA VAL A 966 -2.11 32.29 16.75
C VAL A 966 -2.96 31.04 16.88
N ALA A 967 -2.99 30.17 15.86
CA ALA A 967 -3.75 28.93 15.90
C ALA A 967 -2.84 27.71 16.04
N LEU A 968 -1.89 27.54 15.13
CA LEU A 968 -0.99 26.40 15.14
C LEU A 968 0.34 26.69 15.81
N ARG A 969 0.55 27.91 16.31
CA ARG A 969 1.79 28.31 16.96
C ARG A 969 2.99 28.08 16.04
N MET A 970 2.82 28.39 14.76
CA MET A 970 3.87 28.26 13.76
C MET A 970 4.27 29.65 13.28
N TYR A 971 5.56 29.94 13.29
CA TYR A 971 6.01 31.28 12.96
C TYR A 971 6.88 31.26 11.71
N PRO A 972 6.91 32.35 10.96
CA PRO A 972 7.77 32.40 9.76
C PRO A 972 9.24 32.24 10.14
N LEU A 973 9.96 31.56 9.27
CA LEU A 973 11.39 31.34 9.47
C LEU A 973 12.17 32.00 8.34
N LYS A 974 13.32 32.54 8.70
CA LYS A 974 14.13 33.30 7.76
C LYS A 974 14.60 32.40 6.61
N PRO A 975 14.85 32.98 5.43
CA PRO A 975 15.25 32.14 4.29
C PRO A 975 16.51 31.34 4.53
N SER A 976 17.44 31.84 5.34
CA SER A 976 18.67 31.12 5.59
C SER A 976 18.45 29.80 6.32
N TRP A 977 17.35 29.67 7.05
CA TRP A 977 17.10 28.48 7.86
C TRP A 977 16.47 27.33 7.08
N TRP A 978 16.14 27.54 5.79
CA TRP A 978 15.65 26.45 4.98
C TRP A 978 16.74 25.49 4.55
N PHE A 979 18.00 25.91 4.62
CA PHE A 979 19.14 25.12 4.18
C PHE A 979 19.89 24.49 5.35
N CYS A 980 19.24 24.34 6.49
CA CYS A 980 19.90 23.75 7.65
C CYS A 980 20.01 22.23 7.52
N ALA A 981 18.99 21.59 6.96
CA ALA A 981 18.97 20.14 6.84
C ALA A 981 19.46 19.63 5.49
N PHE A 982 19.91 20.52 4.60
CA PHE A 982 20.45 20.07 3.32
C PHE A 982 21.65 19.15 3.47
N PRO A 983 22.64 19.43 4.33
CA PRO A 983 23.74 18.46 4.47
C PRO A 983 23.28 17.08 4.90
N TYR A 984 22.29 16.99 5.77
CA TYR A 984 21.87 15.68 6.26
C TYR A 984 21.04 14.94 5.22
N SER A 985 20.23 15.66 4.43
CA SER A 985 19.55 15.02 3.30
C SER A 985 20.55 14.49 2.30
N PHE A 986 21.57 15.27 1.98
CA PHE A 986 22.61 14.80 1.05
C PHE A 986 23.35 13.61 1.65
N LEU A 987 23.58 13.61 2.96
CA LEU A 987 24.22 12.47 3.61
C LEU A 987 23.37 11.22 3.48
N ILE A 988 22.06 11.35 3.69
CA ILE A 988 21.17 10.19 3.54
C ILE A 988 21.27 9.63 2.12
N PHE A 989 21.17 10.51 1.13
CA PHE A 989 21.21 10.07 -0.26
C PHE A 989 22.53 9.36 -0.57
N VAL A 990 23.65 9.97 -0.19
CA VAL A 990 24.96 9.40 -0.50
C VAL A 990 25.15 8.07 0.21
N TYR A 991 24.74 7.99 1.48
CA TYR A 991 24.90 6.76 2.23
C TYR A 991 24.10 5.62 1.62
N ASP A 992 22.85 5.88 1.21
CA ASP A 992 22.09 4.80 0.60
C ASP A 992 22.63 4.44 -0.78
N GLU A 993 23.10 5.42 -1.55
CA GLU A 993 23.68 5.09 -2.85
C GLU A 993 24.88 4.18 -2.68
N ILE A 994 25.76 4.50 -1.73
CA ILE A 994 26.94 3.68 -1.50
C ILE A 994 26.56 2.29 -0.99
N ARG A 995 25.59 2.23 -0.07
CA ARG A 995 25.18 0.94 0.47
C ARG A 995 24.58 0.05 -0.61
N LYS A 996 23.74 0.61 -1.48
CA LYS A 996 23.16 -0.18 -2.56
C LYS A 996 24.21 -0.59 -3.59
N LEU A 997 25.20 0.28 -3.84
CA LEU A 997 26.29 -0.11 -4.74
C LEU A 997 27.07 -1.30 -4.16
N ILE A 998 27.38 -1.24 -2.87
CA ILE A 998 28.05 -2.36 -2.22
C ILE A 998 27.20 -3.63 -2.31
N LEU A 999 25.89 -3.49 -2.06
CA LEU A 999 24.99 -4.63 -2.14
C LEU A 999 24.99 -5.25 -3.53
N ARG A 1000 24.96 -4.41 -4.57
CA ARG A 1000 24.95 -4.93 -5.93
C ARG A 1000 26.27 -5.61 -6.29
N ARG A 1001 27.40 -5.07 -5.82
CA ARG A 1001 28.69 -5.58 -6.25
C ARG A 1001 28.90 -7.03 -5.82
N ASN A 1002 28.71 -7.32 -4.54
CA ASN A 1002 28.91 -8.68 -4.02
C ASN A 1002 27.63 -9.22 -3.39
N PRO A 1003 26.84 -10.01 -4.12
CA PRO A 1003 25.62 -10.55 -3.53
C PRO A 1003 25.91 -11.57 -2.44
N GLY A 1004 24.97 -11.71 -1.52
CA GLY A 1004 25.08 -12.68 -0.45
C GLY A 1004 26.04 -12.31 0.65
N GLY A 1005 26.61 -11.10 0.62
CA GLY A 1005 27.58 -10.68 1.61
C GLY A 1005 26.93 -10.29 2.92
N TRP A 1006 27.75 -9.66 3.77
CA TRP A 1006 27.26 -9.23 5.07
C TRP A 1006 26.23 -8.11 4.94
N VAL A 1007 26.44 -7.20 3.98
CA VAL A 1007 25.52 -6.08 3.80
C VAL A 1007 24.12 -6.59 3.47
N GLU A 1008 24.04 -7.53 2.52
CA GLU A 1008 22.75 -8.12 2.19
C GLU A 1008 22.19 -8.91 3.36
N LYS A 1009 23.05 -9.59 4.11
CA LYS A 1009 22.60 -10.42 5.22
C LYS A 1009 21.95 -9.59 6.31
N GLU A 1010 22.50 -8.40 6.59
CA GLU A 1010 22.07 -7.64 7.76
C GLU A 1010 21.44 -6.28 7.44
N THR A 1011 21.35 -5.89 6.18
CA THR A 1011 20.81 -4.56 5.89
C THR A 1011 19.74 -4.61 4.80
N TYR A 1012 19.78 -5.63 3.94
CA TYR A 1012 18.81 -5.75 2.87
C TYR A 1012 17.44 -6.12 3.43
N TYR A 1013 16.61 -5.10 3.66
CA TYR A 1013 15.29 -5.32 4.24
C TYR A 1013 14.31 -5.82 3.20
N ILE B 16 7.55 -16.19 23.48
CA ILE B 16 8.00 -16.39 24.85
C ILE B 16 8.49 -17.82 25.05
N TRP B 17 9.28 -18.31 24.11
CA TRP B 17 9.82 -19.67 24.21
C TRP B 17 11.18 -19.64 24.89
N ASN B 18 11.40 -20.63 25.77
CA ASN B 18 12.68 -20.73 26.46
C ASN B 18 13.78 -21.21 25.53
N SER B 19 13.44 -22.00 24.51
CA SER B 19 14.44 -22.50 23.58
C SER B 19 14.73 -21.47 22.50
N GLU B 20 15.00 -20.23 22.90
CA GLU B 20 15.39 -19.19 21.97
C GLU B 20 16.57 -18.35 22.43
N LYS B 21 16.98 -18.42 23.70
CA LYS B 21 18.04 -17.55 24.19
C LYS B 21 19.42 -18.09 23.86
N LYS B 22 19.66 -19.37 24.13
CA LYS B 22 20.97 -19.97 23.84
C LYS B 22 20.76 -21.47 23.60
N GLU B 23 20.71 -21.87 22.33
CA GLU B 23 20.55 -23.29 22.04
C GLU B 23 21.89 -24.01 22.13
N PHE B 24 22.79 -23.73 21.19
CA PHE B 24 24.18 -24.12 21.38
C PHE B 24 25.18 -23.15 20.76
N LEU B 25 24.75 -22.05 20.15
CA LEU B 25 25.67 -21.13 19.47
C LEU B 25 25.71 -19.76 20.11
N GLY B 26 24.58 -19.07 20.22
CA GLY B 26 24.60 -17.69 20.67
C GLY B 26 23.21 -17.17 20.91
N ARG B 27 23.16 -15.92 21.38
CA ARG B 27 21.92 -15.27 21.78
C ARG B 27 21.30 -14.57 20.58
N THR B 28 20.46 -15.31 19.84
CA THR B 28 19.72 -14.77 18.70
C THR B 28 20.66 -14.12 17.68
N GLY B 29 21.75 -14.79 17.39
CA GLY B 29 22.70 -14.29 16.42
C GLY B 29 24.07 -14.90 16.63
N GLY B 30 24.93 -14.67 15.64
CA GLY B 30 26.27 -15.22 15.69
C GLY B 30 27.30 -14.24 16.22
N SER B 31 27.66 -14.39 17.50
CA SER B 31 28.74 -13.66 18.15
C SER B 31 28.40 -12.18 18.39
N TRP B 32 27.30 -11.70 17.81
CA TRP B 32 26.77 -10.36 18.07
C TRP B 32 27.79 -9.25 17.81
N PHE B 33 28.90 -9.57 17.14
CA PHE B 33 30.03 -8.64 17.15
C PHE B 33 29.97 -7.66 15.99
N LYS B 34 29.76 -8.15 14.77
CA LYS B 34 29.82 -7.27 13.60
C LYS B 34 28.71 -6.22 13.64
N ILE B 35 27.51 -6.59 14.07
CA ILE B 35 26.41 -5.64 14.10
C ILE B 35 26.67 -4.52 15.12
N LEU B 36 27.13 -4.88 16.32
CA LEU B 36 27.40 -3.86 17.33
C LEU B 36 28.59 -2.99 16.94
N LEU B 37 29.63 -3.58 16.34
CA LEU B 37 30.74 -2.78 15.86
C LEU B 37 30.29 -1.81 14.78
N PHE B 38 29.47 -2.28 13.84
CA PHE B 38 28.97 -1.40 12.79
C PHE B 38 28.13 -0.27 13.37
N TYR B 39 27.27 -0.58 14.34
CA TYR B 39 26.44 0.48 14.92
C TYR B 39 27.28 1.47 15.71
N VAL B 40 28.31 1.00 16.42
CA VAL B 40 29.18 1.90 17.17
C VAL B 40 29.92 2.83 16.22
N ILE B 41 30.47 2.28 15.13
CA ILE B 41 31.19 3.10 14.16
C ILE B 41 30.23 4.09 13.49
N PHE B 42 29.03 3.64 13.15
CA PHE B 42 28.05 4.49 12.50
C PHE B 42 27.64 5.64 13.39
N TYR B 43 27.36 5.36 14.66
CA TYR B 43 26.92 6.41 15.57
C TYR B 43 28.06 7.36 15.91
N GLY B 44 29.28 6.84 16.05
CA GLY B 44 30.42 7.71 16.24
C GLY B 44 30.64 8.64 15.06
N CYS B 45 30.52 8.11 13.85
CA CYS B 45 30.64 8.96 12.67
C CYS B 45 29.54 10.01 12.63
N LEU B 46 28.31 9.62 12.93
CA LEU B 46 27.20 10.57 12.92
C LEU B 46 27.42 11.68 13.95
N ALA B 47 27.88 11.32 15.15
CA ALA B 47 28.26 12.34 16.12
C ALA B 47 29.38 13.21 15.59
N GLY B 48 30.29 12.64 14.80
CA GLY B 48 31.34 13.44 14.19
C GLY B 48 30.78 14.51 13.26
N ILE B 49 29.88 14.12 12.36
CA ILE B 49 29.29 15.13 11.46
C ILE B 49 28.48 16.14 12.26
N PHE B 50 27.77 15.69 13.28
CA PHE B 50 26.96 16.62 14.07
C PHE B 50 27.83 17.66 14.76
N ILE B 51 28.91 17.22 15.41
CA ILE B 51 29.81 18.15 16.09
C ILE B 51 30.47 19.08 15.10
N GLY B 52 30.92 18.53 13.96
CA GLY B 52 31.55 19.39 12.96
C GLY B 52 30.61 20.45 12.43
N THR B 53 29.36 20.07 12.15
CA THR B 53 28.40 21.03 11.63
C THR B 53 28.05 22.08 12.68
N ILE B 54 27.94 21.67 13.96
CA ILE B 54 27.67 22.63 15.02
C ILE B 54 28.83 23.62 15.15
N GLN B 55 30.07 23.14 15.07
CA GLN B 55 31.22 24.03 15.15
C GLN B 55 31.25 24.99 13.96
N VAL B 56 30.96 24.49 12.76
CA VAL B 56 30.95 25.35 11.58
C VAL B 56 29.86 26.40 11.71
N MET B 57 28.72 26.04 12.31
CA MET B 57 27.69 27.04 12.57
C MET B 57 28.18 28.08 13.56
N LEU B 58 28.83 27.64 14.65
CA LEU B 58 29.32 28.56 15.66
C LEU B 58 30.40 29.50 15.12
N LEU B 59 31.07 29.11 14.04
CA LEU B 59 32.06 29.99 13.43
C LEU B 59 31.41 31.22 12.82
N THR B 60 30.17 31.11 12.34
CA THR B 60 29.53 32.18 11.58
C THR B 60 28.78 33.19 12.44
N ILE B 61 28.72 33.00 13.75
CA ILE B 61 28.05 33.93 14.63
C ILE B 61 29.09 34.84 15.27
N SER B 62 28.63 35.98 15.77
CA SER B 62 29.51 36.95 16.41
C SER B 62 29.67 36.61 17.89
N GLU B 63 30.76 37.09 18.47
CA GLU B 63 31.02 36.88 19.89
C GLU B 63 30.52 38.00 20.77
N PHE B 64 30.25 39.18 20.19
CA PHE B 64 29.86 40.34 20.98
C PHE B 64 28.42 40.79 20.76
N LYS B 65 27.77 40.38 19.67
CA LYS B 65 26.38 40.72 19.45
C LYS B 65 25.65 39.54 18.83
N PRO B 66 24.40 39.32 19.21
CA PRO B 66 23.62 38.24 18.60
C PRO B 66 23.31 38.54 17.14
N THR B 67 23.12 37.47 16.37
CA THR B 67 22.84 37.63 14.94
C THR B 67 21.51 38.34 14.72
N TYR B 68 20.46 37.93 15.44
CA TYR B 68 19.15 38.55 15.34
C TYR B 68 18.72 39.03 16.72
N GLN B 69 18.27 40.28 16.79
CA GLN B 69 17.75 40.85 18.02
C GLN B 69 16.33 41.37 17.88
N ASP B 70 15.68 41.16 16.73
CA ASP B 70 14.31 41.62 16.56
C ASP B 70 13.35 40.86 17.48
N ARG B 71 13.70 39.62 17.83
CA ARG B 71 12.84 38.84 18.72
C ARG B 71 12.80 39.41 20.12
N VAL B 72 13.91 39.97 20.59
CA VAL B 72 13.88 40.74 21.83
C VAL B 72 13.32 42.11 21.46
N ALA B 73 12.00 42.23 21.56
CA ALA B 73 11.24 43.43 21.26
C ALA B 73 11.63 44.50 22.25
N PRO B 74 11.08 45.72 22.16
CA PRO B 74 11.26 46.70 23.23
C PRO B 74 11.22 46.01 24.59
N PRO B 75 12.28 46.15 25.38
CA PRO B 75 12.47 45.27 26.54
C PRO B 75 11.33 45.38 27.53
N GLY B 76 11.02 44.26 28.18
CA GLY B 76 9.95 44.24 29.14
C GLY B 76 10.30 44.92 30.44
N LEU B 77 9.27 45.19 31.23
CA LEU B 77 9.41 45.79 32.55
C LEU B 77 9.12 44.72 33.60
N THR B 78 9.95 44.69 34.63
CA THR B 78 9.83 43.67 35.67
C THR B 78 10.01 44.30 37.04
N GLN B 79 9.28 43.79 38.01
CA GLN B 79 9.43 44.17 39.41
C GLN B 79 10.22 43.08 40.14
N ILE B 80 10.94 43.49 41.18
CA ILE B 80 11.92 42.58 41.78
C ILE B 80 11.30 41.52 42.69
N PRO B 81 10.23 41.78 43.49
CA PRO B 81 9.72 40.67 44.31
C PRO B 81 9.07 39.61 43.46
N GLN B 82 9.77 38.50 43.26
CA GLN B 82 9.25 37.41 42.44
C GLN B 82 8.08 36.76 43.17
N ILE B 83 6.89 36.86 42.57
CA ILE B 83 5.66 36.41 43.19
C ILE B 83 5.03 35.35 42.30
N GLN B 84 4.54 34.29 42.94
CA GLN B 84 4.12 33.10 42.18
C GLN B 84 2.94 33.38 41.27
N LYS B 85 1.97 34.14 41.74
CA LYS B 85 0.75 34.39 40.98
C LYS B 85 0.47 35.87 40.86
N THR B 86 1.52 36.65 40.58
CA THR B 86 1.46 38.11 40.44
C THR B 86 0.71 38.79 41.59
N GLU B 87 0.64 38.12 42.74
CA GLU B 87 -0.05 38.63 43.92
C GLU B 87 0.95 38.93 45.02
N ILE B 88 0.77 40.05 45.69
CA ILE B 88 1.52 40.38 46.90
C ILE B 88 0.50 40.46 48.03
N SER B 89 0.25 39.34 48.70
CA SER B 89 -0.67 39.25 49.81
C SER B 89 0.12 38.91 51.07
N PHE B 90 0.01 39.75 52.09
CA PHE B 90 0.78 39.54 53.31
C PHE B 90 0.06 40.22 54.46
N ARG B 91 0.22 39.65 55.65
CA ARG B 91 -0.30 40.24 56.87
C ARG B 91 0.82 41.03 57.53
N PRO B 92 0.68 42.35 57.67
CA PRO B 92 1.80 43.14 58.21
C PRO B 92 1.99 42.97 59.70
N ASN B 93 1.31 41.99 60.29
CA ASN B 93 1.45 41.69 61.72
C ASN B 93 2.58 40.69 61.97
N ASP B 94 2.49 39.51 61.36
CA ASP B 94 3.51 38.48 61.55
C ASP B 94 4.67 38.72 60.60
N PRO B 95 5.90 38.84 61.11
CA PRO B 95 7.06 38.98 60.21
C PRO B 95 7.25 37.80 59.28
N LYS B 96 6.80 36.60 59.68
CA LYS B 96 6.98 35.42 58.86
C LYS B 96 6.14 35.42 57.60
N SER B 97 5.14 36.30 57.50
CA SER B 97 4.28 36.33 56.32
C SER B 97 4.98 36.96 55.11
N TYR B 98 5.79 37.99 55.33
CA TYR B 98 6.47 38.70 54.25
C TYR B 98 7.96 38.38 54.20
N GLU B 99 8.37 37.27 54.81
CA GLU B 99 9.79 36.91 54.83
C GLU B 99 10.31 36.65 53.42
N ALA B 100 9.50 36.01 52.58
CA ALA B 100 9.95 35.67 51.23
C ALA B 100 10.25 36.92 50.41
N TYR B 101 9.36 37.91 50.46
CA TYR B 101 9.55 39.12 49.67
C TYR B 101 10.81 39.87 50.09
N VAL B 102 10.97 40.05 51.41
CA VAL B 102 12.15 40.74 51.92
C VAL B 102 13.42 39.98 51.58
N LEU B 103 13.40 38.65 51.71
CA LEU B 103 14.57 37.85 51.39
C LEU B 103 14.94 37.98 49.91
N ASN B 104 13.94 37.95 49.04
CA ASN B 104 14.23 38.09 47.61
C ASN B 104 14.79 39.46 47.28
N ILE B 105 14.20 40.51 47.86
CA ILE B 105 14.71 41.87 47.60
C ILE B 105 16.15 41.99 48.09
N VAL B 106 16.44 41.42 49.26
CA VAL B 106 17.81 41.50 49.79
C VAL B 106 18.78 40.73 48.90
N ARG B 107 18.39 39.54 48.44
CA ARG B 107 19.27 38.77 47.56
C ARG B 107 19.54 39.52 46.26
N PHE B 108 18.53 40.18 45.72
CA PHE B 108 18.76 40.96 44.51
C PHE B 108 19.66 42.15 44.77
N LEU B 109 19.42 42.88 45.86
CA LEU B 109 20.13 44.13 46.12
C LEU B 109 21.50 43.92 46.76
N GLU B 110 21.87 42.69 47.08
CA GLU B 110 23.20 42.44 47.64
C GLU B 110 24.30 42.94 46.72
N LYS B 111 24.13 42.77 45.41
CA LYS B 111 25.15 43.22 44.47
C LYS B 111 25.16 44.72 44.26
N TYR B 112 24.15 45.44 44.76
CA TYR B 112 24.09 46.88 44.60
C TYR B 112 24.68 47.64 45.79
N LYS B 113 25.17 46.93 46.80
CA LYS B 113 25.76 47.60 47.96
C LYS B 113 27.05 48.29 47.56
N ASP B 114 27.33 49.42 48.25
CA ASP B 114 28.53 50.18 47.95
C ASP B 114 29.81 49.44 48.31
N SER B 115 29.73 48.45 49.21
CA SER B 115 30.91 47.69 49.59
C SER B 115 31.45 46.85 48.45
N ALA B 116 30.63 46.54 47.44
CA ALA B 116 31.07 45.73 46.32
C ALA B 116 31.45 46.55 45.10
N GLN B 117 31.16 47.85 45.09
CA GLN B 117 31.46 48.70 43.94
C GLN B 117 32.74 49.49 44.23
N ARG B 118 33.87 48.82 44.09
CA ARG B 118 35.18 49.45 44.18
C ARG B 118 35.84 49.44 42.80
N ASP B 119 36.55 50.52 42.48
CA ASP B 119 36.97 50.80 41.11
C ASP B 119 37.77 49.65 40.50
N ASP B 120 38.97 49.42 41.02
CA ASP B 120 39.87 48.37 40.52
C ASP B 120 39.94 48.35 38.99
N MET B 121 39.89 49.54 38.37
CA MET B 121 39.83 49.68 36.92
C MET B 121 38.62 48.95 36.33
N ILE B 122 37.53 48.88 37.07
CA ILE B 122 36.30 48.25 36.59
C ILE B 122 35.16 49.25 36.65
N PHE B 123 34.84 49.72 37.87
CA PHE B 123 33.76 50.66 38.05
C PHE B 123 34.25 52.09 37.81
N GLU B 124 33.30 53.02 37.77
CA GLU B 124 33.63 54.42 37.58
C GLU B 124 32.58 55.29 38.26
N ASP B 125 32.98 56.53 38.56
CA ASP B 125 32.09 57.47 39.23
C ASP B 125 31.16 58.07 38.18
N CYS B 126 29.92 57.59 38.16
CA CYS B 126 28.96 58.07 37.18
C CYS B 126 28.29 59.35 37.69
N GLY B 127 27.55 60.00 36.80
CA GLY B 127 26.90 61.24 37.17
C GLY B 127 25.80 61.02 38.20
N ASP B 128 25.59 62.05 39.03
CA ASP B 128 24.54 62.04 40.03
C ASP B 128 23.24 62.67 39.53
N VAL B 129 23.19 63.06 38.26
CA VAL B 129 22.00 63.59 37.62
C VAL B 129 21.84 62.83 36.31
N PRO B 130 20.64 62.67 35.77
CA PRO B 130 20.50 62.00 34.47
C PRO B 130 21.28 62.73 33.39
N SER B 131 21.87 61.96 32.48
CA SER B 131 22.72 62.49 31.43
C SER B 131 22.50 61.69 30.15
N GLU B 132 23.16 62.13 29.07
CA GLU B 132 23.05 61.48 27.79
C GLU B 132 23.72 60.11 27.83
N PRO B 133 23.34 59.19 26.93
CA PRO B 133 23.95 57.86 26.93
C PRO B 133 25.45 57.93 26.70
N LYS B 134 26.17 57.01 27.34
CA LYS B 134 27.63 56.95 27.26
C LYS B 134 28.01 55.89 26.24
N GLU B 135 28.47 56.33 25.08
CA GLU B 135 28.97 55.44 24.04
C GLU B 135 30.45 55.22 24.26
N ARG B 136 30.82 54.02 24.71
CA ARG B 136 32.19 53.70 25.09
C ARG B 136 33.01 53.14 23.94
N GLY B 137 32.45 53.06 22.74
CA GLY B 137 33.12 52.52 21.59
C GLY B 137 32.25 51.55 20.84
N ASP B 138 32.83 50.88 19.85
CA ASP B 138 32.07 49.94 19.04
C ASP B 138 31.99 48.58 19.73
N PHE B 139 31.09 47.74 19.24
CA PHE B 139 30.81 46.44 19.85
C PHE B 139 31.78 45.38 19.32
N ASN B 140 33.07 45.69 19.45
CA ASN B 140 34.13 44.78 19.03
C ASN B 140 35.27 44.80 20.04
N HIS B 141 36.42 44.23 19.68
CA HIS B 141 37.46 43.92 20.66
C HIS B 141 38.74 44.73 20.46
N GLU B 142 38.68 45.85 19.74
CA GLU B 142 39.86 46.70 19.61
C GLU B 142 40.25 47.28 20.96
N ARG B 143 39.26 47.61 21.79
CA ARG B 143 39.46 47.97 23.18
C ARG B 143 39.20 46.75 24.06
N GLY B 144 39.73 46.79 25.27
CA GLY B 144 39.56 45.69 26.20
C GLY B 144 38.17 45.65 26.81
N GLU B 145 38.07 45.16 28.05
CA GLU B 145 36.80 45.18 28.77
C GLU B 145 36.42 46.62 29.09
N ARG B 146 35.14 46.94 28.91
CA ARG B 146 34.65 48.29 29.17
C ARG B 146 34.39 48.50 30.66
N LYS B 147 34.32 49.76 31.04
CA LYS B 147 33.96 50.14 32.41
C LYS B 147 32.46 50.33 32.53
N VAL B 148 31.97 50.21 33.76
CA VAL B 148 30.53 50.30 34.03
C VAL B 148 30.27 51.46 34.98
N CYS B 149 29.19 52.18 34.72
CA CYS B 149 28.76 53.22 35.65
C CYS B 149 28.23 52.58 36.93
N ARG B 150 28.60 53.16 38.07
CA ARG B 150 28.21 52.60 39.36
C ARG B 150 26.87 53.17 39.80
N PHE B 151 26.09 52.33 40.49
CA PHE B 151 24.79 52.71 41.02
C PHE B 151 24.84 52.67 42.53
N LYS B 152 24.36 53.73 43.18
CA LYS B 152 24.38 53.86 44.62
C LYS B 152 23.03 53.43 45.19
N LEU B 153 23.07 52.54 46.19
CA LEU B 153 21.83 52.05 46.79
C LEU B 153 21.10 53.16 47.55
N GLU B 154 21.83 54.18 48.00
CA GLU B 154 21.22 55.28 48.73
C GLU B 154 20.33 56.15 47.83
N TRP B 155 20.40 55.98 46.51
CA TRP B 155 19.57 56.77 45.61
C TRP B 155 18.09 56.45 45.76
N LEU B 156 17.77 55.22 46.19
CA LEU B 156 16.37 54.87 46.41
C LEU B 156 15.88 55.39 47.75
N GLY B 157 16.46 54.91 48.84
CA GLY B 157 16.14 55.42 50.15
C GLY B 157 14.69 55.18 50.56
N ASN B 158 14.30 55.87 51.64
CA ASN B 158 12.96 55.79 52.18
C ASN B 158 12.64 57.10 52.88
N CYS B 159 11.34 57.43 52.91
CA CYS B 159 10.92 58.71 53.48
C CYS B 159 11.19 58.78 54.97
N SER B 160 10.89 57.71 55.69
CA SER B 160 11.10 57.69 57.14
C SER B 160 11.25 56.24 57.57
N GLY B 161 12.45 55.86 57.99
CA GLY B 161 12.69 54.50 58.43
C GLY B 161 14.17 54.24 58.60
N LEU B 162 14.49 52.95 58.72
CA LEU B 162 15.87 52.53 58.90
C LEU B 162 16.70 52.87 57.66
N ASN B 163 17.98 53.14 57.89
CA ASN B 163 18.88 53.48 56.80
C ASN B 163 19.17 52.25 55.94
N ASP B 164 19.17 52.45 54.62
CA ASP B 164 19.40 51.38 53.65
C ASP B 164 18.41 50.24 53.85
N GLU B 165 17.14 50.61 54.01
CA GLU B 165 16.08 49.65 54.28
C GLU B 165 15.37 49.27 53.00
N THR B 166 15.33 47.97 52.70
CA THR B 166 14.64 47.44 51.54
C THR B 166 13.40 46.64 51.91
N TYR B 167 12.89 46.82 53.13
CA TYR B 167 11.81 46.00 53.64
C TYR B 167 10.51 46.81 53.71
N GLY B 168 9.41 46.14 53.42
CA GLY B 168 8.11 46.71 53.71
C GLY B 168 7.60 46.18 55.03
N TYR B 169 7.73 46.98 56.08
CA TYR B 169 7.41 46.55 57.44
C TYR B 169 5.90 46.63 57.66
N LYS B 170 5.50 46.56 58.93
CA LYS B 170 4.08 46.66 59.27
C LYS B 170 3.44 47.89 58.64
N GLU B 171 4.13 49.02 58.68
CA GLU B 171 3.64 50.23 58.04
C GLU B 171 3.93 50.19 56.54
N GLY B 172 2.94 50.56 55.74
CA GLY B 172 3.14 50.70 54.31
C GLY B 172 3.20 49.36 53.58
N LYS B 173 3.81 49.42 52.40
CA LYS B 173 3.92 48.31 51.46
C LYS B 173 5.37 48.16 51.04
N PRO B 174 5.81 46.93 50.75
CA PRO B 174 7.17 46.75 50.23
C PRO B 174 7.46 47.64 49.03
N CYS B 175 8.59 48.32 49.09
CA CYS B 175 9.01 49.19 47.99
C CYS B 175 9.46 48.35 46.82
N ILE B 176 8.55 48.07 45.88
CA ILE B 176 8.89 47.23 44.74
C ILE B 176 9.90 47.95 43.86
N ILE B 177 10.92 47.21 43.41
CA ILE B 177 11.98 47.76 42.57
C ILE B 177 11.63 47.42 41.13
N ILE B 178 11.54 48.44 40.29
CA ILE B 178 11.19 48.29 38.88
C ILE B 178 12.47 48.36 38.07
N LYS B 179 12.68 47.39 37.18
CA LYS B 179 13.86 47.33 36.35
C LYS B 179 13.47 47.07 34.91
N LEU B 180 14.30 47.55 33.99
CA LEU B 180 14.09 47.37 32.56
C LEU B 180 15.00 46.25 32.06
N ASN B 181 14.45 45.35 31.25
CA ASN B 181 15.22 44.23 30.74
C ASN B 181 16.38 44.72 29.90
N ARG B 182 17.50 44.01 29.99
CA ARG B 182 18.71 44.41 29.27
C ARG B 182 18.66 43.87 27.84
N VAL B 183 18.86 44.77 26.87
CA VAL B 183 19.00 44.40 25.47
C VAL B 183 20.34 44.94 24.99
N LEU B 184 21.14 44.07 24.38
CA LEU B 184 22.51 44.44 24.03
C LEU B 184 22.50 45.52 22.95
N GLY B 185 23.19 46.62 23.23
CA GLY B 185 23.24 47.75 22.32
C GLY B 185 21.92 48.46 22.11
N PHE B 186 21.18 48.70 23.20
CA PHE B 186 19.88 49.35 23.13
C PHE B 186 19.95 50.71 23.79
N LYS B 187 19.52 51.74 23.08
CA LYS B 187 19.47 53.11 23.61
C LYS B 187 18.02 53.56 23.65
N PRO B 188 17.39 53.55 24.82
CA PRO B 188 15.98 53.95 24.90
C PRO B 188 15.78 55.41 24.49
N LYS B 189 14.66 55.67 23.84
CA LYS B 189 14.33 57.00 23.36
C LYS B 189 13.14 57.56 24.12
N PRO B 190 13.34 58.57 24.97
CA PRO B 190 12.19 59.17 25.65
C PRO B 190 11.29 59.89 24.66
N PRO B 191 10.00 60.00 24.96
CA PRO B 191 9.09 60.68 24.04
C PRO B 191 9.44 62.16 23.90
N LYS B 192 9.25 62.68 22.68
CA LYS B 192 9.57 64.07 22.38
C LYS B 192 8.34 64.96 22.48
N ASN B 193 7.73 64.97 23.66
CA ASN B 193 6.53 65.76 23.89
C ASN B 193 6.41 66.08 25.37
N GLU B 194 5.39 66.85 25.72
CA GLU B 194 5.16 67.31 27.08
C GLU B 194 3.68 67.11 27.44
N SER B 195 3.41 67.14 28.74
CA SER B 195 2.05 66.98 29.27
C SER B 195 1.43 65.66 28.83
N LEU B 196 2.22 64.59 28.94
CA LEU B 196 1.76 63.26 28.55
C LEU B 196 0.91 62.67 29.67
N GLU B 197 0.65 61.36 29.59
CA GLU B 197 -0.06 60.69 30.66
C GLU B 197 0.71 60.70 31.96
N THR B 198 2.00 60.99 31.91
CA THR B 198 2.83 61.16 33.10
C THR B 198 2.84 62.63 33.49
N TYR B 199 2.50 62.92 34.76
CA TYR B 199 2.48 64.28 35.26
C TYR B 199 3.27 64.35 36.57
N PRO B 200 4.59 64.24 36.50
CA PRO B 200 5.41 64.43 37.70
C PRO B 200 5.53 65.91 38.05
N VAL B 201 5.95 66.16 39.29
CA VAL B 201 6.14 67.54 39.74
C VAL B 201 7.19 68.24 38.88
N MET B 202 8.30 67.55 38.62
CA MET B 202 9.35 68.05 37.73
C MET B 202 9.46 67.09 36.54
N LYS B 203 8.94 67.53 35.40
CA LYS B 203 8.88 66.73 34.20
C LYS B 203 9.87 67.27 33.18
N TYR B 204 10.79 66.42 32.72
CA TYR B 204 11.76 66.81 31.71
C TYR B 204 11.94 65.63 30.75
N ASN B 205 11.76 65.91 29.46
CA ASN B 205 11.76 64.84 28.47
C ASN B 205 13.10 64.11 28.36
N PRO B 206 14.24 64.78 28.19
CA PRO B 206 15.48 64.05 27.88
C PRO B 206 16.10 63.37 29.08
N ASN B 207 16.90 62.35 28.79
CA ASN B 207 17.77 61.62 29.72
C ASN B 207 17.01 60.78 30.74
N VAL B 208 15.72 60.56 30.56
CA VAL B 208 14.96 59.69 31.46
C VAL B 208 13.92 58.93 30.64
N LEU B 209 13.57 57.73 31.11
CA LEU B 209 12.49 56.94 30.53
C LEU B 209 11.30 56.98 31.48
N PRO B 210 10.30 57.82 31.23
CA PRO B 210 9.21 57.98 32.20
C PRO B 210 8.48 56.67 32.45
N VAL B 211 8.13 56.43 33.71
CA VAL B 211 7.31 55.31 34.11
C VAL B 211 6.20 55.82 35.02
N GLN B 212 5.06 55.12 35.00
CA GLN B 212 3.93 55.47 35.85
C GLN B 212 3.32 54.19 36.39
N CYS B 213 2.76 54.30 37.60
CA CYS B 213 2.12 53.17 38.28
C CYS B 213 0.74 53.62 38.76
N THR B 214 -0.24 53.53 37.86
CA THR B 214 -1.62 53.87 38.17
C THR B 214 -2.39 52.59 38.49
N GLY B 215 -3.72 52.71 38.61
CA GLY B 215 -4.55 51.57 38.89
C GLY B 215 -5.04 50.88 37.63
N LYS B 216 -5.64 49.70 37.82
CA LYS B 216 -6.15 48.93 36.69
C LYS B 216 -7.43 49.55 36.13
N ARG B 217 -8.35 49.95 37.00
CA ARG B 217 -9.67 50.43 36.59
C ARG B 217 -10.06 51.57 37.53
N ASP B 218 -11.22 52.18 37.26
CA ASP B 218 -11.76 53.20 38.15
C ASP B 218 -12.03 52.63 39.54
N GLU B 219 -12.56 51.40 39.61
CA GLU B 219 -12.85 50.80 40.90
C GLU B 219 -11.61 50.56 41.73
N ASP B 220 -10.43 50.56 41.10
CA ASP B 220 -9.19 50.28 41.80
C ASP B 220 -8.26 51.48 41.88
N LYS B 221 -8.53 52.54 41.13
CA LYS B 221 -7.81 53.79 41.32
C LYS B 221 -8.21 54.48 42.62
N ASP B 222 -9.36 54.12 43.18
CA ASP B 222 -9.78 54.69 44.46
C ASP B 222 -8.96 54.11 45.60
N LYS B 223 -8.54 54.98 46.51
CA LYS B 223 -7.79 54.59 47.71
C LYS B 223 -6.50 53.86 47.37
N VAL B 224 -5.99 54.07 46.16
CA VAL B 224 -4.71 53.47 45.77
C VAL B 224 -3.51 54.15 46.41
N GLY B 225 -3.73 55.28 47.08
CA GLY B 225 -2.65 56.00 47.71
C GLY B 225 -1.88 56.85 46.72
N ASN B 226 -0.85 57.52 47.25
CA ASN B 226 0.02 58.37 46.45
C ASN B 226 1.36 57.65 46.32
N VAL B 227 1.57 57.03 45.16
CA VAL B 227 2.81 56.29 44.93
C VAL B 227 3.99 57.25 44.91
N GLU B 228 5.15 56.76 45.32
CA GLU B 228 6.36 57.57 45.39
C GLU B 228 7.47 56.86 44.62
N TYR B 229 8.06 57.56 43.66
CA TYR B 229 9.13 57.02 42.84
C TYR B 229 10.48 57.42 43.44
N PHE B 230 11.28 56.43 43.79
CA PHE B 230 12.60 56.64 44.38
C PHE B 230 13.65 56.16 43.39
N GLY B 231 14.09 57.07 42.52
CA GLY B 231 15.08 56.75 41.52
C GLY B 231 16.18 57.80 41.51
N LEU B 232 17.11 57.63 40.57
CA LEU B 232 18.19 58.59 40.41
C LEU B 232 17.63 59.95 40.05
N GLY B 233 18.10 60.98 40.74
CA GLY B 233 17.65 62.34 40.49
C GLY B 233 16.27 62.65 41.02
N ASN B 234 15.65 61.71 41.74
CA ASN B 234 14.33 61.91 42.34
C ASN B 234 13.27 62.25 41.29
N SER B 235 13.39 61.68 40.09
CA SER B 235 12.40 61.80 39.04
C SER B 235 12.05 60.42 38.51
N PRO B 236 10.79 60.18 38.16
CA PRO B 236 10.39 58.84 37.71
C PRO B 236 10.96 58.49 36.36
N GLY B 237 11.96 57.63 36.34
CA GLY B 237 12.53 57.16 35.09
C GLY B 237 13.81 56.40 35.31
N PHE B 238 14.28 55.79 34.24
CA PHE B 238 15.58 55.14 34.22
C PHE B 238 16.58 56.09 33.59
N PRO B 239 17.59 56.57 34.33
CA PRO B 239 18.55 57.50 33.74
C PRO B 239 19.26 56.89 32.54
N LEU B 240 19.44 57.70 31.50
CA LEU B 240 19.94 57.21 30.23
C LEU B 240 21.45 57.11 30.18
N GLN B 241 22.16 57.50 31.25
CA GLN B 241 23.61 57.41 31.25
C GLN B 241 24.10 55.97 31.40
N TYR B 242 23.22 55.04 31.75
CA TYR B 242 23.61 53.64 31.92
C TYR B 242 23.51 52.83 30.64
N TYR B 243 22.99 53.39 29.59
CA TYR B 243 22.80 52.68 28.34
C TYR B 243 23.83 53.14 27.32
N PRO B 244 24.17 52.30 26.33
CA PRO B 244 23.66 50.95 26.06
C PRO B 244 24.42 49.83 26.76
N TYR B 245 23.78 48.68 26.93
CA TYR B 245 24.47 47.49 27.38
C TYR B 245 25.45 47.02 26.31
N TYR B 246 26.62 46.55 26.75
CA TYR B 246 27.66 46.11 25.83
C TYR B 246 27.91 44.61 25.91
N GLY B 247 27.12 43.88 26.68
CA GLY B 247 27.23 42.43 26.71
C GLY B 247 27.91 41.94 27.98
N LYS B 248 27.66 40.66 28.28
CA LYS B 248 28.26 40.04 29.46
C LYS B 248 29.75 39.86 29.28
N LEU B 249 30.20 39.55 28.06
CA LEU B 249 31.63 39.34 27.82
C LEU B 249 32.41 40.64 27.96
N LEU B 250 31.84 41.76 27.52
CA LEU B 250 32.54 43.04 27.55
C LEU B 250 32.28 43.83 28.82
N GLN B 251 31.13 43.63 29.47
CA GLN B 251 30.76 44.37 30.67
C GLN B 251 30.24 43.44 31.75
N PRO B 252 31.10 42.62 32.34
CA PRO B 252 30.70 41.89 33.54
C PRO B 252 30.55 42.85 34.71
N LYS B 253 29.71 42.46 35.67
CA LYS B 253 29.38 43.30 36.82
C LYS B 253 28.78 44.63 36.37
N TYR B 254 27.79 44.55 35.48
CA TYR B 254 27.09 45.72 34.97
C TYR B 254 25.83 45.92 35.79
N LEU B 255 25.71 47.09 36.42
CA LEU B 255 24.57 47.41 37.28
C LEU B 255 23.58 48.26 36.49
N GLN B 256 22.43 47.67 36.17
CA GLN B 256 21.37 48.37 35.47
C GLN B 256 20.62 49.31 36.42
N PRO B 257 20.02 50.38 35.89
CA PRO B 257 19.29 51.30 36.77
C PRO B 257 18.08 50.64 37.39
N LEU B 258 17.73 51.10 38.58
CA LEU B 258 16.55 50.64 39.30
C LEU B 258 15.62 51.81 39.56
N LEU B 259 14.41 51.48 40.02
CA LEU B 259 13.40 52.50 40.32
C LEU B 259 12.49 51.94 41.40
N ALA B 260 12.69 52.39 42.63
CA ALA B 260 11.88 51.94 43.75
C ALA B 260 10.56 52.68 43.77
N VAL B 261 9.45 51.94 43.85
CA VAL B 261 8.11 52.50 43.96
C VAL B 261 7.53 52.06 45.29
N GLN B 262 7.05 53.03 46.07
CA GLN B 262 6.48 52.76 47.38
C GLN B 262 5.04 53.25 47.42
N PHE B 263 4.15 52.40 47.94
CA PHE B 263 2.75 52.75 48.11
C PHE B 263 2.52 53.09 49.58
N THR B 264 2.16 54.34 49.84
CA THR B 264 2.12 54.83 51.22
C THR B 264 0.91 54.28 51.97
N ASN B 265 -0.29 54.60 51.51
CA ASN B 265 -1.53 54.18 52.16
C ASN B 265 -2.38 53.39 51.18
N LEU B 266 -2.98 52.31 51.67
CA LEU B 266 -3.81 51.44 50.84
C LEU B 266 -4.95 50.90 51.69
N THR B 267 -6.00 50.43 51.02
CA THR B 267 -7.13 49.84 51.71
C THR B 267 -6.75 48.49 52.29
N MET B 268 -7.07 48.28 53.56
CA MET B 268 -6.76 47.02 54.22
C MET B 268 -7.76 45.95 53.82
N ASP B 269 -7.25 44.73 53.59
CA ASP B 269 -8.06 43.58 53.20
C ASP B 269 -8.88 43.86 51.94
N THR B 270 -8.25 44.52 50.96
CA THR B 270 -8.88 44.80 49.68
C THR B 270 -7.85 44.65 48.58
N GLU B 271 -8.08 43.72 47.66
CA GLU B 271 -7.13 43.46 46.59
C GLU B 271 -7.04 44.65 45.65
N ILE B 272 -5.80 45.05 45.34
CA ILE B 272 -5.53 46.21 44.50
C ILE B 272 -4.76 45.73 43.27
N ARG B 273 -5.31 46.01 42.09
CA ARG B 273 -4.67 45.66 40.82
C ARG B 273 -4.02 46.90 40.26
N ILE B 274 -2.69 46.89 40.15
CA ILE B 274 -1.91 48.05 39.76
C ILE B 274 -1.10 47.69 38.52
N GLU B 275 -1.17 48.56 37.50
CA GLU B 275 -0.45 48.37 36.25
C GLU B 275 0.59 49.47 36.12
N CYS B 276 1.85 49.08 35.96
CA CYS B 276 2.96 50.02 35.79
C CYS B 276 3.42 49.99 34.35
N LYS B 277 3.58 51.16 33.76
CA LYS B 277 3.97 51.30 32.37
C LYS B 277 5.34 51.95 32.27
N ALA B 278 5.86 52.07 31.05
CA ALA B 278 7.12 52.74 30.79
C ALA B 278 7.00 53.42 29.42
N TYR B 279 6.57 54.68 29.44
CA TYR B 279 6.33 55.40 28.21
C TYR B 279 7.64 55.77 27.52
N GLY B 280 7.65 55.67 26.20
CA GLY B 280 8.84 55.99 25.44
C GLY B 280 8.57 55.86 23.96
N GLU B 281 9.60 56.20 23.17
CA GLU B 281 9.51 56.11 21.72
C GLU B 281 9.97 54.75 21.20
N ASN B 282 11.10 54.27 21.71
CA ASN B 282 11.54 52.92 21.37
C ASN B 282 10.68 51.87 22.05
N ILE B 283 10.14 52.17 23.23
CA ILE B 283 9.38 51.18 24.00
C ILE B 283 8.02 50.97 23.37
N GLY B 284 7.66 49.71 23.16
CA GLY B 284 6.37 49.34 22.61
C GLY B 284 5.61 48.40 23.54
N TYR B 285 4.35 48.15 23.20
CA TYR B 285 3.47 47.34 24.01
C TYR B 285 2.80 46.29 23.15
N SER B 286 2.60 45.10 23.71
CA SER B 286 1.98 43.98 23.03
C SER B 286 0.76 43.51 23.81
N GLU B 287 -0.30 43.17 23.08
CA GLU B 287 -1.52 42.69 23.74
C GLU B 287 -1.33 41.28 24.29
N LYS B 288 -0.61 40.43 23.57
CA LYS B 288 -0.40 39.05 24.03
C LYS B 288 0.58 39.00 25.20
N ASP B 289 1.65 39.79 25.14
CA ASP B 289 2.68 39.79 26.16
C ASP B 289 2.34 40.83 27.22
N ARG B 290 2.00 40.36 28.42
CA ARG B 290 1.61 41.26 29.51
C ARG B 290 2.81 41.83 30.26
N PHE B 291 4.03 41.47 29.88
CA PHE B 291 5.23 41.90 30.59
C PHE B 291 6.21 42.60 29.65
N GLN B 292 5.72 43.17 28.56
CA GLN B 292 6.58 43.86 27.59
C GLN B 292 6.28 45.34 27.65
N GLY B 293 7.20 46.11 28.24
CA GLY B 293 7.01 47.54 28.40
C GLY B 293 6.06 47.92 29.51
N ARG B 294 5.46 46.96 30.20
CA ARG B 294 4.53 47.22 31.28
C ARG B 294 4.34 45.92 32.06
N PHE B 295 3.72 46.04 33.23
CA PHE B 295 3.40 44.86 34.02
C PHE B 295 2.28 45.19 34.99
N ASP B 296 1.65 44.15 35.53
CA ASP B 296 0.56 44.28 36.48
C ASP B 296 0.94 43.57 37.77
N VAL B 297 0.49 44.14 38.90
CA VAL B 297 0.70 43.55 40.21
C VAL B 297 -0.61 43.57 40.98
N LYS B 298 -0.71 42.67 41.96
CA LYS B 298 -1.88 42.59 42.83
C LYS B 298 -1.40 42.61 44.27
N ILE B 299 -1.96 43.52 45.07
CA ILE B 299 -1.52 43.71 46.45
C ILE B 299 -2.74 43.74 47.36
N GLU B 300 -2.53 43.30 48.60
CA GLU B 300 -3.56 43.29 49.62
C GLU B 300 -2.92 42.98 50.97
N VAL B 301 -3.32 43.72 52.01
CA VAL B 301 -2.79 43.54 53.35
C VAL B 301 -3.90 42.98 54.24
N LYS B 302 -3.55 42.01 55.07
CA LYS B 302 -4.49 41.34 55.94
C LYS B 302 -4.38 41.90 57.36
N SER B 303 -5.53 42.13 57.99
CA SER B 303 -5.57 42.70 59.34
C SER B 303 -5.02 41.72 60.37
N MET C 30 18.69 49.54 9.47
CA MET C 30 19.86 50.09 10.15
C MET C 30 19.90 49.66 11.61
N ASP C 31 18.72 49.62 12.24
CA ASP C 31 18.61 49.17 13.62
C ASP C 31 18.37 47.67 13.66
N PRO C 32 19.18 46.91 14.41
CA PRO C 32 18.99 45.46 14.50
C PRO C 32 17.93 45.04 15.52
N PHE C 33 16.79 45.73 15.50
CA PHE C 33 15.68 45.42 16.38
C PHE C 33 14.36 45.31 15.65
N HIS C 34 14.35 45.51 14.33
CA HIS C 34 13.13 45.42 13.53
C HIS C 34 13.44 44.59 12.30
N TYR C 35 12.75 43.46 12.15
CA TYR C 35 12.85 42.62 10.97
C TYR C 35 11.65 42.88 10.08
N ASP C 36 11.86 42.85 8.77
CA ASP C 36 10.83 43.23 7.82
C ASP C 36 9.94 42.01 7.56
N TYR C 37 9.04 41.75 8.50
CA TYR C 37 8.00 40.77 8.27
C TYR C 37 6.92 41.37 7.38
N GLN C 38 6.00 40.51 6.93
CA GLN C 38 4.96 40.84 5.96
C GLN C 38 5.56 41.11 4.58
N THR C 39 6.90 41.05 4.50
CA THR C 39 7.61 40.91 3.24
C THR C 39 8.19 39.52 3.08
N LEU C 40 8.67 38.94 4.18
CA LEU C 40 8.99 37.52 4.19
C LEU C 40 7.74 36.66 4.01
N ARG C 41 6.63 37.09 4.62
CA ARG C 41 5.37 36.37 4.46
C ARG C 41 4.92 36.36 3.01
N ILE C 42 5.03 37.51 2.33
CA ILE C 42 4.63 37.60 0.94
C ILE C 42 5.48 36.67 0.08
N GLY C 43 6.80 36.70 0.30
CA GLY C 43 7.68 35.82 -0.46
C GLY C 43 7.40 34.36 -0.21
N GLY C 44 7.15 33.99 1.04
CA GLY C 44 6.84 32.60 1.36
C GLY C 44 5.54 32.15 0.73
N LEU C 45 4.51 33.00 0.76
CA LEU C 45 3.24 32.63 0.13
C LEU C 45 3.39 32.53 -1.39
N VAL C 46 4.16 33.41 -2.00
CA VAL C 46 4.41 33.31 -3.44
C VAL C 46 5.13 32.01 -3.76
N PHE C 47 6.13 31.65 -2.95
CA PHE C 47 6.86 30.41 -3.16
C PHE C 47 5.95 29.19 -3.01
N ALA C 48 5.09 29.19 -2.00
CA ALA C 48 4.16 28.09 -1.80
C ALA C 48 3.19 27.97 -2.96
N VAL C 49 2.68 29.11 -3.46
CA VAL C 49 1.77 29.09 -4.59
C VAL C 49 2.47 28.55 -5.84
N VAL C 50 3.73 28.94 -6.04
CA VAL C 50 4.49 28.46 -7.19
C VAL C 50 4.67 26.94 -7.10
N LEU C 51 5.02 26.44 -5.92
CA LEU C 51 5.21 25.00 -5.76
C LEU C 51 3.90 24.24 -5.99
N PHE C 52 2.80 24.75 -5.43
CA PHE C 52 1.51 24.10 -5.60
C PHE C 52 1.10 24.06 -7.07
N SER C 53 1.26 25.19 -7.78
CA SER C 53 0.92 25.22 -9.18
C SER C 53 1.79 24.29 -10.01
N VAL C 54 3.09 24.23 -9.69
CA VAL C 54 3.99 23.35 -10.43
C VAL C 54 3.60 21.89 -10.21
N GLY C 55 3.26 21.52 -8.98
CA GLY C 55 2.81 20.16 -8.74
C GLY C 55 1.53 19.82 -9.48
N ILE C 56 0.56 20.74 -9.47
CA ILE C 56 -0.70 20.50 -10.17
C ILE C 56 -0.46 20.35 -11.67
N LEU C 57 0.39 21.21 -12.24
CA LEU C 57 0.71 21.08 -13.66
C LEU C 57 1.44 19.79 -13.95
N LEU C 58 2.29 19.33 -13.03
CA LEU C 58 3.05 18.12 -13.25
C LEU C 58 2.13 16.89 -13.27
N ILE C 59 1.12 16.88 -12.39
CA ILE C 59 0.17 15.77 -12.42
C ILE C 59 -0.65 15.80 -13.70
N LEU C 60 -0.86 16.98 -14.29
CA LEU C 60 -1.65 17.09 -15.50
C LEU C 60 -0.85 16.81 -16.76
N SER C 61 0.47 16.67 -16.65
CA SER C 61 1.31 16.41 -17.81
C SER C 61 1.28 14.92 -18.19
PG ACP D . -4.63 -30.92 -23.10
O1G ACP D . -5.13 -31.84 -21.97
O2G ACP D . -3.39 -30.28 -22.69
O3G ACP D . -5.68 -29.85 -23.40
PB ACP D . -5.87 -32.66 -25.23
O1B ACP D . -5.82 -32.83 -26.75
O2B ACP D . -7.03 -31.76 -24.88
C3B ACP D . -4.30 -31.94 -24.64
PA ACP D . -7.53 -34.74 -24.03
O1A ACP D . -8.63 -34.01 -24.71
O2A ACP D . -7.68 -34.63 -22.57
O3A ACP D . -6.07 -34.12 -24.52
O5' ACP D . -7.58 -36.37 -24.49
C5' ACP D . -8.11 -36.64 -25.73
C4' ACP D . -7.10 -37.58 -26.57
O4' ACP D . -7.70 -38.05 -27.62
C3' ACP D . -5.92 -36.77 -27.13
O3' ACP D . -4.86 -37.59 -27.35
C2' ACP D . -6.45 -36.21 -28.47
O2' ACP D . -5.39 -36.36 -29.52
C1' ACP D . -7.49 -36.94 -28.79
N9 ACP D . -8.65 -36.13 -28.93
C8 ACP D . -8.77 -34.85 -28.58
N7 ACP D . -10.01 -34.44 -28.88
C5 ACP D . -10.67 -35.48 -29.42
C6 ACP D . -11.95 -35.61 -29.91
N6 ACP D . -13.00 -34.67 -29.97
N1 ACP D . -12.37 -36.78 -30.41
C2 ACP D . -11.52 -37.84 -30.45
N3 ACP D . -10.26 -37.72 -29.98
C4 ACP D . -9.83 -36.52 -29.46
#